data_6S3Q
#
_entry.id   6S3Q
#
_cell.length_a   1.00
_cell.length_b   1.00
_cell.length_c   1.00
_cell.angle_alpha   90.00
_cell.angle_beta   90.00
_cell.angle_gamma   90.00
#
_symmetry.space_group_name_H-M   'P 1'
#
loop_
_entity.id
_entity.type
_entity.pdbx_description
1 polymer 'Excitatory amino acid transporter 3'
2 non-polymer '(2~{S},3~{S})-2-azanyl-3-[[3-[[4-(trifluoromethyl)phenyl]carbonylamino]phenyl]methoxy]butanedioic acid'
3 non-polymer 'CHOLESTEROL HEMISUCCINATE'
4 non-polymer 1,2-DIACYL-SN-GLYCERO-3-PHOSPHOCHOLINE
#
_entity_poly.entity_id   1
_entity_poly.type   'polypeptide(L)'
_entity_poly.pdbx_seq_one_letter_code
;MGKPARKGCEWKRFLKNNWVLLSTVAAVVLGITTGVLVREHRNLSTLEKFYFAFPGEILMRMLKLIILPLIISSMITGVA
ALDSNVSGKIGVRAVVYYFCTTLIAVILGIVLVVSIKPGVTQKVGEIARTGSTPEVSTVDAMLDLIRNMFPENLVQACFQ
QYKTKREEVKPPSDPEMNMTEESFTAVMTTAISKNKTKEYKIVGMYSDGINVLGLIVFCLVFGLVIGKMGEKGQILVDFF
NALSDATMKIVQIIMCYMPLGILFLIAGKIIEVEDWEIFRKLGLYMATVLTGLAIHSIVILPLIYFIVVRKNPFRFAMGM
AQALLTALMISSSSATLPVTFRCAEENNQVDKRITRFVLPVGATINMDGTALYEAVAAVFIAQLNDLDLGIGQIITISIT
ATSASIGAAGVPQAGLVTMVIVLSAVGLPAEDVTLIIAVDWLLDRFRTMVNVLGDAFGTGIVEKLSKKELEQMDVSSEVN
AENLYFQ
;
_entity_poly.pdbx_strand_id   A,B,C
#
loop_
_chem_comp.id
_chem_comp.type
_chem_comp.name
_chem_comp.formula
7O9 non-polymer '(2~{S},3~{S})-2-azanyl-3-[[3-[[4-(trifluoromethyl)phenyl]carbonylamino]phenyl]methoxy]butanedioic acid' 'C19 H17 F3 N2 O6'
PC1 non-polymer 1,2-DIACYL-SN-GLYCERO-3-PHOSPHOCHOLINE 'C44 H88 N O8 P'
Y01 non-polymer 'CHOLESTEROL HEMISUCCINATE' 'C31 H50 O4'
#
# COMPACT_ATOMS: atom_id res chain seq x y z
N GLU A 10 17.46 37.44 -28.79
CA GLU A 10 16.51 36.37 -28.54
C GLU A 10 17.15 35.00 -28.75
N TRP A 11 17.98 34.60 -27.80
CA TRP A 11 18.66 33.31 -27.87
C TRP A 11 18.32 32.41 -26.70
N LYS A 12 18.44 32.90 -25.46
CA LYS A 12 18.10 32.09 -24.30
C LYS A 12 16.60 31.86 -24.18
N ARG A 13 15.79 32.75 -24.77
CA ARG A 13 14.35 32.55 -24.78
C ARG A 13 13.96 31.37 -25.66
N PHE A 14 14.67 31.20 -26.79
CA PHE A 14 14.36 30.09 -27.69
C PHE A 14 14.70 28.75 -27.06
N LEU A 15 15.89 28.63 -26.48
CA LEU A 15 16.25 27.41 -25.79
C LEU A 15 15.51 27.24 -24.47
N LYS A 16 14.85 28.29 -23.97
CA LYS A 16 13.92 28.11 -22.87
C LYS A 16 12.61 27.49 -23.35
N ASN A 17 12.05 28.00 -24.45
CA ASN A 17 10.81 27.45 -24.97
C ASN A 17 10.99 26.12 -25.68
N ASN A 18 12.12 25.89 -26.34
CA ASN A 18 12.36 24.66 -27.08
C ASN A 18 13.50 23.87 -26.45
N TRP A 19 13.19 23.07 -25.44
CA TRP A 19 14.24 22.25 -24.83
C TRP A 19 13.94 20.76 -24.87
N VAL A 20 12.71 20.35 -25.13
CA VAL A 20 12.42 18.91 -25.18
C VAL A 20 12.93 18.32 -26.48
N LEU A 21 12.53 18.94 -27.60
CA LEU A 21 12.95 18.46 -28.91
C LEU A 21 14.44 18.61 -29.11
N LEU A 22 15.02 19.70 -28.60
CA LEU A 22 16.44 19.95 -28.80
C LEU A 22 17.30 19.02 -27.96
N SER A 23 16.90 18.72 -26.73
CA SER A 23 17.67 17.79 -25.92
C SER A 23 17.54 16.37 -26.45
N THR A 24 16.36 16.01 -26.98
CA THR A 24 16.20 14.68 -27.56
C THR A 24 17.06 14.50 -28.81
N VAL A 25 17.04 15.48 -29.71
CA VAL A 25 17.84 15.41 -30.93
C VAL A 25 19.33 15.47 -30.61
N ALA A 26 19.72 16.31 -29.65
CA ALA A 26 21.14 16.42 -29.28
C ALA A 26 21.64 15.15 -28.61
N ALA A 27 20.78 14.51 -27.80
CA ALA A 27 21.16 13.25 -27.18
C ALA A 27 21.32 12.15 -28.20
N VAL A 28 20.46 12.13 -29.22
CA VAL A 28 20.56 11.12 -30.29
C VAL A 28 21.86 11.29 -31.07
N VAL A 29 22.17 12.52 -31.50
CA VAL A 29 23.38 12.70 -32.29
C VAL A 29 24.66 12.56 -31.47
N LEU A 30 24.68 13.00 -30.21
CA LEU A 30 25.87 12.80 -29.38
C LEU A 30 26.05 11.34 -29.03
N GLY A 31 24.97 10.58 -28.86
CA GLY A 31 25.10 9.17 -28.58
C GLY A 31 25.62 8.39 -29.77
N ILE A 32 25.15 8.73 -30.97
CA ILE A 32 25.65 8.04 -32.16
C ILE A 32 27.11 8.40 -32.43
N THR A 33 27.50 9.67 -32.24
CA THR A 33 28.91 9.99 -32.48
C THR A 33 29.83 9.44 -31.40
N THR A 34 29.36 9.29 -30.15
CA THR A 34 30.25 8.69 -29.17
C THR A 34 30.30 7.18 -29.28
N GLY A 35 29.24 6.55 -29.79
CA GLY A 35 29.33 5.13 -30.07
C GLY A 35 30.26 4.83 -31.22
N VAL A 36 30.25 5.68 -32.25
CA VAL A 36 31.16 5.50 -33.37
C VAL A 36 32.60 5.78 -32.95
N LEU A 37 32.82 6.83 -32.14
CA LEU A 37 34.18 7.11 -31.70
C LEU A 37 34.72 6.11 -30.68
N VAL A 38 33.84 5.42 -29.94
CA VAL A 38 34.34 4.41 -29.00
C VAL A 38 34.61 3.10 -29.73
N ARG A 39 33.75 2.73 -30.68
CA ARG A 39 33.88 1.44 -31.34
C ARG A 39 35.10 1.38 -32.25
N GLU A 40 35.36 2.43 -33.00
CA GLU A 40 36.53 2.44 -33.88
C GLU A 40 37.77 3.04 -33.23
N HIS A 41 38.01 2.73 -31.95
CA HIS A 41 39.20 3.18 -31.24
C HIS A 41 39.54 2.32 -30.03
N ARG A 42 38.62 1.50 -29.56
CA ARG A 42 38.82 0.62 -28.41
C ARG A 42 37.74 -0.45 -28.43
N ASN A 43 38.16 -1.71 -28.27
CA ASN A 43 37.22 -2.82 -28.21
C ASN A 43 36.91 -3.15 -26.75
N LEU A 44 35.62 -3.20 -26.43
CA LEU A 44 35.14 -3.42 -25.07
C LEU A 44 34.71 -4.86 -24.87
N SER A 45 34.88 -5.36 -23.65
CA SER A 45 34.50 -6.73 -23.34
C SER A 45 33.02 -6.80 -23.01
N THR A 46 32.61 -7.92 -22.42
CA THR A 46 31.20 -8.07 -22.07
C THR A 46 30.89 -7.38 -20.75
N LEU A 47 31.87 -7.30 -19.86
CA LEU A 47 31.65 -6.70 -18.56
C LEU A 47 31.58 -5.18 -18.64
N GLU A 48 32.51 -4.57 -19.37
CA GLU A 48 32.54 -3.12 -19.48
C GLU A 48 31.60 -2.58 -20.55
N LYS A 49 30.86 -3.44 -21.23
CA LYS A 49 29.70 -3.02 -21.98
C LYS A 49 28.45 -2.95 -21.10
N PHE A 50 28.53 -3.43 -19.88
CA PHE A 50 27.46 -3.32 -18.91
C PHE A 50 27.63 -2.13 -17.99
N TYR A 51 28.86 -1.66 -17.79
CA TYR A 51 29.08 -0.42 -17.04
C TYR A 51 28.94 0.81 -17.91
N PHE A 52 29.02 0.66 -19.23
CA PHE A 52 28.83 1.81 -20.11
C PHE A 52 27.37 2.19 -20.25
N ALA A 53 26.48 1.20 -20.26
CA ALA A 53 25.05 1.45 -20.32
C ALA A 53 24.43 1.39 -18.93
N PHE A 54 25.02 2.11 -17.99
CA PHE A 54 24.52 2.17 -16.62
C PHE A 54 23.60 3.38 -16.36
N PRO A 55 23.87 4.61 -16.85
CA PRO A 55 22.85 5.65 -16.72
C PRO A 55 21.55 5.34 -17.42
N GLY A 56 21.61 4.57 -18.50
CA GLY A 56 20.39 4.05 -19.09
C GLY A 56 19.67 3.06 -18.22
N GLU A 57 20.42 2.28 -17.43
CA GLU A 57 19.77 1.37 -16.50
C GLU A 57 19.09 2.14 -15.38
N ILE A 58 19.70 3.22 -14.91
CA ILE A 58 19.07 4.03 -13.87
C ILE A 58 17.83 4.74 -14.40
N LEU A 59 17.86 5.15 -15.67
CA LEU A 59 16.66 5.77 -16.26
C LEU A 59 15.54 4.75 -16.45
N MET A 60 15.88 3.53 -16.88
CA MET A 60 14.84 2.53 -17.05
C MET A 60 14.38 1.93 -15.73
N ARG A 61 15.08 2.20 -14.64
CA ARG A 61 14.54 1.90 -13.31
C ARG A 61 13.62 3.00 -12.83
N MET A 62 13.98 4.26 -13.06
CA MET A 62 13.14 5.37 -12.65
C MET A 62 11.85 5.43 -13.44
N LEU A 63 11.85 4.94 -14.68
CA LEU A 63 10.62 4.94 -15.47
C LEU A 63 9.67 3.86 -14.97
N LYS A 64 10.18 2.79 -14.40
CA LYS A 64 9.34 1.72 -13.87
C LYS A 64 8.93 1.97 -12.43
N LEU A 65 9.67 2.83 -11.72
CA LEU A 65 9.31 3.15 -10.34
C LEU A 65 8.02 3.94 -10.26
N ILE A 66 7.72 4.73 -11.28
CA ILE A 66 6.64 5.71 -11.22
C ILE A 66 5.33 5.21 -11.81
N ILE A 67 5.31 4.07 -12.51
CA ILE A 67 4.08 3.69 -13.20
C ILE A 67 3.01 3.14 -12.28
N LEU A 68 3.34 2.77 -11.05
CA LEU A 68 2.30 2.24 -10.17
C LEU A 68 1.42 3.34 -9.55
N PRO A 69 1.96 4.39 -8.90
CA PRO A 69 1.05 5.47 -8.48
C PRO A 69 0.47 6.26 -9.63
N LEU A 70 1.14 6.24 -10.79
CA LEU A 70 0.58 6.86 -11.98
C LEU A 70 -0.66 6.14 -12.46
N ILE A 71 -0.58 4.83 -12.72
CA ILE A 71 -1.78 4.17 -13.22
C ILE A 71 -2.82 3.89 -12.15
N ILE A 72 -2.53 4.15 -10.88
CA ILE A 72 -3.61 4.12 -9.91
C ILE A 72 -4.32 5.48 -9.87
N SER A 73 -3.59 6.54 -9.54
CA SER A 73 -4.22 7.83 -9.30
C SER A 73 -4.74 8.47 -10.58
N SER A 74 -4.01 8.34 -11.70
CA SER A 74 -4.44 8.98 -12.92
C SER A 74 -5.66 8.30 -13.53
N MET A 75 -5.76 6.98 -13.42
CA MET A 75 -6.95 6.30 -13.92
C MET A 75 -8.16 6.62 -13.07
N ILE A 76 -7.97 6.72 -11.73
CA ILE A 76 -9.10 7.03 -10.86
C ILE A 76 -9.64 8.43 -11.13
N THR A 77 -8.76 9.44 -11.21
CA THR A 77 -9.26 10.79 -11.48
C THR A 77 -9.76 10.96 -12.91
N GLY A 78 -9.19 10.20 -13.85
CA GLY A 78 -9.68 10.30 -15.22
C GLY A 78 -11.10 9.82 -15.36
N VAL A 79 -11.40 8.65 -14.80
CA VAL A 79 -12.76 8.15 -14.97
C VAL A 79 -13.75 8.89 -14.05
N ALA A 80 -13.30 9.44 -12.92
CA ALA A 80 -14.20 10.23 -12.09
C ALA A 80 -14.55 11.56 -12.74
N ALA A 81 -13.57 12.24 -13.32
CA ALA A 81 -13.86 13.50 -14.02
C ALA A 81 -14.63 13.28 -15.32
N LEU A 82 -14.42 12.14 -15.99
CA LEU A 82 -15.23 11.84 -17.17
C LEU A 82 -16.67 11.54 -16.79
N ASP A 83 -16.88 10.89 -15.64
CA ASP A 83 -18.23 10.67 -15.16
C ASP A 83 -18.89 11.99 -14.76
N SER A 84 -18.12 12.90 -14.16
CA SER A 84 -18.68 14.19 -13.78
C SER A 84 -19.05 15.04 -14.99
N ASN A 85 -18.25 14.99 -16.05
CA ASN A 85 -18.54 15.83 -17.21
C ASN A 85 -19.74 15.32 -18.00
N VAL A 86 -19.92 14.00 -18.09
CA VAL A 86 -20.98 13.43 -18.91
C VAL A 86 -22.32 13.65 -18.22
N SER A 87 -23.24 14.29 -18.93
CA SER A 87 -24.56 14.63 -18.40
C SER A 87 -25.67 13.87 -19.09
N GLY A 88 -26.25 14.42 -20.15
CA GLY A 88 -27.41 13.82 -20.78
C GLY A 88 -27.10 12.72 -21.75
N LYS A 89 -27.99 12.48 -22.70
CA LYS A 89 -27.75 11.52 -23.76
C LYS A 89 -26.98 12.12 -24.92
N ILE A 90 -26.58 13.39 -24.80
CA ILE A 90 -25.65 13.98 -25.74
C ILE A 90 -24.21 13.81 -25.27
N GLY A 91 -24.01 13.34 -24.05
CA GLY A 91 -22.70 13.10 -23.50
C GLY A 91 -22.38 11.62 -23.44
N VAL A 92 -23.35 10.78 -23.80
CA VAL A 92 -23.10 9.35 -23.89
C VAL A 92 -22.57 9.01 -25.28
N ARG A 93 -23.16 9.62 -26.32
CA ARG A 93 -22.81 9.32 -27.70
C ARG A 93 -21.38 9.73 -28.01
N ALA A 94 -20.90 10.81 -27.41
CA ALA A 94 -19.52 11.22 -27.64
C ALA A 94 -18.55 10.23 -27.03
N VAL A 95 -18.86 9.68 -25.86
CA VAL A 95 -17.97 8.73 -25.22
C VAL A 95 -17.94 7.42 -25.99
N VAL A 96 -19.11 6.96 -26.45
CA VAL A 96 -19.17 5.75 -27.26
C VAL A 96 -18.42 5.94 -28.58
N TYR A 97 -18.52 7.12 -29.18
CA TYR A 97 -17.80 7.40 -30.42
C TYR A 97 -16.29 7.39 -30.21
N TYR A 98 -15.83 8.02 -29.12
CA TYR A 98 -14.41 8.07 -28.81
C TYR A 98 -13.84 6.68 -28.63
N PHE A 99 -14.54 5.82 -27.88
CA PHE A 99 -13.95 4.53 -27.59
C PHE A 99 -14.07 3.56 -28.76
N CYS A 100 -15.12 3.67 -29.58
CA CYS A 100 -15.16 2.84 -30.79
C CYS A 100 -14.06 3.23 -31.77
N THR A 101 -13.79 4.53 -31.97
CA THR A 101 -12.73 4.86 -32.91
C THR A 101 -11.34 4.57 -32.37
N THR A 102 -11.13 4.68 -31.05
CA THR A 102 -9.83 4.28 -30.49
C THR A 102 -9.61 2.78 -30.63
N LEU A 103 -10.66 1.98 -30.43
CA LEU A 103 -10.52 0.54 -30.63
C LEU A 103 -10.26 0.19 -32.09
N ILE A 104 -10.91 0.90 -33.02
CA ILE A 104 -10.69 0.64 -34.44
C ILE A 104 -9.27 1.00 -34.85
N ALA A 105 -8.73 2.08 -34.27
CA ALA A 105 -7.35 2.48 -34.58
C ALA A 105 -6.35 1.46 -34.04
N VAL A 106 -6.58 0.95 -32.83
CA VAL A 106 -5.68 -0.06 -32.27
C VAL A 106 -5.71 -1.35 -33.08
N ILE A 107 -6.90 -1.78 -33.51
CA ILE A 107 -7.04 -3.00 -34.31
C ILE A 107 -6.37 -2.84 -35.67
N LEU A 108 -6.51 -1.68 -36.30
CA LEU A 108 -5.85 -1.42 -37.57
C LEU A 108 -4.33 -1.43 -37.41
N GLY A 109 -3.83 -0.88 -36.30
CA GLY A 109 -2.40 -0.90 -36.06
C GLY A 109 -1.84 -2.30 -35.84
N ILE A 110 -2.58 -3.14 -35.12
CA ILE A 110 -2.16 -4.52 -34.88
C ILE A 110 -2.14 -5.33 -36.17
N VAL A 111 -3.17 -5.17 -37.00
CA VAL A 111 -3.23 -5.87 -38.29
C VAL A 111 -2.09 -5.44 -39.20
N LEU A 112 -1.80 -4.13 -39.23
CA LEU A 112 -0.72 -3.65 -40.09
C LEU A 112 0.66 -4.09 -39.59
N VAL A 113 0.86 -4.15 -38.28
CA VAL A 113 2.20 -4.48 -37.81
C VAL A 113 2.46 -5.98 -37.87
N VAL A 114 1.43 -6.84 -37.76
CA VAL A 114 1.69 -8.25 -37.95
C VAL A 114 1.58 -8.67 -39.42
N SER A 115 1.11 -7.78 -40.29
CA SER A 115 1.16 -8.11 -41.71
C SER A 115 2.45 -7.62 -42.38
N ILE A 116 2.90 -6.41 -42.08
CA ILE A 116 4.13 -5.92 -42.69
C ILE A 116 5.35 -6.60 -42.09
N LYS A 117 5.33 -6.83 -40.78
CA LYS A 117 6.39 -7.38 -39.95
C LYS A 117 7.69 -6.58 -40.07
N PRO A 118 7.82 -5.46 -39.36
CA PRO A 118 9.15 -4.88 -39.18
C PRO A 118 9.80 -5.43 -37.92
N GLY A 119 11.07 -5.81 -38.04
CA GLY A 119 11.83 -6.30 -36.93
C GLY A 119 12.29 -7.74 -37.07
N VAL A 120 11.58 -8.54 -37.83
CA VAL A 120 12.06 -9.89 -38.11
C VAL A 120 13.01 -9.83 -39.29
N THR A 121 14.11 -10.58 -39.18
CA THR A 121 15.19 -10.51 -40.13
C THR A 121 14.93 -11.45 -41.29
N GLN A 122 15.33 -11.02 -42.48
CA GLN A 122 15.16 -11.81 -43.68
C GLN A 122 16.30 -12.80 -43.85
N VAL A 136 0.11 -26.68 -24.17
CA VAL A 136 -0.28 -25.28 -24.24
C VAL A 136 -1.44 -25.13 -25.23
N SER A 137 -2.44 -24.35 -24.86
CA SER A 137 -3.56 -24.07 -25.76
C SER A 137 -3.72 -22.56 -25.86
N THR A 138 -4.55 -22.15 -26.81
CA THR A 138 -4.98 -20.77 -26.90
C THR A 138 -6.29 -20.53 -26.20
N VAL A 139 -6.78 -21.51 -25.44
CA VAL A 139 -7.90 -21.28 -24.54
C VAL A 139 -7.40 -20.87 -23.18
N ASP A 140 -6.26 -21.41 -22.76
CA ASP A 140 -5.73 -21.07 -21.45
C ASP A 140 -5.19 -19.64 -21.43
N ALA A 141 -4.70 -19.14 -22.56
CA ALA A 141 -4.30 -17.73 -22.62
C ALA A 141 -5.52 -16.81 -22.53
N MET A 142 -6.58 -17.15 -23.25
CA MET A 142 -7.79 -16.34 -23.21
C MET A 142 -8.55 -16.47 -21.90
N LEU A 143 -8.27 -17.49 -21.10
CA LEU A 143 -8.83 -17.57 -19.77
C LEU A 143 -7.95 -16.94 -18.70
N ASP A 144 -6.62 -16.94 -18.88
CA ASP A 144 -5.77 -16.16 -17.99
C ASP A 144 -5.97 -14.67 -18.20
N LEU A 145 -6.43 -14.28 -19.38
CA LEU A 145 -6.77 -12.89 -19.62
C LEU A 145 -7.93 -12.43 -18.75
N ILE A 146 -8.86 -13.33 -18.41
CA ILE A 146 -9.96 -12.96 -17.52
C ILE A 146 -9.60 -13.26 -16.07
N ARG A 147 -8.70 -14.20 -15.83
CA ARG A 147 -8.24 -14.45 -14.46
C ARG A 147 -7.33 -13.33 -13.98
N ASN A 148 -6.74 -12.57 -14.88
CA ASN A 148 -5.86 -11.49 -14.47
C ASN A 148 -6.59 -10.17 -14.32
N MET A 149 -7.83 -10.08 -14.77
CA MET A 149 -8.61 -8.87 -14.54
C MET A 149 -9.18 -8.82 -13.14
N PHE A 150 -9.26 -9.95 -12.45
CA PHE A 150 -9.75 -10.04 -11.08
C PHE A 150 -8.73 -10.79 -10.25
N PRO A 151 -7.72 -10.11 -9.73
CA PRO A 151 -6.67 -10.80 -8.97
C PRO A 151 -7.18 -11.27 -7.62
N GLU A 152 -6.51 -12.28 -7.07
CA GLU A 152 -6.90 -12.81 -5.77
C GLU A 152 -6.38 -11.99 -4.62
N ASN A 153 -5.54 -10.99 -4.88
CA ASN A 153 -5.05 -10.11 -3.84
C ASN A 153 -4.66 -8.82 -4.53
N LEU A 154 -4.83 -7.71 -3.82
CA LEU A 154 -4.70 -6.41 -4.43
C LEU A 154 -3.34 -5.77 -4.20
N VAL A 155 -2.66 -6.13 -3.12
CA VAL A 155 -1.28 -5.71 -2.94
C VAL A 155 -0.35 -6.54 -3.81
N GLN A 156 -0.63 -7.84 -3.93
CA GLN A 156 0.16 -8.70 -4.81
C GLN A 156 -0.05 -8.41 -6.28
N ALA A 157 -1.13 -7.71 -6.65
CA ALA A 157 -1.31 -7.35 -8.04
C ALA A 157 -0.35 -6.27 -8.49
N CYS A 158 0.30 -5.60 -7.54
CA CYS A 158 1.29 -4.59 -7.89
C CYS A 158 2.65 -5.19 -8.22
N PHE A 159 2.81 -6.52 -8.18
CA PHE A 159 4.05 -7.09 -8.67
C PHE A 159 3.96 -8.50 -9.27
N GLN A 160 2.84 -9.21 -9.23
CA GLN A 160 2.88 -10.54 -9.80
C GLN A 160 1.59 -10.88 -10.55
N GLN A 161 1.74 -11.66 -11.62
CA GLN A 161 0.66 -12.07 -12.51
C GLN A 161 0.40 -13.56 -12.38
N TYR A 162 -0.71 -14.00 -12.95
CA TYR A 162 -1.12 -15.39 -12.95
C TYR A 162 -0.72 -16.06 -14.26
N LYS A 163 -0.52 -17.38 -14.20
CA LYS A 163 -0.27 -18.14 -15.41
C LYS A 163 -0.69 -19.58 -15.16
N THR A 164 -1.57 -20.09 -16.00
CA THR A 164 -2.00 -21.47 -15.89
C THR A 164 -1.30 -22.35 -16.92
N LYS A 165 -1.13 -23.61 -16.54
CA LYS A 165 -0.39 -24.59 -17.30
C LYS A 165 -1.18 -25.89 -17.27
N ARG A 166 -1.42 -26.46 -18.44
CA ARG A 166 -2.17 -27.70 -18.55
C ARG A 166 -1.19 -28.85 -18.47
N GLU A 167 -1.19 -29.56 -17.34
CA GLU A 167 -0.31 -30.70 -17.15
C GLU A 167 -1.12 -31.98 -17.14
N GLU A 168 -0.41 -33.11 -17.18
CA GLU A 168 -1.04 -34.42 -17.32
C GLU A 168 -0.96 -35.19 -16.02
N VAL A 169 -2.10 -35.67 -15.55
CA VAL A 169 -2.19 -36.51 -14.36
C VAL A 169 -2.01 -37.96 -14.79
N LYS A 170 -1.32 -38.74 -13.97
CA LYS A 170 -1.14 -40.15 -14.24
C LYS A 170 -1.13 -40.92 -12.92
N PRO A 171 -2.06 -41.86 -12.70
CA PRO A 171 -2.20 -42.58 -11.44
C PRO A 171 -1.08 -43.58 -11.19
N LYS A 196 -7.39 -45.24 -22.62
CA LYS A 196 -6.25 -45.00 -23.50
C LYS A 196 -6.06 -43.51 -23.75
N THR A 197 -7.11 -42.73 -23.53
CA THR A 197 -7.05 -41.30 -23.72
C THR A 197 -6.34 -40.63 -22.56
N LYS A 198 -5.68 -39.51 -22.85
CA LYS A 198 -4.95 -38.78 -21.84
C LYS A 198 -5.90 -37.99 -20.95
N GLU A 199 -5.51 -37.83 -19.69
CA GLU A 199 -6.25 -37.01 -18.74
C GLU A 199 -5.39 -35.82 -18.36
N TYR A 200 -6.01 -34.65 -18.23
CA TYR A 200 -5.28 -33.43 -17.99
C TYR A 200 -5.87 -32.69 -16.79
N LYS A 201 -5.11 -31.71 -16.32
CA LYS A 201 -5.39 -30.99 -15.09
C LYS A 201 -4.67 -29.66 -15.20
N ILE A 202 -5.32 -28.59 -14.77
CA ILE A 202 -4.78 -27.24 -14.92
C ILE A 202 -4.19 -26.79 -13.59
N VAL A 203 -2.93 -26.39 -13.60
CA VAL A 203 -2.30 -25.81 -12.42
C VAL A 203 -2.04 -24.33 -12.69
N GLY A 204 -1.79 -23.59 -11.62
CA GLY A 204 -1.59 -22.16 -11.73
C GLY A 204 -0.43 -21.70 -10.87
N MET A 205 0.28 -20.70 -11.37
CA MET A 205 1.43 -20.19 -10.66
C MET A 205 1.50 -18.68 -10.85
N TYR A 206 1.96 -17.99 -9.82
CA TYR A 206 2.08 -16.54 -9.85
C TYR A 206 3.50 -16.16 -10.22
N SER A 207 3.69 -15.75 -11.46
CA SER A 207 5.00 -15.35 -11.95
C SER A 207 5.17 -13.86 -11.70
N ASP A 208 6.40 -13.38 -11.82
CA ASP A 208 6.71 -12.01 -11.45
C ASP A 208 6.33 -11.05 -12.58
N GLY A 209 6.23 -9.77 -12.23
CA GLY A 209 5.86 -8.75 -13.20
C GLY A 209 4.54 -8.08 -12.85
N ILE A 210 4.42 -6.77 -13.05
CA ILE A 210 3.25 -6.03 -12.58
C ILE A 210 2.01 -6.42 -13.39
N ASN A 211 0.85 -6.29 -12.76
CA ASN A 211 -0.42 -6.71 -13.34
C ASN A 211 -1.20 -5.46 -13.72
N VAL A 212 -0.97 -4.93 -14.91
CA VAL A 212 -1.57 -3.67 -15.31
C VAL A 212 -3.05 -3.83 -15.59
N LEU A 213 -3.49 -5.02 -16.02
CA LEU A 213 -4.89 -5.22 -16.34
C LEU A 213 -5.77 -5.23 -15.09
N GLY A 214 -5.29 -5.85 -14.01
CA GLY A 214 -6.05 -5.86 -12.78
C GLY A 214 -6.13 -4.50 -12.13
N LEU A 215 -5.06 -3.73 -12.19
CA LEU A 215 -5.07 -2.38 -11.64
C LEU A 215 -5.92 -1.44 -12.47
N ILE A 216 -5.89 -1.58 -13.80
CA ILE A 216 -6.75 -0.76 -14.64
C ILE A 216 -8.22 -1.05 -14.37
N VAL A 217 -8.60 -2.33 -14.24
CA VAL A 217 -10.00 -2.66 -14.02
C VAL A 217 -10.45 -2.23 -12.63
N PHE A 218 -9.62 -2.43 -11.60
CA PHE A 218 -10.04 -2.01 -10.27
C PHE A 218 -10.09 -0.51 -10.12
N CYS A 219 -9.17 0.24 -10.75
CA CYS A 219 -9.25 1.68 -10.64
C CYS A 219 -10.38 2.25 -11.49
N LEU A 220 -10.79 1.58 -12.56
CA LEU A 220 -11.97 2.02 -13.29
C LEU A 220 -13.24 1.86 -12.45
N VAL A 221 -13.41 0.69 -11.81
CA VAL A 221 -14.60 0.48 -11.00
C VAL A 221 -14.59 1.35 -9.75
N PHE A 222 -13.43 1.52 -9.12
CA PHE A 222 -13.32 2.37 -7.94
C PHE A 222 -13.54 3.84 -8.29
N GLY A 223 -13.10 4.28 -9.45
CA GLY A 223 -13.33 5.66 -9.83
C GLY A 223 -14.78 5.95 -10.13
N LEU A 224 -15.47 5.01 -10.78
CA LEU A 224 -16.91 5.18 -11.01
C LEU A 224 -17.68 5.19 -9.70
N VAL A 225 -17.29 4.33 -8.75
CA VAL A 225 -18.01 4.24 -7.48
C VAL A 225 -17.82 5.51 -6.66
N ILE A 226 -16.58 6.00 -6.52
CA ILE A 226 -16.40 7.24 -5.75
C ILE A 226 -16.78 8.48 -6.51
N GLY A 227 -17.02 8.39 -7.82
CA GLY A 227 -17.60 9.53 -8.51
C GLY A 227 -19.10 9.59 -8.40
N LYS A 228 -19.76 8.45 -8.31
CA LYS A 228 -21.20 8.44 -8.16
C LYS A 228 -21.64 8.48 -6.70
N MET A 229 -20.72 8.51 -5.75
CA MET A 229 -21.12 8.59 -4.35
C MET A 229 -21.52 9.99 -3.97
N GLY A 230 -21.06 10.97 -4.72
CA GLY A 230 -21.60 12.32 -4.60
C GLY A 230 -20.77 13.18 -3.65
N GLU A 231 -21.24 13.32 -2.42
CA GLU A 231 -20.66 14.21 -1.43
C GLU A 231 -19.91 13.45 -0.34
N LYS A 232 -20.33 12.22 -0.06
CA LYS A 232 -19.68 11.43 0.95
C LYS A 232 -18.35 10.85 0.50
N GLY A 233 -18.06 10.90 -0.80
CA GLY A 233 -16.79 10.46 -1.32
C GLY A 233 -16.16 11.55 -2.14
N GLN A 234 -16.09 12.74 -1.57
CA GLN A 234 -15.40 13.86 -2.18
C GLN A 234 -13.99 13.98 -1.64
N ILE A 235 -13.76 13.50 -0.42
CA ILE A 235 -12.42 13.45 0.15
C ILE A 235 -11.54 12.48 -0.65
N LEU A 236 -12.13 11.41 -1.19
CA LEU A 236 -11.36 10.47 -1.99
C LEU A 236 -10.99 11.05 -3.34
N VAL A 237 -11.92 11.79 -3.96
CA VAL A 237 -11.64 12.44 -5.25
C VAL A 237 -10.58 13.51 -5.08
N ASP A 238 -10.62 14.26 -3.96
CA ASP A 238 -9.59 15.26 -3.70
C ASP A 238 -8.23 14.63 -3.45
N PHE A 239 -8.19 13.52 -2.69
CA PHE A 239 -6.94 12.85 -2.41
C PHE A 239 -6.30 12.30 -3.67
N PHE A 240 -7.08 11.62 -4.51
CA PHE A 240 -6.49 11.06 -5.72
C PHE A 240 -6.20 12.12 -6.77
N ASN A 241 -6.89 13.26 -6.74
CA ASN A 241 -6.55 14.33 -7.68
C ASN A 241 -5.22 14.99 -7.32
N ALA A 242 -4.99 15.25 -6.03
CA ALA A 242 -3.69 15.78 -5.63
C ALA A 242 -2.58 14.76 -5.82
N LEU A 243 -2.87 13.47 -5.65
CA LEU A 243 -1.88 12.44 -5.92
C LEU A 243 -1.53 12.36 -7.39
N SER A 244 -2.51 12.58 -8.27
CA SER A 244 -2.22 12.61 -9.70
C SER A 244 -1.36 13.80 -10.09
N ASP A 245 -1.62 14.98 -9.51
CA ASP A 245 -0.76 16.14 -9.80
C ASP A 245 0.67 15.91 -9.31
N ALA A 246 0.82 15.39 -8.09
CA ALA A 246 2.15 15.14 -7.56
C ALA A 246 2.87 14.01 -8.29
N THR A 247 2.16 13.16 -9.02
CA THR A 247 2.84 12.14 -9.81
C THR A 247 3.23 12.65 -11.20
N MET A 248 2.42 13.53 -11.78
CA MET A 248 2.84 14.16 -13.04
C MET A 248 4.07 15.03 -12.86
N LYS A 249 4.24 15.65 -11.69
CA LYS A 249 5.44 16.45 -11.49
C LYS A 249 6.69 15.59 -11.37
N ILE A 250 6.59 14.39 -10.78
CA ILE A 250 7.77 13.51 -10.72
C ILE A 250 8.05 12.92 -12.10
N VAL A 251 7.03 12.72 -12.93
CA VAL A 251 7.27 12.31 -14.31
C VAL A 251 8.00 13.40 -15.08
N GLN A 252 7.69 14.66 -14.80
CA GLN A 252 8.45 15.74 -15.45
C GLN A 252 9.89 15.82 -14.94
N ILE A 253 10.14 15.47 -13.68
CA ILE A 253 11.51 15.43 -13.16
C ILE A 253 12.32 14.32 -13.85
N ILE A 254 11.71 13.14 -14.01
CA ILE A 254 12.38 12.02 -14.68
C ILE A 254 12.67 12.37 -16.14
N MET A 255 11.74 13.04 -16.81
CA MET A 255 12.00 13.45 -18.18
C MET A 255 12.97 14.62 -18.26
N CYS A 256 13.23 15.32 -17.17
CA CYS A 256 14.37 16.22 -17.17
C CYS A 256 15.68 15.44 -17.11
N TYR A 257 15.68 14.28 -16.45
CA TYR A 257 16.90 13.46 -16.45
C TYR A 257 17.14 12.74 -17.78
N MET A 258 16.06 12.37 -18.48
CA MET A 258 16.07 11.44 -19.64
C MET A 258 17.17 11.58 -20.70
N PRO A 259 17.54 12.78 -21.21
CA PRO A 259 18.52 12.81 -22.32
C PRO A 259 19.90 12.29 -21.96
N LEU A 260 20.34 12.49 -20.73
CA LEU A 260 21.58 11.89 -20.27
C LEU A 260 21.49 10.37 -20.17
N GLY A 261 20.29 9.82 -20.12
CA GLY A 261 20.13 8.38 -20.12
C GLY A 261 20.10 7.82 -21.52
N ILE A 262 19.31 8.43 -22.41
CA ILE A 262 19.23 7.86 -23.75
C ILE A 262 20.46 8.14 -24.59
N LEU A 263 21.32 9.08 -24.17
CA LEU A 263 22.63 9.21 -24.81
C LEU A 263 23.45 7.94 -24.62
N PHE A 264 23.53 7.45 -23.39
CA PHE A 264 24.30 6.24 -23.12
C PHE A 264 23.59 5.00 -23.64
N LEU A 265 22.26 4.99 -23.69
CA LEU A 265 21.58 3.83 -24.25
C LEU A 265 21.78 3.73 -25.75
N ILE A 266 21.75 4.87 -26.46
CA ILE A 266 22.03 4.85 -27.90
C ILE A 266 23.48 4.50 -28.17
N ALA A 267 24.41 5.02 -27.36
CA ALA A 267 25.82 4.67 -27.50
C ALA A 267 26.06 3.19 -27.24
N GLY A 268 25.36 2.61 -26.28
CA GLY A 268 25.45 1.18 -26.04
C GLY A 268 24.64 0.32 -26.97
N LYS A 269 23.80 0.90 -27.83
CA LYS A 269 23.10 0.09 -28.81
C LYS A 269 23.68 0.18 -30.21
N ILE A 270 24.69 1.02 -30.43
CA ILE A 270 25.44 0.97 -31.67
C ILE A 270 26.86 0.49 -31.41
N ILE A 271 27.15 0.04 -30.19
CA ILE A 271 28.44 -0.57 -29.91
C ILE A 271 28.43 -2.05 -30.24
N GLU A 272 27.24 -2.68 -30.31
CA GLU A 272 27.12 -4.05 -30.78
C GLU A 272 26.68 -4.15 -32.23
N VAL A 273 26.48 -3.04 -32.93
CA VAL A 273 26.03 -3.11 -34.30
C VAL A 273 27.22 -3.50 -35.18
N GLU A 274 26.93 -4.21 -36.25
CA GLU A 274 27.88 -4.58 -37.29
C GLU A 274 27.30 -4.40 -38.68
N ASP A 275 26.23 -5.12 -39.00
CA ASP A 275 25.56 -5.03 -40.29
C ASP A 275 24.60 -3.86 -40.20
N TRP A 276 24.57 -3.03 -41.24
CA TRP A 276 23.71 -1.85 -41.27
C TRP A 276 22.27 -2.26 -41.54
N GLU A 277 21.65 -2.82 -40.50
CA GLU A 277 20.37 -3.51 -40.66
C GLU A 277 19.31 -3.12 -39.66
N ILE A 278 19.67 -2.62 -38.47
CA ILE A 278 18.63 -2.15 -37.55
C ILE A 278 18.06 -0.83 -38.02
N PHE A 279 18.78 -0.09 -38.86
CA PHE A 279 18.24 1.16 -39.38
C PHE A 279 17.16 0.90 -40.42
N ARG A 280 17.25 -0.23 -41.15
CA ARG A 280 16.16 -0.60 -42.03
C ARG A 280 14.93 -1.04 -41.25
N LYS A 281 15.13 -1.66 -40.10
CA LYS A 281 14.00 -1.99 -39.24
C LYS A 281 13.33 -0.75 -38.70
N LEU A 282 14.12 0.28 -38.37
CA LEU A 282 13.53 1.56 -37.98
C LEU A 282 12.78 2.22 -39.12
N GLY A 283 13.32 2.14 -40.33
CA GLY A 283 12.62 2.72 -41.48
C GLY A 283 11.31 2.01 -41.79
N LEU A 284 11.27 0.70 -41.60
CA LEU A 284 10.02 -0.02 -41.79
C LEU A 284 9.03 0.26 -40.67
N TYR A 285 9.51 0.52 -39.45
CA TYR A 285 8.59 0.91 -38.38
C TYR A 285 7.96 2.27 -38.64
N MET A 286 8.77 3.22 -39.13
CA MET A 286 8.21 4.50 -39.54
C MET A 286 7.22 4.35 -40.68
N ALA A 287 7.51 3.48 -41.64
CA ALA A 287 6.57 3.27 -42.74
C ALA A 287 5.26 2.66 -42.26
N THR A 288 5.33 1.75 -41.28
CA THR A 288 4.11 1.13 -40.77
C THR A 288 3.26 2.12 -39.98
N VAL A 289 3.88 2.95 -39.12
CA VAL A 289 3.12 3.95 -38.38
C VAL A 289 2.52 5.00 -39.32
N LEU A 290 3.28 5.44 -40.33
CA LEU A 290 2.77 6.46 -41.22
C LEU A 290 1.69 5.92 -42.15
N THR A 291 1.78 4.66 -42.59
CA THR A 291 0.65 4.15 -43.38
C THR A 291 -0.54 3.79 -42.50
N GLY A 292 -0.33 3.52 -41.22
CA GLY A 292 -1.47 3.31 -40.33
C GLY A 292 -2.25 4.59 -40.10
N LEU A 293 -1.55 5.70 -39.87
CA LEU A 293 -2.22 6.99 -39.77
C LEU A 293 -2.82 7.40 -41.11
N ALA A 294 -2.16 7.07 -42.22
CA ALA A 294 -2.63 7.52 -43.52
C ALA A 294 -3.86 6.76 -43.98
N ILE A 295 -4.03 5.50 -43.57
CA ILE A 295 -5.28 4.81 -43.89
C ILE A 295 -6.26 4.80 -42.73
N HIS A 296 -5.92 5.38 -41.59
CA HIS A 296 -6.92 5.65 -40.57
C HIS A 296 -7.58 7.00 -40.76
N SER A 297 -6.87 7.99 -41.27
CA SER A 297 -7.46 9.32 -41.43
C SER A 297 -7.93 9.60 -42.84
N ILE A 298 -8.02 8.59 -43.70
CA ILE A 298 -8.56 8.75 -45.04
C ILE A 298 -9.68 7.75 -45.32
N VAL A 299 -9.51 6.51 -44.89
CA VAL A 299 -10.43 5.43 -45.27
C VAL A 299 -11.41 5.10 -44.16
N ILE A 300 -11.01 5.22 -42.89
CA ILE A 300 -11.88 4.76 -41.83
C ILE A 300 -12.76 5.88 -41.28
N LEU A 301 -12.15 7.00 -40.90
CA LEU A 301 -12.93 8.10 -40.31
C LEU A 301 -13.89 8.77 -41.31
N PRO A 302 -13.54 9.03 -42.58
CA PRO A 302 -14.59 9.45 -43.52
C PRO A 302 -15.64 8.40 -43.82
N LEU A 303 -15.33 7.11 -43.68
CA LEU A 303 -16.37 6.10 -43.87
C LEU A 303 -17.36 6.11 -42.70
N ILE A 304 -16.86 6.32 -41.49
CA ILE A 304 -17.75 6.47 -40.33
C ILE A 304 -18.65 7.69 -40.49
N TYR A 305 -18.06 8.81 -40.94
CA TYR A 305 -18.85 10.01 -41.20
C TYR A 305 -19.87 9.80 -42.30
N PHE A 306 -19.53 9.05 -43.35
CA PHE A 306 -20.48 8.86 -44.43
C PHE A 306 -21.60 7.92 -44.04
N ILE A 307 -21.34 6.88 -43.25
CA ILE A 307 -22.44 6.00 -42.93
C ILE A 307 -23.29 6.53 -41.78
N VAL A 308 -22.80 7.48 -41.00
CA VAL A 308 -23.67 8.05 -39.97
C VAL A 308 -24.39 9.29 -40.46
N VAL A 309 -23.64 10.27 -40.99
CA VAL A 309 -24.22 11.56 -41.33
C VAL A 309 -24.88 11.56 -42.71
N ARG A 310 -24.41 10.69 -43.61
CA ARG A 310 -24.84 10.59 -45.01
C ARG A 310 -24.65 11.92 -45.76
N LYS A 311 -23.54 12.59 -45.47
CA LYS A 311 -23.10 13.77 -46.22
C LYS A 311 -21.64 13.58 -46.61
N ASN A 312 -21.10 14.52 -47.36
CA ASN A 312 -19.76 14.36 -47.90
C ASN A 312 -18.72 14.66 -46.84
N PRO A 313 -17.80 13.73 -46.53
CA PRO A 313 -16.80 14.00 -45.49
C PRO A 313 -15.69 14.92 -45.94
N PHE A 314 -15.42 15.00 -47.23
CA PHE A 314 -14.28 15.81 -47.66
C PHE A 314 -14.62 17.29 -47.72
N ARG A 315 -15.87 17.65 -48.03
CA ARG A 315 -16.28 19.04 -47.87
C ARG A 315 -16.32 19.46 -46.41
N PHE A 316 -16.51 18.49 -45.50
CA PHE A 316 -16.36 18.78 -44.08
C PHE A 316 -14.90 18.99 -43.72
N ALA A 317 -14.03 18.07 -44.13
CA ALA A 317 -12.64 18.10 -43.71
C ALA A 317 -11.84 19.20 -44.39
N MET A 318 -12.31 19.73 -45.52
CA MET A 318 -11.65 20.86 -46.15
C MET A 318 -11.84 22.13 -45.33
N GLY A 319 -12.89 22.18 -44.52
CA GLY A 319 -13.07 23.30 -43.62
C GLY A 319 -12.22 23.28 -42.38
N MET A 320 -11.52 22.18 -42.11
CA MET A 320 -10.66 22.07 -40.94
C MET A 320 -9.19 22.27 -41.27
N ALA A 321 -8.89 22.94 -42.38
CA ALA A 321 -7.52 23.02 -42.86
C ALA A 321 -6.66 23.88 -41.96
N GLN A 322 -7.21 24.96 -41.40
CA GLN A 322 -6.45 25.80 -40.48
C GLN A 322 -6.12 25.06 -39.20
N ALA A 323 -7.07 24.25 -38.71
CA ALA A 323 -6.84 23.49 -37.49
C ALA A 323 -5.81 22.38 -37.72
N LEU A 324 -5.83 21.76 -38.90
CA LEU A 324 -4.87 20.68 -39.16
C LEU A 324 -3.46 21.23 -39.39
N LEU A 325 -3.32 22.34 -40.11
CA LEU A 325 -2.00 22.93 -40.27
C LEU A 325 -1.48 23.49 -38.96
N THR A 326 -2.37 23.99 -38.10
CA THR A 326 -1.94 24.46 -36.79
C THR A 326 -1.48 23.30 -35.92
N ALA A 327 -2.24 22.20 -35.90
CA ALA A 327 -1.84 21.02 -35.15
C ALA A 327 -0.57 20.37 -35.69
N LEU A 328 -0.23 20.60 -36.95
CA LEU A 328 1.10 20.23 -37.41
C LEU A 328 2.16 21.20 -36.89
N MET A 329 1.89 22.50 -36.90
CA MET A 329 2.95 23.45 -36.57
C MET A 329 3.24 23.46 -35.07
N ILE A 330 2.26 23.81 -34.25
CA ILE A 330 2.37 23.54 -32.83
C ILE A 330 1.96 22.10 -32.57
N SER A 331 2.81 21.36 -31.86
CA SER A 331 2.62 19.92 -31.79
C SER A 331 1.92 19.48 -30.52
N SER A 332 0.72 20.01 -30.29
CA SER A 332 -0.10 19.55 -29.17
C SER A 332 -1.55 19.79 -29.51
N SER A 333 -2.38 18.78 -29.24
CA SER A 333 -3.77 18.83 -29.69
C SER A 333 -4.67 19.51 -28.67
N SER A 334 -4.09 20.06 -27.61
CA SER A 334 -4.87 20.80 -26.64
C SER A 334 -4.60 22.29 -26.69
N ALA A 335 -3.54 22.72 -27.36
CA ALA A 335 -3.29 24.14 -27.57
C ALA A 335 -3.80 24.62 -28.91
N THR A 336 -4.13 23.71 -29.82
CA THR A 336 -4.82 24.05 -31.06
C THR A 336 -6.34 24.00 -30.89
N LEU A 337 -6.81 23.99 -29.65
CA LEU A 337 -8.24 23.95 -29.38
C LEU A 337 -9.03 25.19 -29.83
N PRO A 338 -8.57 26.45 -29.67
CA PRO A 338 -9.41 27.55 -30.17
C PRO A 338 -9.50 27.59 -31.69
N VAL A 339 -8.47 27.12 -32.38
CA VAL A 339 -8.48 27.12 -33.84
C VAL A 339 -9.50 26.11 -34.36
N THR A 340 -9.59 24.95 -33.72
CA THR A 340 -10.64 24.01 -34.13
C THR A 340 -11.99 24.37 -33.54
N PHE A 341 -12.06 25.25 -32.55
CA PHE A 341 -13.35 25.81 -32.17
C PHE A 341 -13.88 26.72 -33.26
N ARG A 342 -13.05 27.63 -33.76
CA ARG A 342 -13.53 28.58 -34.76
C ARG A 342 -13.55 28.02 -36.16
N CYS A 343 -13.15 26.77 -36.37
CA CYS A 343 -13.24 26.15 -37.68
C CYS A 343 -14.38 25.16 -37.79
N ALA A 344 -15.06 24.86 -36.70
CA ALA A 344 -16.22 23.98 -36.71
C ALA A 344 -17.53 24.72 -36.52
N GLU A 345 -17.54 25.76 -35.68
CA GLU A 345 -18.75 26.55 -35.50
C GLU A 345 -18.93 27.58 -36.60
N GLU A 346 -17.85 27.94 -37.29
CA GLU A 346 -17.91 28.99 -38.29
C GLU A 346 -17.73 28.44 -39.70
N ASN A 347 -16.61 27.74 -39.94
CA ASN A 347 -16.29 27.25 -41.27
C ASN A 347 -17.20 26.11 -41.72
N ASN A 348 -17.82 25.41 -40.79
CA ASN A 348 -18.93 24.52 -41.08
C ASN A 348 -20.21 25.11 -40.51
N GLN A 349 -21.14 24.25 -40.17
CA GLN A 349 -22.39 24.69 -39.55
C GLN A 349 -22.78 23.73 -38.43
N VAL A 350 -22.02 23.81 -37.35
CA VAL A 350 -22.21 22.93 -36.21
C VAL A 350 -22.80 23.75 -35.07
N ASP A 351 -23.79 23.17 -34.39
CA ASP A 351 -24.37 23.82 -33.22
C ASP A 351 -23.35 23.94 -32.10
N LYS A 352 -23.30 25.12 -31.46
CA LYS A 352 -22.34 25.36 -30.41
C LYS A 352 -22.65 24.59 -29.14
N ARG A 353 -23.90 24.16 -28.97
CA ARG A 353 -24.29 23.42 -27.77
C ARG A 353 -23.67 22.03 -27.72
N ILE A 354 -23.25 21.49 -28.85
CA ILE A 354 -22.51 20.23 -28.87
C ILE A 354 -21.01 20.45 -29.01
N THR A 355 -20.59 21.59 -29.55
CA THR A 355 -19.17 21.88 -29.70
C THR A 355 -18.57 22.25 -28.35
N ARG A 356 -19.36 22.85 -27.47
CA ARG A 356 -18.89 23.18 -26.13
C ARG A 356 -18.71 21.95 -25.25
N PHE A 357 -19.17 20.77 -25.67
CA PHE A 357 -18.92 19.55 -24.92
C PHE A 357 -17.92 18.63 -25.61
N VAL A 358 -18.09 18.37 -26.91
CA VAL A 358 -17.33 17.32 -27.58
C VAL A 358 -15.86 17.70 -27.70
N LEU A 359 -15.58 18.93 -28.07
CA LEU A 359 -14.18 19.34 -28.26
C LEU A 359 -13.35 19.50 -26.98
N PRO A 360 -13.86 20.02 -25.84
CA PRO A 360 -13.01 20.02 -24.65
C PRO A 360 -12.83 18.66 -24.01
N VAL A 361 -13.73 17.71 -24.26
CA VAL A 361 -13.55 16.36 -23.72
C VAL A 361 -12.65 15.55 -24.62
N GLY A 362 -12.92 15.57 -25.92
CA GLY A 362 -12.14 14.82 -26.88
C GLY A 362 -10.74 15.32 -27.12
N ALA A 363 -10.38 16.48 -26.59
CA ALA A 363 -9.00 16.90 -26.71
C ALA A 363 -8.09 16.17 -25.75
N THR A 364 -8.63 15.53 -24.72
CA THR A 364 -7.83 14.83 -23.72
C THR A 364 -7.99 13.33 -23.73
N ILE A 365 -9.19 12.79 -24.00
CA ILE A 365 -9.40 11.35 -23.94
C ILE A 365 -9.55 10.70 -25.30
N ASN A 366 -9.64 11.46 -26.39
CA ASN A 366 -9.76 10.86 -27.72
C ASN A 366 -8.44 11.05 -28.44
N MET A 367 -7.59 10.02 -28.38
CA MET A 367 -6.29 10.02 -29.02
C MET A 367 -6.20 8.74 -29.85
N ASP A 368 -6.56 8.82 -31.12
CA ASP A 368 -6.49 7.66 -32.00
C ASP A 368 -5.06 7.40 -32.45
N GLY A 369 -4.34 8.46 -32.80
CA GLY A 369 -3.00 8.29 -33.36
C GLY A 369 -2.01 7.77 -32.34
N THR A 370 -2.13 8.23 -31.10
CA THR A 370 -1.26 7.74 -30.03
C THR A 370 -1.54 6.28 -29.71
N ALA A 371 -2.81 5.87 -29.80
CA ALA A 371 -3.15 4.47 -29.52
C ALA A 371 -2.66 3.54 -30.61
N LEU A 372 -2.80 3.96 -31.88
CA LEU A 372 -2.25 3.18 -32.98
C LEU A 372 -0.74 3.09 -32.89
N TYR A 373 -0.09 4.19 -32.54
CA TYR A 373 1.36 4.23 -32.35
C TYR A 373 1.81 3.28 -31.25
N GLU A 374 1.08 3.24 -30.14
CA GLU A 374 1.51 2.37 -29.04
C GLU A 374 1.29 0.90 -29.34
N ALA A 375 0.23 0.55 -30.06
CA ALA A 375 0.06 -0.83 -30.49
C ALA A 375 1.16 -1.27 -31.45
N VAL A 376 1.44 -0.44 -32.47
CA VAL A 376 2.47 -0.78 -33.46
C VAL A 376 3.84 -0.84 -32.80
N ALA A 377 4.13 0.06 -31.88
CA ALA A 377 5.43 0.07 -31.24
C ALA A 377 5.62 -1.08 -30.27
N ALA A 378 4.56 -1.51 -29.57
CA ALA A 378 4.72 -2.66 -28.67
C ALA A 378 4.92 -3.95 -29.43
N VAL A 379 4.17 -4.16 -30.53
CA VAL A 379 4.41 -5.39 -31.29
C VAL A 379 5.73 -5.32 -32.05
N PHE A 380 6.20 -4.13 -32.41
CA PHE A 380 7.51 -4.01 -33.04
C PHE A 380 8.63 -4.32 -32.07
N ILE A 381 8.52 -3.88 -30.81
CA ILE A 381 9.52 -4.23 -29.80
C ILE A 381 9.48 -5.72 -29.51
N ALA A 382 8.31 -6.36 -29.57
CA ALA A 382 8.25 -7.80 -29.39
C ALA A 382 8.90 -8.53 -30.55
N GLN A 383 8.68 -8.06 -31.79
CA GLN A 383 9.27 -8.72 -32.94
C GLN A 383 10.76 -8.47 -33.05
N LEU A 384 11.26 -7.38 -32.47
CA LEU A 384 12.68 -7.07 -32.52
C LEU A 384 13.50 -7.99 -31.63
N ASN A 385 12.87 -8.58 -30.61
CA ASN A 385 13.56 -9.43 -29.64
C ASN A 385 13.34 -10.91 -29.92
N ASP A 386 13.09 -11.27 -31.18
CA ASP A 386 12.96 -12.65 -31.66
C ASP A 386 11.87 -13.42 -30.91
N LEU A 387 10.75 -12.74 -30.69
CA LEU A 387 9.68 -13.23 -29.85
C LEU A 387 8.38 -13.12 -30.61
N ASP A 388 7.59 -14.21 -30.63
CA ASP A 388 6.30 -14.19 -31.30
C ASP A 388 5.22 -14.11 -30.23
N LEU A 389 4.39 -13.09 -30.30
CA LEU A 389 3.37 -12.88 -29.29
C LEU A 389 2.23 -13.86 -29.50
N GLY A 390 1.50 -14.13 -28.43
CA GLY A 390 0.35 -15.01 -28.51
C GLY A 390 -0.89 -14.27 -28.96
N ILE A 391 -2.03 -14.68 -28.44
CA ILE A 391 -3.25 -13.89 -28.60
C ILE A 391 -3.82 -13.42 -27.27
N GLY A 392 -3.29 -13.88 -26.14
CA GLY A 392 -3.56 -13.19 -24.90
C GLY A 392 -2.74 -11.93 -24.78
N GLN A 393 -1.52 -11.95 -25.30
CA GLN A 393 -0.66 -10.78 -25.22
C GLN A 393 -1.09 -9.68 -26.17
N ILE A 394 -1.62 -10.04 -27.33
CA ILE A 394 -2.09 -9.03 -28.28
C ILE A 394 -3.35 -8.35 -27.75
N ILE A 395 -4.22 -9.09 -27.07
CA ILE A 395 -5.39 -8.46 -26.49
C ILE A 395 -5.04 -7.68 -25.23
N THR A 396 -3.98 -8.08 -24.50
CA THR A 396 -3.53 -7.24 -23.39
C THR A 396 -2.95 -5.93 -23.87
N ILE A 397 -2.17 -5.94 -24.95
CA ILE A 397 -1.69 -4.72 -25.58
C ILE A 397 -2.85 -3.87 -26.08
N SER A 398 -3.84 -4.51 -26.70
CA SER A 398 -4.96 -3.79 -27.29
C SER A 398 -5.93 -3.24 -26.25
N ILE A 399 -5.95 -3.78 -25.04
CA ILE A 399 -6.79 -3.20 -23.99
C ILE A 399 -6.03 -2.11 -23.24
N THR A 400 -4.75 -2.32 -22.94
CA THR A 400 -3.96 -1.32 -22.24
C THR A 400 -3.67 -0.11 -23.12
N ALA A 401 -3.76 -0.21 -24.45
CA ALA A 401 -3.56 0.95 -25.29
C ALA A 401 -4.75 1.89 -25.37
N THR A 402 -5.98 1.38 -25.30
CA THR A 402 -7.14 2.27 -25.36
C THR A 402 -7.62 2.72 -24.00
N SER A 403 -7.38 1.92 -22.96
CA SER A 403 -7.82 2.27 -21.62
C SER A 403 -6.82 3.15 -20.89
N ALA A 404 -5.66 3.41 -21.46
CA ALA A 404 -4.74 4.39 -20.91
C ALA A 404 -4.91 5.75 -21.55
N SER A 405 -5.97 5.95 -22.30
CA SER A 405 -6.36 7.27 -22.78
C SER A 405 -7.31 7.95 -21.83
N ILE A 406 -7.92 7.21 -20.91
CA ILE A 406 -8.86 7.79 -19.95
C ILE A 406 -8.13 8.67 -18.96
N GLY A 407 -7.08 8.14 -18.34
CA GLY A 407 -6.35 8.93 -17.38
C GLY A 407 -5.30 9.81 -18.03
N ALA A 408 -5.72 10.70 -18.92
CA ALA A 408 -4.80 11.57 -19.66
C ALA A 408 -4.99 13.00 -19.15
N ALA A 409 -4.03 13.47 -18.35
CA ALA A 409 -4.14 14.80 -17.77
C ALA A 409 -3.92 15.88 -18.82
N GLY A 410 -2.71 16.05 -19.28
CA GLY A 410 -2.40 17.10 -20.24
C GLY A 410 -0.92 17.40 -20.24
N VAL A 411 -0.14 16.46 -19.72
CA VAL A 411 1.32 16.56 -19.70
C VAL A 411 1.86 15.72 -20.85
N PRO A 412 2.52 16.32 -21.84
CA PRO A 412 2.90 15.54 -23.02
C PRO A 412 4.15 14.71 -22.82
N GLN A 413 4.81 14.81 -21.67
CA GLN A 413 5.96 13.97 -21.41
C GLN A 413 5.54 12.53 -21.14
N ALA A 414 4.44 12.35 -20.39
CA ALA A 414 4.01 11.04 -19.92
C ALA A 414 3.62 10.07 -21.02
N GLY A 415 3.55 10.54 -22.27
CA GLY A 415 3.44 9.64 -23.40
C GLY A 415 4.51 8.57 -23.40
N LEU A 416 5.76 8.95 -23.07
CA LEU A 416 6.82 7.94 -22.96
C LEU A 416 6.51 6.94 -21.86
N VAL A 417 5.94 7.40 -20.75
CA VAL A 417 5.60 6.47 -19.68
C VAL A 417 4.49 5.54 -20.12
N THR A 418 3.59 6.00 -20.99
CA THR A 418 2.57 5.09 -21.51
C THR A 418 3.19 4.01 -22.39
N MET A 419 4.27 4.35 -23.09
CA MET A 419 4.95 3.36 -23.89
C MET A 419 5.69 2.35 -23.05
N VAL A 420 5.96 2.66 -21.78
CA VAL A 420 6.51 1.62 -20.91
C VAL A 420 5.40 0.72 -20.40
N ILE A 421 4.21 1.29 -20.18
CA ILE A 421 3.13 0.55 -19.54
C ILE A 421 2.60 -0.55 -20.45
N VAL A 422 2.39 -0.25 -21.73
CA VAL A 422 1.99 -1.30 -22.65
C VAL A 422 3.15 -2.24 -22.95
N LEU A 423 4.38 -1.85 -22.67
CA LEU A 423 5.51 -2.76 -22.77
C LEU A 423 5.70 -3.56 -21.51
N SER A 424 4.97 -3.24 -20.45
CA SER A 424 5.11 -3.94 -19.19
C SER A 424 3.86 -4.69 -18.79
N ALA A 425 2.77 -4.54 -19.52
CA ALA A 425 1.60 -5.36 -19.32
C ALA A 425 1.77 -6.75 -19.90
N VAL A 426 2.67 -6.91 -20.88
CA VAL A 426 2.93 -8.19 -21.51
C VAL A 426 4.33 -8.72 -21.21
N GLY A 427 5.13 -7.99 -20.46
CA GLY A 427 6.42 -8.49 -20.05
C GLY A 427 7.47 -8.45 -21.14
N LEU A 428 7.66 -7.35 -21.71
CA LEU A 428 8.71 -7.17 -22.70
C LEU A 428 9.83 -6.33 -22.11
N PRO A 429 11.06 -6.48 -22.58
CA PRO A 429 12.16 -5.66 -22.03
C PRO A 429 12.05 -4.23 -22.46
N ALA A 430 12.05 -3.32 -21.48
CA ALA A 430 11.72 -1.93 -21.72
C ALA A 430 12.81 -1.15 -22.42
N GLU A 431 14.08 -1.58 -22.30
CA GLU A 431 15.21 -0.78 -22.78
C GLU A 431 15.20 -0.52 -24.28
N ASP A 432 14.59 -1.42 -25.05
CA ASP A 432 14.45 -1.24 -26.48
C ASP A 432 13.55 -0.07 -26.88
N VAL A 433 12.83 0.54 -25.92
CA VAL A 433 12.05 1.73 -26.19
C VAL A 433 12.94 2.90 -26.54
N THR A 434 14.25 2.80 -26.26
CA THR A 434 15.22 3.77 -26.77
C THR A 434 15.14 3.91 -28.28
N LEU A 435 15.04 2.78 -29.00
CA LEU A 435 14.92 2.83 -30.45
C LEU A 435 13.62 3.43 -30.93
N ILE A 436 12.66 3.69 -30.04
CA ILE A 436 11.46 4.40 -30.39
C ILE A 436 11.62 5.90 -30.16
N ILE A 437 12.35 6.28 -29.10
CA ILE A 437 12.42 7.69 -28.70
C ILE A 437 13.19 8.50 -29.74
N ALA A 438 14.26 7.92 -30.29
CA ALA A 438 15.01 8.55 -31.37
C ALA A 438 14.17 8.76 -32.62
N VAL A 439 13.11 7.98 -32.79
CA VAL A 439 12.23 8.14 -33.93
C VAL A 439 11.06 9.08 -33.57
N ASP A 440 10.78 9.25 -32.28
CA ASP A 440 9.53 9.85 -31.81
C ASP A 440 9.40 11.32 -32.16
N TRP A 441 10.47 12.01 -32.51
CA TRP A 441 10.35 13.41 -32.89
C TRP A 441 9.98 13.59 -34.35
N LEU A 442 9.86 12.51 -35.11
CA LEU A 442 9.45 12.59 -36.51
C LEU A 442 8.04 12.10 -36.75
N LEU A 443 7.36 11.62 -35.72
CA LEU A 443 6.00 11.10 -35.85
C LEU A 443 5.01 11.82 -34.97
N ASP A 444 5.43 12.81 -34.19
CA ASP A 444 4.53 13.45 -33.25
C ASP A 444 3.58 14.40 -33.95
N ARG A 445 4.03 15.01 -35.04
CA ARG A 445 3.23 15.92 -35.83
C ARG A 445 2.00 15.22 -36.41
N PHE A 446 2.20 14.07 -37.03
CA PHE A 446 1.10 13.38 -37.68
C PHE A 446 0.16 12.74 -36.67
N ARG A 447 0.68 12.34 -35.51
CA ARG A 447 -0.18 11.85 -34.45
C ARG A 447 -1.09 12.94 -33.91
N THR A 448 -0.55 14.16 -33.74
CA THR A 448 -1.39 15.28 -33.33
C THR A 448 -2.43 15.61 -34.38
N MET A 449 -2.07 15.50 -35.67
CA MET A 449 -3.02 15.74 -36.74
C MET A 449 -4.17 14.74 -36.73
N VAL A 450 -3.88 13.47 -36.45
CA VAL A 450 -4.95 12.47 -36.45
C VAL A 450 -5.82 12.57 -35.19
N ASN A 451 -5.25 13.00 -34.05
CA ASN A 451 -6.06 13.26 -32.86
C ASN A 451 -7.06 14.40 -33.11
N VAL A 452 -6.58 15.49 -33.71
CA VAL A 452 -7.44 16.62 -34.02
C VAL A 452 -8.48 16.24 -35.07
N LEU A 453 -8.11 15.42 -36.05
CA LEU A 453 -9.08 15.03 -37.07
C LEU A 453 -10.16 14.12 -36.51
N GLY A 454 -9.81 13.23 -35.58
CA GLY A 454 -10.82 12.39 -34.94
C GLY A 454 -11.83 13.18 -34.15
N ASP A 455 -11.36 14.06 -33.25
CA ASP A 455 -12.39 14.78 -32.52
C ASP A 455 -13.02 15.94 -33.30
N ALA A 456 -12.51 16.26 -34.48
CA ALA A 456 -13.21 17.22 -35.33
C ALA A 456 -14.30 16.54 -36.15
N PHE A 457 -14.10 15.26 -36.51
CA PHE A 457 -15.20 14.49 -37.09
C PHE A 457 -16.26 14.15 -36.07
N GLY A 458 -15.89 14.09 -34.79
CA GLY A 458 -16.86 13.79 -33.75
C GLY A 458 -17.99 14.80 -33.62
N THR A 459 -17.69 16.08 -33.88
CA THR A 459 -18.71 17.11 -33.78
C THR A 459 -19.69 17.03 -34.94
N GLY A 460 -19.29 16.39 -36.03
CA GLY A 460 -20.22 16.15 -37.11
C GLY A 460 -21.03 14.91 -36.86
N ILE A 461 -20.43 13.92 -36.20
CA ILE A 461 -21.13 12.67 -35.92
C ILE A 461 -22.25 12.88 -34.89
N VAL A 462 -21.92 13.54 -33.78
CA VAL A 462 -22.87 13.68 -32.67
C VAL A 462 -23.99 14.67 -33.03
N GLU A 463 -23.74 15.50 -34.05
CA GLU A 463 -24.77 16.42 -34.54
C GLU A 463 -25.97 15.70 -35.12
N LYS A 464 -25.73 14.72 -36.00
CA LYS A 464 -26.82 14.05 -36.70
C LYS A 464 -27.60 13.14 -35.76
N LEU A 465 -26.91 12.52 -34.79
CA LEU A 465 -27.57 11.57 -33.92
C LEU A 465 -28.52 12.25 -32.95
N SER A 466 -28.18 13.44 -32.48
CA SER A 466 -28.95 14.14 -31.46
C SER A 466 -29.63 15.33 -32.11
N LYS A 467 -30.62 15.04 -32.94
CA LYS A 467 -31.41 16.11 -33.53
C LYS A 467 -32.71 16.38 -32.78
N LYS A 468 -33.17 15.45 -31.94
CA LYS A 468 -34.37 15.71 -31.15
C LYS A 468 -34.04 16.55 -29.93
N GLU A 469 -32.93 16.24 -29.27
CA GLU A 469 -32.56 16.91 -28.03
C GLU A 469 -32.16 18.35 -28.26
N LEU A 470 -31.71 18.70 -29.46
CA LEU A 470 -31.40 20.10 -29.72
C LEU A 470 -32.66 20.93 -29.86
N GLU A 471 -33.73 20.35 -30.42
CA GLU A 471 -35.01 21.06 -30.43
C GLU A 471 -35.62 21.09 -29.04
N GLN A 472 -35.31 20.10 -28.20
CA GLN A 472 -35.80 20.15 -26.83
C GLN A 472 -35.06 21.19 -25.99
N MET A 473 -33.77 21.41 -26.26
CA MET A 473 -33.07 22.50 -25.59
C MET A 473 -33.32 23.85 -26.25
N ASP A 474 -33.91 23.86 -27.45
CA ASP A 474 -34.29 25.14 -28.07
C ASP A 474 -35.68 25.56 -27.64
N VAL A 475 -36.62 24.63 -27.52
CA VAL A 475 -37.98 24.98 -27.14
C VAL A 475 -38.05 25.36 -25.67
N SER A 476 -37.41 24.59 -24.80
CA SER A 476 -37.46 24.85 -23.36
C SER A 476 -36.07 25.05 -22.79
N GLU B 10 -49.12 -5.33 -9.55
CA GLU B 10 -48.01 -5.35 -8.62
C GLU B 10 -47.14 -6.59 -8.82
N TRP B 11 -46.37 -6.59 -9.89
CA TRP B 11 -45.48 -7.71 -10.20
C TRP B 11 -44.02 -7.30 -10.25
N LYS B 12 -43.68 -6.26 -11.02
CA LYS B 12 -42.30 -5.81 -11.09
C LYS B 12 -41.85 -5.15 -9.80
N ARG B 13 -42.79 -4.64 -9.00
CA ARG B 13 -42.45 -4.08 -7.70
C ARG B 13 -42.00 -5.17 -6.73
N PHE B 14 -42.63 -6.34 -6.81
CA PHE B 14 -42.26 -7.43 -5.91
C PHE B 14 -40.88 -7.97 -6.22
N LEU B 15 -40.60 -8.22 -7.50
CA LEU B 15 -39.26 -8.66 -7.88
C LEU B 15 -38.24 -7.53 -7.80
N LYS B 16 -38.67 -6.29 -7.66
CA LYS B 16 -37.74 -5.22 -7.31
C LYS B 16 -37.37 -5.28 -5.84
N ASN B 17 -38.35 -5.44 -4.96
CA ASN B 17 -38.07 -5.52 -3.52
C ASN B 17 -37.48 -6.85 -3.09
N ASN B 18 -37.84 -7.94 -3.74
CA ASN B 18 -37.35 -9.27 -3.37
C ASN B 18 -36.51 -9.86 -4.49
N TRP B 19 -35.23 -9.52 -4.52
CA TRP B 19 -34.35 -10.09 -5.54
C TRP B 19 -33.17 -10.84 -4.99
N VAL B 20 -32.83 -10.68 -3.71
CA VAL B 20 -31.70 -11.41 -3.15
C VAL B 20 -32.09 -12.86 -2.89
N LEU B 21 -33.19 -13.05 -2.16
CA LEU B 21 -33.67 -14.39 -1.83
C LEU B 21 -34.11 -15.13 -3.09
N LEU B 22 -34.74 -14.44 -4.02
CA LEU B 22 -35.24 -15.10 -5.22
C LEU B 22 -34.13 -15.49 -6.17
N SER B 23 -33.09 -14.67 -6.30
CA SER B 23 -31.97 -15.05 -7.17
C SER B 23 -31.15 -16.16 -6.53
N THR B 24 -31.03 -16.17 -5.19
CA THR B 24 -30.31 -17.25 -4.53
C THR B 24 -31.04 -18.58 -4.68
N VAL B 25 -32.36 -18.59 -4.45
CA VAL B 25 -33.14 -19.81 -4.58
C VAL B 25 -33.20 -20.28 -6.04
N ALA B 26 -33.33 -19.34 -6.98
CA ALA B 26 -33.39 -19.71 -8.39
C ALA B 26 -32.05 -20.24 -8.88
N ALA B 27 -30.95 -19.68 -8.38
CA ALA B 27 -29.63 -20.18 -8.74
C ALA B 27 -29.40 -21.58 -8.21
N VAL B 28 -29.88 -21.85 -6.99
CA VAL B 28 -29.75 -23.18 -6.39
C VAL B 28 -30.52 -24.22 -7.21
N VAL B 29 -31.79 -23.93 -7.52
CA VAL B 29 -32.57 -24.92 -8.25
C VAL B 29 -32.16 -25.07 -9.72
N LEU B 30 -31.74 -23.99 -10.39
CA LEU B 30 -31.24 -24.13 -11.75
C LEU B 30 -29.90 -24.84 -11.78
N GLY B 31 -29.06 -24.65 -10.77
CA GLY B 31 -27.80 -25.36 -10.73
C GLY B 31 -27.97 -26.85 -10.49
N ILE B 32 -28.89 -27.22 -9.61
CA ILE B 32 -29.14 -28.63 -9.37
C ILE B 32 -29.78 -29.30 -10.59
N THR B 33 -30.72 -28.61 -11.26
CA THR B 33 -31.31 -29.25 -12.44
C THR B 33 -30.34 -29.29 -13.63
N THR B 34 -29.41 -28.34 -13.75
CA THR B 34 -28.48 -28.47 -14.86
C THR B 34 -27.36 -29.45 -14.55
N GLY B 35 -27.03 -29.65 -13.27
CA GLY B 35 -26.09 -30.71 -12.94
C GLY B 35 -26.67 -32.09 -13.18
N VAL B 36 -27.96 -32.25 -12.87
CA VAL B 36 -28.61 -33.54 -13.12
C VAL B 36 -28.78 -33.77 -14.62
N LEU B 37 -29.15 -32.74 -15.38
CA LEU B 37 -29.28 -32.93 -16.82
C LEU B 37 -27.96 -33.09 -17.54
N VAL B 38 -26.85 -32.59 -16.99
CA VAL B 38 -25.57 -32.80 -17.64
C VAL B 38 -25.00 -34.18 -17.30
N ARG B 39 -25.16 -34.61 -16.04
CA ARG B 39 -24.56 -35.87 -15.60
C ARG B 39 -25.23 -37.08 -16.24
N GLU B 40 -26.56 -37.08 -16.33
CA GLU B 40 -27.24 -38.20 -16.95
C GLU B 40 -27.48 -38.02 -18.44
N HIS B 41 -26.51 -37.47 -19.18
CA HIS B 41 -26.59 -37.31 -20.62
C HIS B 41 -25.24 -37.16 -21.30
N ARG B 42 -24.17 -36.89 -20.54
CA ARG B 42 -22.82 -36.75 -21.07
C ARG B 42 -21.84 -36.90 -19.91
N ASN B 43 -20.83 -37.72 -20.09
CA ASN B 43 -19.78 -37.88 -19.09
C ASN B 43 -18.60 -36.97 -19.41
N LEU B 44 -18.19 -36.17 -18.43
CA LEU B 44 -17.14 -35.18 -18.58
C LEU B 44 -15.83 -35.70 -18.01
N SER B 45 -14.72 -35.27 -18.61
CA SER B 45 -13.41 -35.68 -18.16
C SER B 45 -12.95 -34.80 -17.00
N THR B 46 -11.67 -34.87 -16.69
CA THR B 46 -11.14 -34.07 -15.59
C THR B 46 -10.85 -32.65 -16.05
N LEU B 47 -10.50 -32.48 -17.33
CA LEU B 47 -10.16 -31.15 -17.84
C LEU B 47 -11.40 -30.30 -18.04
N GLU B 48 -12.44 -30.86 -18.65
CA GLU B 48 -13.66 -30.10 -18.91
C GLU B 48 -14.59 -30.03 -17.71
N LYS B 49 -14.22 -30.64 -16.59
CA LYS B 49 -14.85 -30.32 -15.31
C LYS B 49 -14.21 -29.13 -14.64
N PHE B 50 -13.10 -28.64 -15.19
CA PHE B 50 -12.46 -27.43 -14.71
C PHE B 50 -12.88 -26.20 -15.50
N TYR B 51 -13.29 -26.38 -16.75
CA TYR B 51 -13.84 -25.28 -17.53
C TYR B 51 -15.31 -25.05 -17.25
N PHE B 52 -16.00 -26.05 -16.70
CA PHE B 52 -17.41 -25.88 -16.36
C PHE B 52 -17.59 -25.05 -15.10
N ALA B 53 -16.71 -25.20 -14.13
CA ALA B 53 -16.74 -24.42 -12.90
C ALA B 53 -15.78 -23.25 -12.98
N PHE B 54 -15.85 -22.49 -14.07
CA PHE B 54 -15.01 -21.31 -14.26
C PHE B 54 -15.68 -20.01 -13.82
N PRO B 55 -16.98 -19.74 -14.07
CA PRO B 55 -17.59 -18.54 -13.45
C PRO B 55 -17.57 -18.59 -11.93
N GLY B 56 -17.63 -19.78 -11.34
CA GLY B 56 -17.42 -19.88 -9.92
C GLY B 56 -16.01 -19.55 -9.49
N GLU B 57 -15.03 -19.84 -10.35
CA GLU B 57 -13.66 -19.45 -10.02
C GLU B 57 -13.49 -17.95 -10.09
N ILE B 58 -14.16 -17.30 -11.04
CA ILE B 58 -14.08 -15.85 -11.13
C ILE B 58 -14.79 -15.19 -9.95
N LEU B 59 -15.88 -15.80 -9.48
CA LEU B 59 -16.55 -15.26 -8.29
C LEU B 59 -15.72 -15.45 -7.03
N MET B 60 -15.07 -16.59 -6.89
CA MET B 60 -14.24 -16.81 -5.71
C MET B 60 -12.91 -16.07 -5.79
N ARG B 61 -12.55 -15.52 -6.96
CA ARG B 61 -11.46 -14.57 -7.02
C ARG B 61 -11.90 -13.16 -6.65
N MET B 62 -13.09 -12.76 -7.11
CA MET B 62 -13.60 -11.44 -6.78
C MET B 62 -13.94 -11.32 -5.30
N LEU B 63 -14.31 -12.42 -4.66
CA LEU B 63 -14.60 -12.35 -3.23
C LEU B 63 -13.34 -12.20 -2.40
N LYS B 64 -12.21 -12.71 -2.91
CA LYS B 64 -10.94 -12.57 -2.20
C LYS B 64 -10.22 -11.29 -2.56
N LEU B 65 -10.56 -10.66 -3.69
CA LEU B 65 -9.94 -9.40 -4.06
C LEU B 65 -10.33 -8.27 -3.13
N ILE B 66 -11.54 -8.34 -2.56
CA ILE B 66 -12.12 -7.22 -1.84
C ILE B 66 -11.90 -7.28 -0.33
N ILE B 67 -11.43 -8.40 0.22
CA ILE B 67 -11.37 -8.50 1.68
C ILE B 67 -10.24 -7.69 2.29
N LEU B 68 -9.25 -7.25 1.53
CA LEU B 68 -8.17 -6.50 2.15
C LEU B 68 -8.54 -5.04 2.40
N PRO B 69 -9.06 -4.24 1.45
CA PRO B 69 -9.52 -2.90 1.83
C PRO B 69 -10.76 -2.93 2.70
N LEU B 70 -11.54 -4.01 2.66
CA LEU B 70 -12.66 -4.17 3.55
C LEU B 70 -12.22 -4.32 4.98
N ILE B 71 -11.35 -5.30 5.29
CA ILE B 71 -10.97 -5.45 6.69
C ILE B 71 -9.97 -4.41 7.16
N ILE B 72 -9.44 -3.56 6.29
CA ILE B 72 -8.70 -2.42 6.79
C ILE B 72 -9.64 -1.28 7.13
N SER B 73 -10.37 -0.78 6.14
CA SER B 73 -11.16 0.43 6.32
C SER B 73 -12.36 0.20 7.23
N SER B 74 -13.02 -0.94 7.12
CA SER B 74 -14.22 -1.17 7.93
C SER B 74 -13.88 -1.39 9.39
N MET B 75 -12.77 -2.06 9.69
CA MET B 75 -12.37 -2.21 11.08
C MET B 75 -11.94 -0.88 11.70
N ILE B 76 -11.26 -0.04 10.91
CA ILE B 76 -10.81 1.27 11.42
C ILE B 76 -12.00 2.15 11.75
N THR B 77 -12.97 2.27 10.82
CA THR B 77 -14.12 3.13 11.12
C THR B 77 -15.04 2.52 12.15
N GLY B 78 -15.10 1.19 12.25
CA GLY B 78 -15.94 0.58 13.26
C GLY B 78 -15.45 0.87 14.66
N VAL B 79 -14.15 0.70 14.90
CA VAL B 79 -13.67 0.94 16.26
C VAL B 79 -13.56 2.44 16.55
N ALA B 80 -13.38 3.30 15.53
CA ALA B 80 -13.38 4.73 15.80
C ALA B 80 -14.77 5.25 16.14
N ALA B 81 -15.80 4.80 15.41
CA ALA B 81 -17.17 5.22 15.72
C ALA B 81 -17.66 4.60 17.02
N LEU B 82 -17.21 3.40 17.37
CA LEU B 82 -17.57 2.83 18.66
C LEU B 82 -16.91 3.58 19.80
N ASP B 83 -15.68 4.06 19.60
CA ASP B 83 -15.03 4.88 20.61
C ASP B 83 -15.73 6.23 20.74
N SER B 84 -16.20 6.79 19.63
CA SER B 84 -16.91 8.06 19.67
C SER B 84 -18.26 7.95 20.37
N ASN B 85 -18.96 6.84 20.18
CA ASN B 85 -20.29 6.70 20.79
C ASN B 85 -20.20 6.45 22.29
N VAL B 86 -19.18 5.71 22.74
CA VAL B 86 -19.10 5.34 24.15
C VAL B 86 -18.67 6.55 24.96
N SER B 87 -19.48 6.90 25.96
CA SER B 87 -19.24 8.07 26.80
C SER B 87 -18.90 7.70 28.23
N GLY B 88 -19.91 7.60 29.10
CA GLY B 88 -19.66 7.39 30.50
C GLY B 88 -19.41 5.95 30.90
N LYS B 89 -19.68 5.61 32.15
CA LYS B 89 -19.59 4.23 32.61
C LYS B 89 -20.87 3.47 32.35
N ILE B 90 -21.85 4.10 31.70
CA ILE B 90 -23.01 3.38 31.19
C ILE B 90 -22.79 2.91 29.77
N GLY B 91 -21.70 3.35 29.13
CA GLY B 91 -21.36 2.94 27.79
C GLY B 91 -20.19 1.96 27.77
N VAL B 92 -19.63 1.70 28.94
CA VAL B 92 -18.60 0.67 29.05
C VAL B 92 -19.24 -0.68 29.28
N ARG B 93 -20.26 -0.73 30.14
CA ARG B 93 -20.90 -1.98 30.52
C ARG B 93 -21.61 -2.63 29.34
N ALA B 94 -22.17 -1.83 28.43
CA ALA B 94 -22.81 -2.39 27.26
C ALA B 94 -21.79 -3.04 26.33
N VAL B 95 -20.61 -2.43 26.17
CA VAL B 95 -19.59 -2.99 25.30
C VAL B 95 -19.03 -4.28 25.89
N VAL B 96 -18.81 -4.30 27.20
CA VAL B 96 -18.33 -5.51 27.86
C VAL B 96 -19.37 -6.62 27.76
N TYR B 97 -20.65 -6.27 27.89
CA TYR B 97 -21.71 -7.27 27.78
C TYR B 97 -21.78 -7.85 26.36
N TYR B 98 -21.68 -6.98 25.35
CA TYR B 98 -21.71 -7.42 23.96
C TYR B 98 -20.59 -8.39 23.67
N PHE B 99 -19.39 -8.07 24.10
CA PHE B 99 -18.27 -8.92 23.71
C PHE B 99 -18.19 -10.19 24.53
N CYS B 100 -18.64 -10.18 25.79
CA CYS B 100 -18.71 -11.43 26.54
C CYS B 100 -19.76 -12.37 25.96
N THR B 101 -20.93 -11.87 25.55
CA THR B 101 -21.90 -12.80 24.99
C THR B 101 -21.53 -13.27 23.59
N THR B 102 -20.86 -12.44 22.78
CA THR B 102 -20.38 -12.92 21.49
C THR B 102 -19.31 -13.99 21.64
N LEU B 103 -18.42 -13.84 22.64
CA LEU B 103 -17.43 -14.88 22.88
C LEU B 103 -18.06 -16.16 23.40
N ILE B 104 -19.09 -16.06 24.23
CA ILE B 104 -19.77 -17.25 24.73
C ILE B 104 -20.50 -17.97 23.61
N ALA B 105 -21.08 -17.22 22.67
CA ALA B 105 -21.75 -17.84 21.53
C ALA B 105 -20.77 -18.56 20.61
N VAL B 106 -19.61 -17.96 20.37
CA VAL B 106 -18.60 -18.60 19.53
C VAL B 106 -18.07 -19.88 20.18
N ILE B 107 -17.83 -19.84 21.50
CA ILE B 107 -17.33 -21.01 22.21
C ILE B 107 -18.36 -22.15 22.21
N LEU B 108 -19.64 -21.80 22.40
CA LEU B 108 -20.69 -22.81 22.33
C LEU B 108 -20.80 -23.43 20.95
N GLY B 109 -20.63 -22.61 19.90
CA GLY B 109 -20.66 -23.15 18.55
C GLY B 109 -19.51 -24.07 18.25
N ILE B 110 -18.31 -23.75 18.73
CA ILE B 110 -17.14 -24.59 18.52
C ILE B 110 -17.29 -25.93 19.24
N VAL B 111 -17.77 -25.90 20.49
CA VAL B 111 -17.98 -27.12 21.26
C VAL B 111 -19.03 -28.01 20.60
N LEU B 112 -20.11 -27.41 20.10
CA LEU B 112 -21.15 -28.19 19.45
C LEU B 112 -20.70 -28.77 18.12
N VAL B 113 -19.88 -28.05 17.35
CA VAL B 113 -19.52 -28.57 16.05
C VAL B 113 -18.42 -29.61 16.15
N VAL B 114 -17.54 -29.55 17.17
CA VAL B 114 -16.58 -30.63 17.30
C VAL B 114 -17.11 -31.78 18.14
N SER B 115 -18.28 -31.62 18.77
CA SER B 115 -18.87 -32.77 19.42
C SER B 115 -19.83 -33.53 18.52
N ILE B 116 -20.66 -32.83 17.75
CA ILE B 116 -21.60 -33.53 16.86
C ILE B 116 -20.85 -34.12 15.66
N LYS B 117 -19.88 -33.38 15.14
CA LYS B 117 -19.10 -33.65 13.94
C LYS B 117 -19.97 -33.88 12.71
N PRO B 118 -20.45 -32.83 12.05
CA PRO B 118 -20.98 -32.99 10.69
C PRO B 118 -19.88 -32.80 9.67
N GLY B 119 -19.82 -33.70 8.70
CA GLY B 119 -18.86 -33.62 7.62
C GLY B 119 -17.88 -34.77 7.57
N VAL B 120 -17.61 -35.41 8.70
CA VAL B 120 -16.79 -36.60 8.67
C VAL B 120 -17.67 -37.80 8.36
N THR B 121 -17.16 -38.67 7.50
CA THR B 121 -17.93 -39.78 6.97
C THR B 121 -17.86 -40.97 7.91
N GLN B 122 -18.97 -41.69 8.02
CA GLN B 122 -19.05 -42.86 8.88
C GLN B 122 -18.53 -44.10 8.15
N VAL B 136 6.43 -31.61 16.06
CA VAL B 136 5.34 -30.64 16.17
C VAL B 136 4.78 -30.66 17.59
N SER B 137 4.54 -29.47 18.14
CA SER B 137 3.93 -29.38 19.45
C SER B 137 2.70 -28.49 19.35
N THR B 138 1.92 -28.47 20.42
CA THR B 138 0.83 -27.53 20.56
C THR B 138 1.25 -26.30 21.34
N VAL B 139 2.53 -26.14 21.62
CA VAL B 139 3.05 -24.89 22.14
C VAL B 139 3.48 -23.98 21.00
N ASP B 140 4.01 -24.57 19.93
CA ASP B 140 4.45 -23.76 18.81
C ASP B 140 3.28 -23.17 18.05
N ALA B 141 2.12 -23.84 18.05
CA ALA B 141 0.93 -23.25 17.44
C ALA B 141 0.43 -22.07 18.27
N MET B 142 0.40 -22.24 19.60
CA MET B 142 -0.05 -21.17 20.47
C MET B 142 0.94 -20.03 20.56
N LEU B 143 2.19 -20.23 20.16
CA LEU B 143 3.14 -19.13 20.06
C LEU B 143 3.17 -18.49 18.69
N ASP B 144 2.88 -19.22 17.62
CA ASP B 144 2.68 -18.59 16.32
C ASP B 144 1.42 -17.76 16.29
N LEU B 145 0.46 -18.09 17.15
CA LEU B 145 -0.74 -17.27 17.29
C LEU B 145 -0.42 -15.87 17.81
N ILE B 146 0.63 -15.74 18.63
CA ILE B 146 1.02 -14.42 19.12
C ILE B 146 2.07 -13.81 18.21
N ARG B 147 2.83 -14.63 17.50
CA ARG B 147 3.79 -14.09 16.54
C ARG B 147 3.09 -13.56 15.31
N ASN B 148 1.86 -13.98 15.05
CA ASN B 148 1.14 -13.50 13.89
C ASN B 148 0.29 -12.27 14.19
N MET B 149 0.11 -11.93 15.46
CA MET B 149 -0.59 -10.70 15.80
C MET B 149 0.29 -9.48 15.65
N PHE B 150 1.60 -9.66 15.63
CA PHE B 150 2.56 -8.57 15.46
C PHE B 150 3.52 -8.95 14.34
N PRO B 151 3.16 -8.69 13.09
CA PRO B 151 4.02 -9.09 11.97
C PRO B 151 5.28 -8.24 11.90
N GLU B 152 6.31 -8.79 11.26
CA GLU B 152 7.56 -8.05 11.12
C GLU B 152 7.54 -7.06 9.98
N ASN B 153 6.50 -7.05 9.17
CA ASN B 153 6.34 -6.07 8.11
C ASN B 153 4.87 -5.96 7.82
N LEU B 154 4.44 -4.76 7.43
CA LEU B 154 3.04 -4.47 7.35
C LEU B 154 2.50 -4.59 5.93
N VAL B 155 3.33 -4.42 4.91
CA VAL B 155 2.93 -4.71 3.55
C VAL B 155 2.93 -6.20 3.30
N GLN B 156 3.91 -6.91 3.86
CA GLN B 156 3.95 -8.36 3.73
C GLN B 156 2.87 -9.06 4.53
N ALA B 157 2.24 -8.39 5.49
CA ALA B 157 1.14 -9.01 6.22
C ALA B 157 -0.10 -9.12 5.35
N CYS B 158 -0.16 -8.41 4.24
CA CYS B 158 -1.28 -8.52 3.34
C CYS B 158 -1.19 -9.73 2.42
N PHE B 159 -0.15 -10.56 2.52
CA PHE B 159 -0.16 -11.81 1.78
C PHE B 159 0.59 -12.98 2.40
N GLN B 160 1.33 -12.84 3.50
CA GLN B 160 2.03 -14.02 4.00
C GLN B 160 2.02 -14.09 5.51
N GLN B 161 1.96 -15.33 6.02
CA GLN B 161 1.90 -15.64 7.44
C GLN B 161 3.19 -16.30 7.90
N TYR B 162 3.33 -16.41 9.21
CA TYR B 162 4.48 -17.03 9.85
C TYR B 162 4.17 -18.47 10.22
N LYS B 163 5.22 -19.29 10.27
CA LYS B 163 5.05 -20.66 10.75
C LYS B 163 6.38 -21.14 11.29
N THR B 164 6.40 -21.58 12.53
CA THR B 164 7.62 -22.11 13.13
C THR B 164 7.59 -23.63 13.16
N LYS B 165 8.78 -24.19 13.09
CA LYS B 165 9.00 -25.62 12.99
C LYS B 165 10.15 -25.99 13.90
N ARG B 166 9.93 -26.97 14.77
CA ARG B 166 10.93 -27.42 15.71
C ARG B 166 11.76 -28.51 15.04
N GLU B 167 13.00 -28.18 14.67
CA GLU B 167 13.89 -29.14 14.04
C GLU B 167 15.02 -29.50 14.99
N GLU B 168 15.78 -30.51 14.62
CA GLU B 168 16.81 -31.08 15.49
C GLU B 168 18.19 -30.71 14.98
N VAL B 169 19.00 -30.14 15.86
CA VAL B 169 20.39 -29.80 15.56
C VAL B 169 21.25 -31.02 15.90
N LYS B 170 22.27 -31.28 15.07
CA LYS B 170 23.19 -32.37 15.31
C LYS B 170 24.58 -31.95 14.85
N PRO B 171 25.57 -31.92 15.76
CA PRO B 171 26.93 -31.44 15.44
C PRO B 171 27.71 -32.39 14.54
N LYS B 196 23.00 -37.89 25.53
CA LYS B 196 22.12 -38.87 24.90
C LYS B 196 20.77 -38.25 24.55
N THR B 197 20.43 -37.15 25.22
CA THR B 197 19.18 -36.46 24.97
C THR B 197 19.26 -35.64 23.69
N LYS B 198 18.12 -35.50 23.03
CA LYS B 198 18.04 -34.75 21.79
C LYS B 198 18.09 -33.25 22.06
N GLU B 199 18.66 -32.51 21.11
CA GLU B 199 18.70 -31.06 21.17
C GLU B 199 17.88 -30.51 20.02
N TYR B 200 17.12 -29.46 20.27
CA TYR B 200 16.20 -28.92 19.28
C TYR B 200 16.42 -27.43 19.11
N LYS B 201 15.84 -26.91 18.04
CA LYS B 201 16.05 -25.55 17.60
C LYS B 201 14.84 -25.18 16.76
N ILE B 202 14.34 -23.96 16.92
CA ILE B 202 13.12 -23.52 16.25
C ILE B 202 13.48 -22.67 15.05
N VAL B 203 12.99 -23.04 13.87
CA VAL B 203 13.16 -22.22 12.67
C VAL B 203 11.80 -21.65 12.28
N GLY B 204 11.83 -20.63 11.44
CA GLY B 204 10.61 -19.96 11.03
C GLY B 204 10.61 -19.68 9.55
N MET B 205 9.43 -19.76 8.95
CA MET B 205 9.30 -19.53 7.53
C MET B 205 7.99 -18.81 7.26
N TYR B 206 8.00 -17.95 6.26
CA TYR B 206 6.83 -17.18 5.88
C TYR B 206 6.11 -17.88 4.74
N SER B 207 5.02 -18.54 5.05
CA SER B 207 4.23 -19.24 4.06
C SER B 207 3.18 -18.29 3.50
N ASP B 208 2.57 -18.66 2.39
CA ASP B 208 1.67 -17.77 1.69
C ASP B 208 0.29 -17.78 2.34
N GLY B 209 -0.50 -16.75 2.02
CA GLY B 209 -1.83 -16.61 2.57
C GLY B 209 -1.97 -15.37 3.44
N ILE B 210 -3.10 -14.67 3.37
CA ILE B 210 -3.25 -13.38 4.03
C ILE B 210 -3.25 -13.56 5.55
N ASN B 211 -2.83 -12.51 6.26
CA ASN B 211 -2.68 -12.54 7.71
C ASN B 211 -3.77 -11.68 8.31
N VAL B 212 -4.94 -12.27 8.53
CA VAL B 212 -6.10 -11.50 9.00
C VAL B 212 -5.93 -11.08 10.45
N LEU B 213 -5.19 -11.85 11.25
CA LEU B 213 -5.04 -11.52 12.65
C LEU B 213 -4.17 -10.29 12.85
N GLY B 214 -3.10 -10.17 12.07
CA GLY B 214 -2.25 -9.00 12.18
C GLY B 214 -2.91 -7.73 11.69
N LEU B 215 -3.70 -7.83 10.62
CA LEU B 215 -4.43 -6.68 10.12
C LEU B 215 -5.55 -6.28 11.05
N ILE B 216 -6.24 -7.24 11.66
CA ILE B 216 -7.29 -6.91 12.63
C ILE B 216 -6.70 -6.21 13.85
N VAL B 217 -5.56 -6.69 14.36
CA VAL B 217 -4.97 -6.07 15.54
C VAL B 217 -4.41 -4.68 15.23
N PHE B 218 -3.74 -4.52 14.08
CA PHE B 218 -3.21 -3.21 13.77
C PHE B 218 -4.30 -2.20 13.44
N CYS B 219 -5.39 -2.62 12.78
CA CYS B 219 -6.46 -1.67 12.52
C CYS B 219 -7.26 -1.35 13.76
N LEU B 220 -7.33 -2.25 14.75
CA LEU B 220 -7.95 -1.91 16.02
C LEU B 220 -7.14 -0.86 16.78
N VAL B 221 -5.82 -1.04 16.86
CA VAL B 221 -4.99 -0.06 17.58
C VAL B 221 -4.94 1.26 16.83
N PHE B 222 -4.83 1.22 15.49
CA PHE B 222 -4.82 2.44 14.70
C PHE B 222 -6.14 3.19 14.76
N GLY B 223 -7.26 2.47 14.82
CA GLY B 223 -8.54 3.14 14.92
C GLY B 223 -8.75 3.79 16.25
N LEU B 224 -8.31 3.14 17.33
CA LEU B 224 -8.40 3.78 18.65
C LEU B 224 -7.50 5.01 18.73
N VAL B 225 -6.31 4.94 18.13
CA VAL B 225 -5.39 6.06 18.20
C VAL B 225 -5.91 7.26 17.42
N ILE B 226 -6.38 7.05 16.18
CA ILE B 226 -6.91 8.20 15.43
C ILE B 226 -8.30 8.60 15.86
N GLY B 227 -8.98 7.81 16.69
CA GLY B 227 -10.22 8.29 17.27
C GLY B 227 -9.99 9.11 18.51
N LYS B 228 -8.96 8.81 19.27
CA LYS B 228 -8.66 9.59 20.46
C LYS B 228 -7.75 10.78 20.18
N MET B 229 -7.32 10.99 18.94
CA MET B 229 -6.48 12.15 18.64
C MET B 229 -7.31 13.41 18.54
N GLY B 230 -8.59 13.27 18.30
CA GLY B 230 -9.51 14.39 18.44
C GLY B 230 -9.73 15.13 17.11
N GLU B 231 -9.03 16.25 16.94
CA GLU B 231 -9.22 17.14 15.81
C GLU B 231 -8.07 17.05 14.83
N LYS B 232 -6.87 16.72 15.30
CA LYS B 232 -5.72 16.61 14.43
C LYS B 232 -5.73 15.35 13.60
N GLY B 233 -6.59 14.38 13.93
CA GLY B 233 -6.71 13.18 13.13
C GLY B 233 -8.16 12.98 12.75
N GLN B 234 -8.77 14.02 12.20
CA GLN B 234 -10.10 13.94 11.64
C GLN B 234 -10.07 13.71 10.15
N ILE B 235 -8.98 14.12 9.50
CA ILE B 235 -8.78 13.82 8.09
C ILE B 235 -8.61 12.33 7.87
N LEU B 236 -8.03 11.61 8.83
CA LEU B 236 -7.87 10.17 8.71
C LEU B 236 -9.19 9.45 8.90
N VAL B 237 -10.02 9.92 9.83
CA VAL B 237 -11.34 9.32 10.04
C VAL B 237 -12.23 9.55 8.84
N ASP B 238 -12.14 10.73 8.22
CA ASP B 238 -12.90 11.01 7.01
C ASP B 238 -12.45 10.16 5.83
N PHE B 239 -11.13 10.00 5.67
CA PHE B 239 -10.59 9.20 4.58
C PHE B 239 -11.01 7.74 4.71
N PHE B 240 -10.87 7.16 5.91
CA PHE B 240 -11.24 5.76 6.04
C PHE B 240 -12.75 5.55 6.06
N ASN B 241 -13.53 6.56 6.41
CA ASN B 241 -14.98 6.41 6.34
C ASN B 241 -15.46 6.40 4.90
N ALA B 242 -14.93 7.29 4.06
CA ALA B 242 -15.27 7.24 2.64
C ALA B 242 -14.74 6.00 1.97
N LEU B 243 -13.58 5.50 2.40
CA LEU B 243 -13.07 4.25 1.85
C LEU B 243 -13.94 3.06 2.23
N SER B 244 -14.52 3.07 3.44
CA SER B 244 -15.44 2.02 3.83
C SER B 244 -16.72 2.05 3.03
N ASP B 245 -17.27 3.24 2.75
CA ASP B 245 -18.46 3.33 1.90
C ASP B 245 -18.18 2.84 0.48
N ALA B 246 -17.06 3.27 -0.10
CA ALA B 246 -16.72 2.83 -1.45
C ALA B 246 -16.37 1.36 -1.52
N THR B 247 -16.05 0.72 -0.40
CA THR B 247 -15.81 -0.73 -0.44
C THR B 247 -17.10 -1.52 -0.25
N MET B 248 -18.04 -1.00 0.55
CA MET B 248 -19.35 -1.67 0.63
C MET B 248 -20.10 -1.62 -0.69
N LYS B 249 -19.89 -0.57 -1.48
CA LYS B 249 -20.57 -0.54 -2.78
C LYS B 249 -19.98 -1.56 -3.76
N ILE B 250 -18.67 -1.83 -3.71
CA ILE B 250 -18.12 -2.86 -4.58
C ILE B 250 -18.51 -4.25 -4.09
N VAL B 251 -18.72 -4.42 -2.78
CA VAL B 251 -19.25 -5.69 -2.28
C VAL B 251 -20.68 -5.91 -2.79
N GLN B 252 -21.47 -4.84 -2.89
CA GLN B 252 -22.79 -4.99 -3.48
C GLN B 252 -22.75 -5.28 -4.97
N ILE B 253 -21.75 -4.78 -5.68
CA ILE B 253 -21.59 -5.12 -7.10
C ILE B 253 -21.25 -6.61 -7.29
N ILE B 254 -20.32 -7.10 -6.46
CA ILE B 254 -19.95 -8.52 -6.52
C ILE B 254 -21.13 -9.41 -6.17
N MET B 255 -21.95 -9.02 -5.19
CA MET B 255 -23.13 -9.80 -4.88
C MET B 255 -24.23 -9.63 -5.91
N CYS B 256 -24.16 -8.62 -6.78
CA CYS B 256 -25.02 -8.64 -7.95
C CYS B 256 -24.55 -9.69 -8.95
N TYR B 257 -23.23 -9.93 -9.03
CA TYR B 257 -22.76 -10.98 -9.93
C TYR B 257 -23.02 -12.39 -9.39
N MET B 258 -23.00 -12.57 -8.06
CA MET B 258 -22.97 -13.86 -7.36
C MET B 258 -23.87 -15.00 -7.87
N PRO B 259 -25.18 -14.82 -8.20
CA PRO B 259 -26.00 -15.99 -8.55
C PRO B 259 -25.56 -16.72 -9.81
N LEU B 260 -25.04 -15.99 -10.79
CA LEU B 260 -24.45 -16.63 -11.97
C LEU B 260 -23.19 -17.42 -11.63
N GLY B 261 -22.56 -17.13 -10.50
CA GLY B 261 -21.41 -17.90 -10.08
C GLY B 261 -21.80 -19.14 -9.31
N ILE B 262 -22.71 -18.99 -8.34
CA ILE B 262 -23.07 -20.16 -7.55
C ILE B 262 -23.96 -21.13 -8.30
N LEU B 263 -24.55 -20.73 -9.42
CA LEU B 263 -25.23 -21.70 -10.30
C LEU B 263 -24.22 -22.70 -10.85
N PHE B 264 -23.11 -22.21 -11.37
CA PHE B 264 -22.10 -23.10 -11.92
C PHE B 264 -21.34 -23.84 -10.84
N LEU B 265 -21.18 -23.25 -9.65
CA LEU B 265 -20.51 -23.97 -8.59
C LEU B 265 -21.37 -25.11 -8.05
N ILE B 266 -22.69 -24.90 -7.94
CA ILE B 266 -23.57 -25.98 -7.52
C ILE B 266 -23.66 -27.06 -8.59
N ALA B 267 -23.71 -26.66 -9.87
CA ALA B 267 -23.70 -27.63 -10.96
C ALA B 267 -22.42 -28.44 -10.99
N GLY B 268 -21.28 -27.81 -10.70
CA GLY B 268 -20.03 -28.53 -10.61
C GLY B 268 -19.80 -29.27 -9.32
N LYS B 269 -20.66 -29.10 -8.32
CA LYS B 269 -20.52 -29.88 -7.09
C LYS B 269 -21.52 -31.02 -7.00
N ILE B 270 -22.44 -31.15 -7.93
CA ILE B 270 -23.25 -32.37 -8.02
C ILE B 270 -22.91 -33.15 -9.29
N ILE B 271 -21.87 -32.75 -10.00
CA ILE B 271 -21.39 -33.51 -11.13
C ILE B 271 -20.42 -34.59 -10.67
N GLU B 272 -19.81 -34.46 -9.49
CA GLU B 272 -19.00 -35.50 -8.89
C GLU B 272 -19.74 -36.31 -7.84
N VAL B 273 -21.00 -36.03 -7.57
CA VAL B 273 -21.71 -36.76 -6.54
C VAL B 273 -22.10 -38.13 -7.10
N GLU B 274 -22.15 -39.10 -6.23
CA GLU B 274 -22.61 -40.45 -6.52
C GLU B 274 -23.51 -40.99 -5.42
N ASP B 275 -22.99 -41.11 -4.20
CA ASP B 275 -23.74 -41.60 -3.06
C ASP B 275 -24.47 -40.39 -2.48
N TRP B 276 -25.76 -40.58 -2.16
CA TRP B 276 -26.59 -39.50 -1.62
C TRP B 276 -26.22 -39.23 -0.16
N GLU B 277 -25.08 -38.57 0.01
CA GLU B 277 -24.46 -38.50 1.33
C GLU B 277 -24.02 -37.10 1.72
N ILE B 278 -23.75 -36.19 0.78
CA ILE B 278 -23.42 -34.83 1.18
C ILE B 278 -24.67 -34.08 1.62
N PHE B 279 -25.86 -34.55 1.24
CA PHE B 279 -27.08 -33.91 1.70
C PHE B 279 -27.35 -34.23 3.15
N ARG B 280 -26.91 -35.40 3.62
CA ARG B 280 -27.01 -35.69 5.05
C ARG B 280 -26.03 -34.86 5.86
N LYS B 281 -24.87 -34.55 5.27
CA LYS B 281 -23.93 -33.65 5.94
C LYS B 281 -24.51 -32.24 6.03
N LEU B 282 -25.22 -31.80 4.99
CA LEU B 282 -25.90 -30.51 5.08
C LEU B 282 -27.02 -30.52 6.12
N GLY B 283 -27.76 -31.62 6.22
CA GLY B 283 -28.81 -31.71 7.22
C GLY B 283 -28.26 -31.70 8.65
N LEU B 284 -27.11 -32.34 8.84
CA LEU B 284 -26.49 -32.29 10.16
C LEU B 284 -25.89 -30.92 10.46
N TYR B 285 -25.44 -30.18 9.44
CA TYR B 285 -24.96 -28.82 9.68
C TYR B 285 -26.11 -27.90 10.07
N MET B 286 -27.26 -28.03 9.41
CA MET B 286 -28.46 -27.30 9.83
C MET B 286 -28.88 -27.66 11.24
N ALA B 287 -28.81 -28.94 11.60
CA ALA B 287 -29.18 -29.35 12.95
C ALA B 287 -28.23 -28.77 13.99
N THR B 288 -26.94 -28.69 13.68
CA THR B 288 -25.97 -28.14 14.62
C THR B 288 -26.17 -26.63 14.81
N VAL B 289 -26.38 -25.88 13.73
CA VAL B 289 -26.62 -24.44 13.85
C VAL B 289 -27.93 -24.17 14.59
N LEU B 290 -28.99 -24.93 14.29
CA LEU B 290 -30.26 -24.68 14.95
C LEU B 290 -30.24 -25.09 16.41
N THR B 291 -29.54 -26.16 16.79
CA THR B 291 -29.46 -26.45 18.21
C THR B 291 -28.48 -25.52 18.92
N GLY B 292 -27.52 -24.93 18.22
CA GLY B 292 -26.68 -23.92 18.84
C GLY B 292 -27.43 -22.66 19.17
N LEU B 293 -28.26 -22.19 18.24
CA LEU B 293 -29.12 -21.06 18.53
C LEU B 293 -30.19 -21.40 19.57
N ALA B 294 -30.67 -22.65 19.56
CA ALA B 294 -31.74 -23.02 20.47
C ALA B 294 -31.26 -23.18 21.90
N ILE B 295 -30.00 -23.56 22.10
CA ILE B 295 -29.49 -23.58 23.48
C ILE B 295 -28.64 -22.37 23.81
N HIS B 296 -28.46 -21.44 22.88
CA HIS B 296 -27.92 -20.13 23.25
C HIS B 296 -29.01 -19.15 23.63
N SER B 297 -30.20 -19.25 23.05
CA SER B 297 -31.25 -18.30 23.37
C SER B 297 -32.26 -18.84 24.37
N ILE B 298 -31.97 -19.95 25.03
CA ILE B 298 -32.83 -20.48 26.08
C ILE B 298 -32.06 -20.73 27.37
N VAL B 299 -30.84 -21.25 27.28
CA VAL B 299 -30.11 -21.69 28.45
C VAL B 299 -29.04 -20.68 28.87
N ILE B 300 -28.43 -19.96 27.93
CA ILE B 300 -27.30 -19.13 28.30
C ILE B 300 -27.74 -17.69 28.59
N LEU B 301 -28.48 -17.07 27.68
CA LEU B 301 -28.88 -15.68 27.87
C LEU B 301 -29.87 -15.48 29.03
N PRO B 302 -30.89 -16.33 29.24
CA PRO B 302 -31.65 -16.21 30.50
C PRO B 302 -30.86 -16.52 31.75
N LEU B 303 -29.80 -17.34 31.67
CA LEU B 303 -28.98 -17.56 32.86
C LEU B 303 -28.16 -16.31 33.19
N ILE B 304 -27.66 -15.63 32.17
CA ILE B 304 -26.96 -14.36 32.39
C ILE B 304 -27.89 -13.33 33.00
N TYR B 305 -29.12 -13.25 32.47
CA TYR B 305 -30.12 -12.35 33.04
C TYR B 305 -30.48 -12.70 34.48
N PHE B 306 -30.57 -13.99 34.80
CA PHE B 306 -30.94 -14.36 36.15
C PHE B 306 -29.82 -14.13 37.14
N ILE B 307 -28.56 -14.34 36.75
CA ILE B 307 -27.52 -14.12 37.75
C ILE B 307 -27.13 -12.66 37.86
N VAL B 308 -27.47 -11.81 36.89
CA VAL B 308 -27.18 -10.39 37.07
C VAL B 308 -28.36 -9.65 37.67
N VAL B 309 -29.55 -9.77 37.07
CA VAL B 309 -30.69 -8.97 37.47
C VAL B 309 -31.43 -9.56 38.67
N ARG B 310 -31.35 -10.89 38.83
CA ARG B 310 -32.07 -11.67 39.87
C ARG B 310 -33.58 -11.47 39.77
N LYS B 311 -34.09 -11.41 38.55
CA LYS B 311 -35.52 -11.43 38.28
C LYS B 311 -35.80 -12.48 37.21
N ASN B 312 -37.07 -12.68 36.90
CA ASN B 312 -37.45 -13.78 36.00
C ASN B 312 -37.18 -13.39 34.57
N PRO B 313 -36.39 -14.16 33.81
CA PRO B 313 -36.12 -13.79 32.42
C PRO B 313 -37.26 -14.08 31.47
N PHE B 314 -38.15 -15.01 31.80
CA PHE B 314 -39.19 -15.36 30.85
C PHE B 314 -40.35 -14.37 30.88
N ARG B 315 -40.64 -13.77 32.03
CA ARG B 315 -41.59 -12.65 32.05
C ARG B 315 -41.03 -11.44 31.33
N PHE B 316 -39.70 -11.31 31.29
CA PHE B 316 -39.08 -10.28 30.46
C PHE B 316 -39.24 -10.61 28.98
N ALA B 317 -38.88 -11.84 28.60
CA ALA B 317 -38.83 -12.20 27.19
C ALA B 317 -40.21 -12.39 26.58
N MET B 318 -41.25 -12.58 27.40
CA MET B 318 -42.61 -12.66 26.88
C MET B 318 -43.09 -11.29 26.43
N GLY B 319 -42.50 -10.22 26.97
CA GLY B 319 -42.82 -8.89 26.50
C GLY B 319 -42.16 -8.49 25.20
N MET B 320 -41.23 -9.29 24.68
CA MET B 320 -40.55 -8.99 23.43
C MET B 320 -41.12 -9.78 22.26
N ALA B 321 -42.35 -10.26 22.38
CA ALA B 321 -42.89 -11.19 21.38
C ALA B 321 -43.14 -10.50 20.04
N GLN B 322 -43.56 -9.24 20.07
CA GLN B 322 -43.78 -8.50 18.82
C GLN B 322 -42.47 -8.25 18.11
N ALA B 323 -41.41 -7.94 18.87
CA ALA B 323 -40.10 -7.71 18.27
C ALA B 323 -39.51 -8.99 17.70
N LEU B 324 -39.73 -10.12 18.36
CA LEU B 324 -39.18 -11.38 17.87
C LEU B 324 -39.92 -11.88 16.64
N LEU B 325 -41.25 -11.77 16.62
CA LEU B 325 -41.99 -12.16 15.42
C LEU B 325 -41.73 -11.20 14.26
N THR B 326 -41.48 -9.92 14.56
CA THR B 326 -41.11 -9.00 13.50
C THR B 326 -39.74 -9.32 12.93
N ALA B 327 -38.76 -9.59 13.81
CA ALA B 327 -37.43 -9.98 13.34
C ALA B 327 -37.42 -11.31 12.62
N LEU B 328 -38.40 -12.17 12.85
CA LEU B 328 -38.57 -13.32 11.97
C LEU B 328 -39.16 -12.92 10.62
N MET B 329 -40.15 -12.04 10.61
CA MET B 329 -40.84 -11.76 9.34
C MET B 329 -39.99 -10.90 8.41
N ILE B 330 -39.64 -9.69 8.83
CA ILE B 330 -38.58 -8.97 8.14
C ILE B 330 -37.23 -9.45 8.65
N SER B 331 -36.35 -9.82 7.75
CA SER B 331 -35.15 -10.53 8.15
C SER B 331 -33.95 -9.61 8.28
N SER B 332 -34.05 -8.59 9.12
CA SER B 332 -32.91 -7.73 9.41
C SER B 332 -33.10 -7.13 10.80
N SER B 333 -32.03 -7.15 11.59
CA SER B 333 -32.16 -6.76 12.98
C SER B 333 -31.96 -5.27 13.17
N SER B 334 -31.83 -4.51 12.09
CA SER B 334 -31.72 -3.07 12.17
C SER B 334 -32.96 -2.35 11.67
N ALA B 335 -33.85 -3.06 10.97
CA ALA B 335 -35.12 -2.48 10.58
C ALA B 335 -36.25 -2.84 11.52
N THR B 336 -36.03 -3.81 12.40
CA THR B 336 -36.95 -4.09 13.50
C THR B 336 -36.60 -3.30 14.75
N LEU B 337 -35.79 -2.26 14.59
CA LEU B 337 -35.40 -1.43 15.73
C LEU B 337 -36.53 -0.62 16.37
N PRO B 338 -37.49 0.00 15.67
CA PRO B 338 -38.54 0.70 16.40
C PRO B 338 -39.48 -0.21 17.16
N VAL B 339 -39.66 -1.44 16.66
CA VAL B 339 -40.53 -2.40 17.33
C VAL B 339 -39.92 -2.85 18.65
N THR B 340 -38.61 -3.06 18.67
CA THR B 340 -37.98 -3.38 19.95
C THR B 340 -37.73 -2.15 20.80
N PHE B 341 -37.81 -0.95 20.22
CA PHE B 341 -37.85 0.24 21.07
C PHE B 341 -39.15 0.31 21.84
N ARG B 342 -40.28 0.12 21.17
CA ARG B 342 -41.57 0.25 21.85
C ARG B 342 -41.97 -0.99 22.62
N CYS B 343 -41.16 -2.05 22.61
CA CYS B 343 -41.45 -3.24 23.39
C CYS B 343 -40.58 -3.35 24.64
N ALA B 344 -39.59 -2.48 24.79
CA ALA B 344 -38.75 -2.45 25.98
C ALA B 344 -39.05 -1.27 26.89
N GLU B 345 -39.35 -0.11 26.32
CA GLU B 345 -39.70 1.05 27.13
C GLU B 345 -41.15 1.01 27.57
N GLU B 346 -42.00 0.26 26.87
CA GLU B 346 -43.43 0.24 27.18
C GLU B 346 -43.86 -1.10 27.77
N ASN B 347 -43.60 -2.20 27.04
CA ASN B 347 -44.08 -3.51 27.46
C ASN B 347 -43.32 -4.04 28.68
N ASN B 348 -42.12 -3.53 28.93
CA ASN B 348 -41.44 -3.73 30.20
C ASN B 348 -41.40 -2.40 30.94
N GLN B 349 -40.39 -2.23 31.77
CA GLN B 349 -40.19 -0.98 32.50
C GLN B 349 -38.71 -0.61 32.50
N VAL B 350 -38.22 -0.22 31.35
CA VAL B 350 -36.82 0.09 31.17
C VAL B 350 -36.69 1.61 31.02
N ASP B 351 -35.70 2.20 31.68
CA ASP B 351 -35.43 3.62 31.53
C ASP B 351 -34.99 3.94 30.10
N LYS B 352 -35.54 5.02 29.55
CA LYS B 352 -35.23 5.40 28.18
C LYS B 352 -33.81 5.92 28.03
N ARG B 353 -33.19 6.39 29.12
CA ARG B 353 -31.84 6.93 29.07
C ARG B 353 -30.79 5.86 28.78
N ILE B 354 -31.11 4.58 29.04
CA ILE B 354 -30.23 3.49 28.65
C ILE B 354 -30.69 2.82 27.36
N THR B 355 -31.97 2.93 27.01
CA THR B 355 -32.48 2.33 25.78
C THR B 355 -32.04 3.15 24.59
N ARG B 356 -31.87 4.46 24.76
CA ARG B 356 -31.39 5.30 23.67
C ARG B 356 -29.91 5.08 23.36
N PHE B 357 -29.18 4.34 24.18
CA PHE B 357 -27.80 3.99 23.87
C PHE B 357 -27.63 2.52 23.49
N VAL B 358 -28.19 1.60 24.29
CA VAL B 358 -27.87 0.18 24.12
C VAL B 358 -28.44 -0.37 22.83
N LEU B 359 -29.67 -0.03 22.50
CA LEU B 359 -30.29 -0.58 21.30
C LEU B 359 -29.76 -0.03 19.97
N PRO B 360 -29.41 1.25 19.79
CA PRO B 360 -28.81 1.64 18.50
C PRO B 360 -27.37 1.19 18.34
N VAL B 361 -26.66 0.88 19.41
CA VAL B 361 -25.30 0.37 19.28
C VAL B 361 -25.33 -1.13 19.07
N GLY B 362 -26.09 -1.85 19.89
CA GLY B 362 -26.19 -3.28 19.79
C GLY B 362 -26.90 -3.81 18.58
N ALA B 363 -27.55 -2.96 17.80
CA ALA B 363 -28.14 -3.44 16.56
C ALA B 363 -27.11 -3.67 15.48
N THR B 364 -25.91 -3.11 15.61
CA THR B 364 -24.87 -3.25 14.60
C THR B 364 -23.67 -4.06 15.06
N ILE B 365 -23.25 -3.97 16.32
CA ILE B 365 -22.05 -4.69 16.76
C ILE B 365 -22.33 -5.89 17.64
N ASN B 366 -23.58 -6.11 18.05
CA ASN B 366 -23.90 -7.28 18.87
C ASN B 366 -24.65 -8.28 18.01
N MET B 367 -23.93 -9.23 17.45
CA MET B 367 -24.49 -10.28 16.62
C MET B 367 -23.99 -11.61 17.15
N ASP B 368 -24.77 -12.23 18.03
CA ASP B 368 -24.40 -13.52 18.59
C ASP B 368 -24.66 -14.65 17.61
N GLY B 369 -25.80 -14.60 16.92
CA GLY B 369 -26.17 -15.70 16.05
C GLY B 369 -25.30 -15.81 14.83
N THR B 370 -24.89 -14.66 14.28
CA THR B 370 -23.98 -14.67 13.13
C THR B 370 -22.60 -15.17 13.53
N ALA B 371 -22.16 -14.88 14.74
CA ALA B 371 -20.84 -15.33 15.19
C ALA B 371 -20.84 -16.83 15.44
N LEU B 372 -21.91 -17.36 16.05
CA LEU B 372 -22.04 -18.80 16.23
C LEU B 372 -22.11 -19.51 14.89
N TYR B 373 -22.87 -18.95 13.94
CA TYR B 373 -22.97 -19.47 12.59
C TYR B 373 -21.63 -19.52 11.89
N GLU B 374 -20.82 -18.48 12.03
CA GLU B 374 -19.54 -18.46 11.33
C GLU B 374 -18.53 -19.41 11.95
N ALA B 375 -18.55 -19.58 13.27
CA ALA B 375 -17.70 -20.61 13.89
C ALA B 375 -18.08 -22.01 13.45
N VAL B 376 -19.38 -22.33 13.50
CA VAL B 376 -19.84 -23.67 13.11
C VAL B 376 -19.58 -23.93 11.64
N ALA B 377 -19.78 -22.92 10.80
CA ALA B 377 -19.58 -23.12 9.37
C ALA B 377 -18.11 -23.24 8.99
N ALA B 378 -17.21 -22.54 9.68
CA ALA B 378 -15.79 -22.68 9.36
C ALA B 378 -15.26 -24.04 9.79
N VAL B 379 -15.66 -24.53 10.97
CA VAL B 379 -15.19 -25.86 11.36
C VAL B 379 -15.87 -26.95 10.54
N PHE B 380 -17.09 -26.70 10.05
CA PHE B 380 -17.74 -27.67 9.18
C PHE B 380 -17.07 -27.75 7.82
N ILE B 381 -16.63 -26.61 7.27
CA ILE B 381 -15.89 -26.63 6.01
C ILE B 381 -14.54 -27.29 6.20
N ALA B 382 -13.92 -27.14 7.37
CA ALA B 382 -12.66 -27.84 7.63
C ALA B 382 -12.87 -29.34 7.74
N GLN B 383 -13.95 -29.78 8.39
CA GLN B 383 -14.22 -31.20 8.52
C GLN B 383 -14.68 -31.83 7.22
N LEU B 384 -15.25 -31.05 6.32
CA LEU B 384 -15.72 -31.58 5.05
C LEU B 384 -14.56 -31.91 4.12
N ASN B 385 -13.40 -31.29 4.30
CA ASN B 385 -12.25 -31.49 3.45
C ASN B 385 -11.21 -32.41 4.05
N ASP B 386 -11.66 -33.34 4.91
CA ASP B 386 -10.84 -34.41 5.50
C ASP B 386 -9.65 -33.85 6.27
N LEU B 387 -9.90 -32.78 7.01
CA LEU B 387 -8.86 -31.99 7.66
C LEU B 387 -9.22 -31.83 9.12
N ASP B 388 -8.28 -32.09 10.02
CA ASP B 388 -8.51 -31.91 11.45
C ASP B 388 -7.78 -30.66 11.88
N LEU B 389 -8.52 -29.70 12.44
CA LEU B 389 -7.94 -28.44 12.84
C LEU B 389 -7.14 -28.61 14.12
N GLY B 390 -6.18 -27.71 14.31
CA GLY B 390 -5.39 -27.74 15.52
C GLY B 390 -6.07 -27.01 16.65
N ILE B 391 -5.28 -26.36 17.51
CA ILE B 391 -5.84 -25.43 18.48
C ILE B 391 -5.32 -24.02 18.28
N GLY B 392 -4.35 -23.80 17.40
CA GLY B 392 -4.12 -22.44 16.94
C GLY B 392 -5.14 -22.01 15.92
N GLN B 393 -5.61 -22.95 15.10
CA GLN B 393 -6.59 -22.61 14.09
C GLN B 393 -7.98 -22.40 14.66
N ILE B 394 -8.32 -23.12 15.73
CA ILE B 394 -9.62 -22.93 16.36
C ILE B 394 -9.67 -21.59 17.08
N ILE B 395 -8.56 -21.16 17.68
CA ILE B 395 -8.54 -19.85 18.32
C ILE B 395 -8.45 -18.74 17.28
N THR B 396 -7.84 -18.99 16.12
CA THR B 396 -7.88 -17.98 15.06
C THR B 396 -9.29 -17.80 14.50
N ILE B 397 -10.03 -18.89 14.33
CA ILE B 397 -11.44 -18.81 13.95
C ILE B 397 -12.25 -18.09 15.02
N SER B 398 -12.00 -18.41 16.28
CA SER B 398 -12.76 -17.85 17.39
C SER B 398 -12.44 -16.38 17.65
N ILE B 399 -11.29 -15.90 17.23
CA ILE B 399 -10.99 -14.47 17.36
C ILE B 399 -11.49 -13.70 16.16
N THR B 400 -11.32 -14.23 14.94
CA THR B 400 -11.80 -13.56 13.75
C THR B 400 -13.32 -13.57 13.64
N ALA B 401 -14.02 -14.46 14.35
CA ALA B 401 -15.48 -14.43 14.32
C ALA B 401 -16.10 -13.37 15.22
N THR B 402 -15.48 -13.02 16.35
CA THR B 402 -16.07 -12.01 17.22
C THR B 402 -15.53 -10.61 16.92
N SER B 403 -14.32 -10.51 16.41
CA SER B 403 -13.73 -9.22 16.12
C SER B 403 -14.11 -8.69 14.75
N ALA B 404 -14.81 -9.47 13.95
CA ALA B 404 -15.38 -8.97 12.70
C ALA B 404 -16.81 -8.52 12.87
N SER B 405 -17.28 -8.39 14.10
CA SER B 405 -18.54 -7.75 14.39
C SER B 405 -18.39 -6.27 14.65
N ILE B 406 -17.16 -5.81 14.91
CA ILE B 406 -16.92 -4.40 15.19
C ILE B 406 -17.10 -3.57 13.93
N GLY B 407 -16.46 -3.97 12.84
CA GLY B 407 -16.62 -3.23 11.62
C GLY B 407 -17.84 -3.63 10.82
N ALA B 408 -19.02 -3.51 11.41
CA ALA B 408 -20.26 -3.91 10.78
C ALA B 408 -21.05 -2.65 10.44
N ALA B 409 -21.08 -2.30 9.15
CA ALA B 409 -21.76 -1.10 8.71
C ALA B 409 -23.27 -1.25 8.79
N GLY B 410 -23.85 -2.04 7.90
CA GLY B 410 -25.29 -2.19 7.86
C GLY B 410 -25.72 -2.72 6.52
N VAL B 411 -24.79 -3.31 5.78
CA VAL B 411 -25.04 -3.92 4.49
C VAL B 411 -25.14 -5.43 4.70
N PRO B 412 -26.30 -6.04 4.46
CA PRO B 412 -26.45 -7.45 4.81
C PRO B 412 -25.85 -8.41 3.80
N GLN B 413 -25.33 -7.89 2.69
CA GLN B 413 -24.66 -8.77 1.73
C GLN B 413 -23.31 -9.23 2.26
N ALA B 414 -22.57 -8.33 2.91
CA ALA B 414 -21.19 -8.57 3.33
C ALA B 414 -21.05 -9.68 4.36
N GLY B 415 -22.15 -10.19 4.89
CA GLY B 415 -22.11 -11.41 5.67
C GLY B 415 -21.43 -12.55 4.96
N LEU B 416 -21.68 -12.70 3.64
CA LEU B 416 -20.97 -13.71 2.88
C LEU B 416 -19.48 -13.44 2.84
N VAL B 417 -19.09 -12.16 2.75
CA VAL B 417 -17.67 -11.84 2.74
C VAL B 417 -17.05 -12.15 4.09
N THR B 418 -17.83 -12.03 5.18
CA THR B 418 -17.29 -12.42 6.47
C THR B 418 -17.05 -13.91 6.54
N MET B 419 -17.88 -14.69 5.86
CA MET B 419 -17.68 -16.13 5.83
C MET B 419 -16.48 -16.51 4.99
N VAL B 420 -15.98 -15.62 4.13
CA VAL B 420 -14.73 -15.93 3.46
C VAL B 420 -13.57 -15.59 4.37
N ILE B 421 -13.71 -14.54 5.20
CA ILE B 421 -12.60 -14.04 5.99
C ILE B 421 -12.21 -15.04 7.07
N VAL B 422 -13.20 -15.61 7.78
CA VAL B 422 -12.86 -16.64 8.75
C VAL B 422 -12.46 -17.93 8.06
N LEU B 423 -12.77 -18.10 6.78
CA LEU B 423 -12.26 -19.23 6.03
C LEU B 423 -10.90 -18.97 5.46
N SER B 424 -10.42 -17.73 5.54
CA SER B 424 -9.12 -17.38 4.99
C SER B 424 -8.11 -16.96 6.04
N ALA B 425 -8.54 -16.85 7.30
CA ALA B 425 -7.61 -16.64 8.38
C ALA B 425 -6.90 -17.92 8.77
N VAL B 426 -7.47 -19.07 8.46
CA VAL B 426 -6.89 -20.37 8.77
C VAL B 426 -6.47 -21.14 7.53
N GLY B 427 -6.70 -20.60 6.34
CA GLY B 427 -6.24 -21.23 5.13
C GLY B 427 -7.07 -22.42 4.70
N LEU B 428 -8.30 -22.24 4.58
CA LEU B 428 -9.18 -23.28 4.08
C LEU B 428 -9.65 -22.94 2.68
N PRO B 429 -9.98 -23.92 1.85
CA PRO B 429 -10.43 -23.61 0.48
C PRO B 429 -11.81 -22.99 0.49
N ALA B 430 -11.93 -21.82 -0.13
CA ALA B 430 -13.12 -21.01 -0.01
C ALA B 430 -14.30 -21.53 -0.80
N GLU B 431 -14.07 -22.30 -1.87
CA GLU B 431 -15.14 -22.68 -2.80
C GLU B 431 -16.24 -23.51 -2.15
N ASP B 432 -15.91 -24.26 -1.10
CA ASP B 432 -16.91 -25.03 -0.36
C ASP B 432 -17.94 -24.18 0.36
N VAL B 433 -17.74 -22.85 0.43
CA VAL B 433 -18.73 -21.95 1.00
C VAL B 433 -20.00 -21.93 0.16
N THR B 434 -19.92 -22.41 -1.09
CA THR B 434 -21.11 -22.65 -1.90
C THR B 434 -22.13 -23.53 -1.17
N LEU B 435 -21.66 -24.61 -0.54
CA LEU B 435 -22.56 -25.48 0.21
C LEU B 435 -23.15 -24.83 1.45
N ILE B 436 -22.69 -23.64 1.82
CA ILE B 436 -23.30 -22.88 2.90
C ILE B 436 -24.35 -21.93 2.35
N ILE B 437 -24.11 -21.35 1.17
CA ILE B 437 -24.99 -20.30 0.64
C ILE B 437 -26.35 -20.87 0.28
N ALA B 438 -26.38 -22.08 -0.28
CA ALA B 438 -27.63 -22.78 -0.57
C ALA B 438 -28.43 -23.07 0.68
N VAL B 439 -27.77 -23.15 1.84
CA VAL B 439 -28.47 -23.38 3.09
C VAL B 439 -28.84 -22.05 3.76
N ASP B 440 -28.15 -20.97 3.39
CA ASP B 440 -28.17 -19.71 4.14
C ASP B 440 -29.52 -19.01 4.12
N TRP B 441 -30.42 -19.35 3.21
CA TRP B 441 -31.72 -18.72 3.22
C TRP B 441 -32.71 -19.40 4.17
N LEU B 442 -32.31 -20.48 4.83
CA LEU B 442 -33.15 -21.16 5.79
C LEU B 442 -32.71 -20.93 7.23
N LEU B 443 -31.62 -20.21 7.45
CA LEU B 443 -31.12 -19.97 8.79
C LEU B 443 -31.02 -18.49 9.13
N ASP B 444 -31.38 -17.60 8.21
CA ASP B 444 -31.19 -16.17 8.43
C ASP B 444 -32.24 -15.63 9.39
N ARG B 445 -33.43 -16.21 9.37
CA ARG B 445 -34.51 -15.81 10.26
C ARG B 445 -34.15 -16.02 11.71
N PHE B 446 -33.64 -17.21 12.05
CA PHE B 446 -33.35 -17.51 13.44
C PHE B 446 -32.11 -16.78 13.93
N ARG B 447 -31.16 -16.49 13.02
CA ARG B 447 -30.02 -15.67 13.38
C ARG B 447 -30.43 -14.25 13.72
N THR B 448 -31.35 -13.68 12.94
CA THR B 448 -31.89 -12.35 13.26
C THR B 448 -32.64 -12.36 14.58
N MET B 449 -33.37 -13.45 14.86
CA MET B 449 -34.09 -13.55 16.12
C MET B 449 -33.13 -13.59 17.32
N VAL B 450 -32.00 -14.29 17.20
CA VAL B 450 -31.06 -14.36 18.32
C VAL B 450 -30.27 -13.06 18.49
N ASN B 451 -30.00 -12.34 17.39
CA ASN B 451 -29.38 -11.01 17.52
C ASN B 451 -30.28 -10.03 18.27
N VAL B 452 -31.57 -10.02 17.91
CA VAL B 452 -32.53 -9.16 18.57
C VAL B 452 -32.73 -9.57 20.03
N LEU B 453 -32.72 -10.88 20.31
CA LEU B 453 -32.89 -11.32 21.69
C LEU B 453 -31.70 -10.96 22.56
N GLY B 454 -30.49 -11.03 22.01
CA GLY B 454 -29.31 -10.63 22.76
C GLY B 454 -29.31 -9.17 23.14
N ASP B 455 -29.53 -8.28 22.14
CA ASP B 455 -29.51 -6.89 22.56
C ASP B 455 -30.80 -6.44 23.24
N ALA B 456 -31.85 -7.27 23.26
CA ALA B 456 -33.01 -6.94 24.07
C ALA B 456 -32.83 -7.35 25.52
N PHE B 457 -32.06 -8.42 25.76
CA PHE B 457 -31.66 -8.75 27.13
C PHE B 457 -30.63 -7.77 27.67
N GLY B 458 -29.86 -7.13 26.77
CA GLY B 458 -28.87 -6.16 27.21
C GLY B 458 -29.44 -4.96 27.92
N THR B 459 -30.63 -4.52 27.53
CA THR B 459 -31.24 -3.37 28.17
C THR B 459 -31.75 -3.72 29.56
N GLY B 460 -31.96 -4.99 29.83
CA GLY B 460 -32.29 -5.40 31.17
C GLY B 460 -31.06 -5.58 32.03
N ILE B 461 -29.97 -6.02 31.39
CA ILE B 461 -28.71 -6.23 32.12
C ILE B 461 -28.12 -4.90 32.58
N VAL B 462 -28.00 -3.94 31.66
CA VAL B 462 -27.32 -2.67 31.97
C VAL B 462 -28.17 -1.80 32.90
N GLU B 463 -29.46 -2.10 32.99
CA GLU B 463 -30.35 -1.40 33.92
C GLU B 463 -29.96 -1.64 35.38
N LYS B 464 -29.76 -2.90 35.75
CA LYS B 464 -29.51 -3.23 37.15
C LYS B 464 -28.11 -2.79 37.58
N LEU B 465 -27.14 -2.83 36.67
CA LEU B 465 -25.77 -2.50 37.04
C LEU B 465 -25.60 -1.01 37.29
N SER B 466 -26.29 -0.18 36.54
CA SER B 466 -26.13 1.28 36.61
C SER B 466 -27.36 1.87 37.27
N LYS B 467 -27.51 1.62 38.56
CA LYS B 467 -28.59 2.23 39.32
C LYS B 467 -28.18 3.49 40.05
N LYS B 468 -26.88 3.73 40.25
CA LYS B 468 -26.45 4.98 40.88
C LYS B 468 -26.42 6.11 39.88
N GLU B 469 -25.92 5.83 38.68
CA GLU B 469 -25.75 6.87 37.66
C GLU B 469 -27.08 7.37 37.13
N LEU B 470 -28.14 6.58 37.21
CA LEU B 470 -29.44 7.07 36.79
C LEU B 470 -30.00 8.07 37.79
N GLU B 471 -29.74 7.86 39.09
CA GLU B 471 -30.13 8.88 40.06
C GLU B 471 -29.24 10.10 39.95
N GLN B 472 -27.99 9.92 39.50
CA GLN B 472 -27.13 11.08 39.29
C GLN B 472 -27.55 11.89 38.07
N MET B 473 -28.07 11.24 37.03
CA MET B 473 -28.61 11.98 35.90
C MET B 473 -30.03 12.47 36.16
N ASP B 474 -30.69 11.95 37.21
CA ASP B 474 -32.00 12.47 37.57
C ASP B 474 -31.91 13.68 38.50
N VAL B 475 -30.96 13.65 39.44
CA VAL B 475 -30.83 14.75 40.39
C VAL B 475 -30.23 15.98 39.71
N SER B 476 -29.19 15.78 38.91
CA SER B 476 -28.53 16.90 38.26
C SER B 476 -28.53 16.74 36.74
N GLU C 10 5.07 14.00 48.14
CA GLU C 10 5.49 14.06 46.75
C GLU C 10 6.22 12.79 46.34
N TRP C 11 5.48 11.72 46.16
CA TRP C 11 6.05 10.44 45.75
C TRP C 11 5.50 9.94 44.42
N LYS C 12 4.17 9.90 44.26
CA LYS C 12 3.59 9.45 43.01
C LYS C 12 3.80 10.47 41.90
N ARG C 13 3.99 11.74 42.26
CA ARG C 13 4.29 12.76 41.25
C ARG C 13 5.67 12.55 40.64
N PHE C 14 6.63 12.11 41.46
CA PHE C 14 7.98 11.88 40.95
C PHE C 14 8.02 10.70 39.99
N LEU C 15 7.41 9.58 40.37
CA LEU C 15 7.34 8.44 39.48
C LEU C 15 6.37 8.67 38.33
N LYS C 16 5.52 9.69 38.40
CA LYS C 16 4.78 10.11 37.22
C LYS C 16 5.66 10.85 36.24
N ASN C 17 6.45 11.82 36.72
CA ASN C 17 7.33 12.58 35.85
C ASN C 17 8.56 11.79 35.39
N ASN C 18 9.08 10.90 36.22
CA ASN C 18 10.28 10.13 35.88
C ASN C 18 9.95 8.66 35.78
N TRP C 19 9.49 8.22 34.62
CA TRP C 19 9.20 6.81 34.44
C TRP C 19 9.97 6.16 33.29
N VAL C 20 10.57 6.93 32.39
CA VAL C 20 11.32 6.33 31.30
C VAL C 20 12.67 5.84 31.81
N LEU C 21 13.41 6.74 32.47
CA LEU C 21 14.72 6.38 33.00
C LEU C 21 14.62 5.34 34.10
N LEU C 22 13.59 5.44 34.94
CA LEU C 22 13.45 4.50 36.05
C LEU C 22 13.04 3.12 35.58
N SER C 23 12.17 3.02 34.59
CA SER C 23 11.80 1.69 34.08
C SER C 23 12.94 1.07 33.30
N THR C 24 13.73 1.89 32.59
CA THR C 24 14.89 1.35 31.87
C THR C 24 15.95 0.81 32.84
N VAL C 25 16.27 1.59 33.87
CA VAL C 25 17.26 1.16 34.86
C VAL C 25 16.76 -0.05 35.66
N ALA C 26 15.47 -0.05 36.02
CA ALA C 26 14.91 -1.16 36.78
C ALA C 26 14.85 -2.43 35.95
N ALA C 27 14.57 -2.30 34.65
CA ALA C 27 14.55 -3.46 33.76
C ALA C 27 15.95 -4.04 33.61
N VAL C 28 16.96 -3.17 33.53
CA VAL C 28 18.36 -3.63 33.41
C VAL C 28 18.78 -4.39 34.65
N VAL C 29 18.54 -3.83 35.84
CA VAL C 29 18.99 -4.52 37.05
C VAL C 29 18.16 -5.76 37.37
N LEU C 30 16.85 -5.77 37.11
CA LEU C 30 16.08 -6.98 37.32
C LEU C 30 16.43 -8.06 36.31
N GLY C 31 16.77 -7.68 35.08
CA GLY C 31 17.18 -8.67 34.11
C GLY C 31 18.52 -9.30 34.44
N ILE C 32 19.47 -8.50 34.92
CA ILE C 32 20.76 -9.05 35.30
C ILE C 32 20.63 -9.94 36.54
N THR C 33 19.81 -9.53 37.53
CA THR C 33 19.69 -10.39 38.70
C THR C 33 18.88 -11.66 38.41
N THR C 34 17.92 -11.63 37.47
CA THR C 34 17.23 -12.87 37.19
C THR C 34 18.04 -13.78 36.28
N GLY C 35 18.91 -13.22 35.45
CA GLY C 35 19.81 -14.07 34.68
C GLY C 35 20.84 -14.75 35.57
N VAL C 36 21.33 -14.03 36.58
CA VAL C 36 22.28 -14.64 37.52
C VAL C 36 21.59 -15.68 38.39
N LEU C 37 20.36 -15.40 38.84
CA LEU C 37 19.67 -16.38 39.66
C LEU C 37 19.17 -17.59 38.87
N VAL C 38 18.97 -17.46 37.55
CA VAL C 38 18.56 -18.63 36.78
C VAL C 38 19.77 -19.47 36.40
N ARG C 39 20.89 -18.82 36.06
CA ARG C 39 22.06 -19.56 35.58
C ARG C 39 22.72 -20.37 36.70
N GLU C 40 22.85 -19.81 37.88
CA GLU C 40 23.45 -20.53 38.99
C GLU C 40 22.44 -21.29 39.84
N HIS C 41 21.44 -21.91 39.22
CA HIS C 41 20.45 -22.73 39.91
C HIS C 41 19.74 -23.73 39.02
N ARG C 42 19.84 -23.59 37.70
CA ARG C 42 19.23 -24.49 36.73
C ARG C 42 19.90 -24.28 35.39
N ASN C 43 20.29 -25.37 34.74
CA ASN C 43 20.88 -25.30 33.41
C ASN C 43 19.81 -25.54 32.36
N LEU C 44 19.73 -24.62 31.40
CA LEU C 44 18.71 -24.64 30.36
C LEU C 44 19.28 -25.20 29.06
N SER C 45 18.42 -25.86 28.28
CA SER C 45 18.84 -26.44 27.02
C SER C 45 18.79 -25.38 25.92
N THR C 46 18.87 -25.83 24.67
CA THR C 46 18.82 -24.89 23.56
C THR C 46 17.38 -24.50 23.24
N LEU C 47 16.43 -25.40 23.49
CA LEU C 47 15.04 -25.13 23.16
C LEU C 47 14.41 -24.16 24.16
N GLU C 48 14.63 -24.39 25.45
CA GLU C 48 14.05 -23.54 26.48
C GLU C 48 14.84 -22.27 26.73
N LYS C 49 15.94 -22.07 26.03
CA LYS C 49 16.55 -20.76 25.93
C LYS C 49 15.93 -19.91 24.84
N PHE C 50 15.07 -20.51 24.01
CA PHE C 50 14.31 -19.79 23.00
C PHE C 50 12.94 -19.40 23.48
N TYR C 51 12.37 -20.12 24.45
CA TYR C 51 11.12 -19.72 25.05
C TYR C 51 11.31 -18.71 26.17
N PHE C 52 12.51 -18.60 26.71
CA PHE C 52 12.77 -17.61 27.74
C PHE C 52 12.90 -16.21 27.16
N ALA C 53 13.50 -16.09 25.98
CA ALA C 53 13.63 -14.81 25.30
C ALA C 53 12.52 -14.64 24.27
N PHE C 54 11.28 -14.87 24.68
CA PHE C 54 10.13 -14.69 23.81
C PHE C 54 9.45 -13.32 23.93
N PRO C 55 9.27 -12.71 25.12
CA PRO C 55 8.80 -11.32 25.13
C PRO C 55 9.73 -10.36 24.44
N GLY C 56 11.03 -10.64 24.45
CA GLY C 56 11.94 -9.86 23.64
C GLY C 56 11.75 -10.06 22.16
N GLU C 57 11.33 -11.26 21.75
CA GLU C 57 11.03 -11.48 20.34
C GLU C 57 9.79 -10.71 19.92
N ILE C 58 8.79 -10.65 20.81
CA ILE C 58 7.59 -9.89 20.49
C ILE C 58 7.88 -8.39 20.44
N LEU C 59 8.79 -7.92 21.30
CA LEU C 59 9.17 -6.50 21.24
C LEU C 59 9.97 -6.19 19.98
N MET C 60 10.87 -7.08 19.57
CA MET C 60 11.64 -6.82 18.36
C MET C 60 10.82 -7.08 17.10
N ARG C 61 9.64 -7.68 17.21
CA ARG C 61 8.71 -7.70 16.09
C ARG C 61 7.88 -6.42 16.03
N MET C 62 7.45 -5.92 17.19
CA MET C 62 6.68 -4.68 17.23
C MET C 62 7.52 -3.48 16.83
N LEU C 63 8.82 -3.52 17.08
CA LEU C 63 9.68 -2.40 16.67
C LEU C 63 9.88 -2.39 15.17
N LYS C 64 9.83 -3.54 14.52
CA LYS C 64 9.96 -3.61 13.07
C LYS C 64 8.65 -3.43 12.35
N LEU C 65 7.52 -3.64 13.03
CA LEU C 65 6.22 -3.45 12.41
C LEU C 65 5.95 -1.99 12.11
N ILE C 66 6.51 -1.07 12.91
CA ILE C 66 6.14 0.33 12.87
C ILE C 66 7.07 1.18 12.00
N ILE C 67 8.22 0.66 11.57
CA ILE C 67 9.17 1.53 10.88
C ILE C 67 8.75 1.86 9.45
N LEU C 68 7.81 1.14 8.85
CA LEU C 68 7.44 1.48 7.49
C LEU C 68 6.50 2.68 7.40
N PRO C 69 5.36 2.77 8.13
CA PRO C 69 4.61 4.03 8.09
C PRO C 69 5.32 5.16 8.78
N LEU C 70 6.25 4.87 9.68
CA LEU C 70 7.06 5.90 10.29
C LEU C 70 7.99 6.55 9.28
N ILE C 71 8.82 5.76 8.59
CA ILE C 71 9.73 6.41 7.65
C ILE C 71 9.06 6.86 6.36
N ILE C 72 7.80 6.52 6.12
CA ILE C 72 7.10 7.17 5.03
C ILE C 72 6.53 8.51 5.46
N SER C 73 5.65 8.50 6.46
CA SER C 73 4.92 9.70 6.82
C SER C 73 5.80 10.74 7.49
N SER C 74 6.74 10.31 8.35
CA SER C 74 7.56 11.27 9.06
C SER C 74 8.57 11.95 8.15
N MET C 75 9.12 11.23 7.18
CA MET C 75 10.03 11.86 6.23
C MET C 75 9.30 12.83 5.32
N ILE C 76 8.06 12.48 4.90
CA ILE C 76 7.30 13.37 4.03
C ILE C 76 6.95 14.67 4.75
N THR C 77 6.43 14.59 5.98
CA THR C 77 6.10 15.83 6.67
C THR C 77 7.32 16.60 7.13
N GLY C 78 8.43 15.91 7.40
CA GLY C 78 9.64 16.62 7.79
C GLY C 78 10.18 17.47 6.67
N VAL C 79 10.28 16.91 5.46
CA VAL C 79 10.84 17.71 4.38
C VAL C 79 9.84 18.73 3.86
N ALA C 80 8.53 18.48 4.00
CA ALA C 80 7.55 19.50 3.59
C ALA C 80 7.54 20.68 4.55
N ALA C 81 7.60 20.43 5.85
CA ALA C 81 7.64 21.54 6.82
C ALA C 81 8.98 22.27 6.78
N LEU C 82 10.07 21.57 6.46
CA LEU C 82 11.35 22.25 6.31
C LEU C 82 11.36 23.13 5.06
N ASP C 83 10.70 22.69 4.00
CA ASP C 83 10.56 23.53 2.82
C ASP C 83 9.68 24.73 3.10
N SER C 84 8.63 24.55 3.90
CA SER C 84 7.75 25.67 4.24
C SER C 84 8.46 26.70 5.11
N ASN C 85 9.31 26.26 6.04
CA ASN C 85 9.97 27.20 6.93
C ASN C 85 11.05 28.00 6.23
N VAL C 86 11.76 27.39 5.29
CA VAL C 86 12.90 28.04 4.64
C VAL C 86 12.37 29.08 3.67
N SER C 87 12.81 30.34 3.84
CA SER C 87 12.36 31.45 3.04
C SER C 87 13.48 32.01 2.16
N GLY C 88 14.21 33.00 2.66
CA GLY C 88 15.19 33.69 1.83
C GLY C 88 16.53 32.98 1.73
N LYS C 89 17.58 33.73 1.45
CA LYS C 89 18.93 33.19 1.45
C LYS C 89 19.55 33.17 2.84
N ILE C 90 18.80 33.58 3.85
CA ILE C 90 19.22 33.38 5.23
C ILE C 90 18.69 32.07 5.78
N GLY C 91 17.82 31.39 5.04
CA GLY C 91 17.29 30.09 5.43
C GLY C 91 17.88 28.97 4.63
N VAL C 92 18.72 29.31 3.65
CA VAL C 92 19.45 28.29 2.91
C VAL C 92 20.74 27.95 3.62
N ARG C 93 21.43 28.97 4.13
CA ARG C 93 22.74 28.80 4.77
C ARG C 93 22.63 27.99 6.05
N ALA C 94 21.53 28.12 6.77
CA ALA C 94 21.35 27.33 7.98
C ALA C 94 21.16 25.85 7.65
N VAL C 95 20.43 25.55 6.58
CA VAL C 95 20.20 24.16 6.20
C VAL C 95 21.50 23.52 5.70
N VAL C 96 22.27 24.27 4.91
CA VAL C 96 23.56 23.76 4.43
C VAL C 96 24.51 23.54 5.60
N TYR C 97 24.49 24.44 6.59
CA TYR C 97 25.35 24.28 7.76
C TYR C 97 24.96 23.05 8.57
N TYR C 98 23.66 22.84 8.77
CA TYR C 98 23.17 21.70 9.53
C TYR C 98 23.60 20.39 8.88
N PHE C 99 23.45 20.29 7.56
CA PHE C 99 23.72 19.01 6.93
C PHE C 99 25.21 18.77 6.75
N CYS C 100 26.02 19.81 6.56
CA CYS C 100 27.46 19.60 6.54
C CYS C 100 27.99 19.17 7.90
N THR C 101 27.52 19.75 9.00
CA THR C 101 28.04 19.30 10.29
C THR C 101 27.51 17.93 10.69
N THR C 102 26.29 17.57 10.30
CA THR C 102 25.82 16.22 10.58
C THR C 102 26.60 15.17 9.78
N LEU C 103 26.96 15.49 8.53
CA LEU C 103 27.79 14.58 7.76
C LEU C 103 29.19 14.46 8.33
N ILE C 104 29.76 15.57 8.82
CA ILE C 104 31.09 15.52 9.42
C ILE C 104 31.08 14.70 10.71
N ALA C 105 30.00 14.81 11.49
CA ALA C 105 29.89 14.02 12.72
C ALA C 105 29.77 12.53 12.42
N VAL C 106 28.99 12.16 11.40
CA VAL C 106 28.86 10.75 11.04
C VAL C 106 30.18 10.19 10.53
N ILE C 107 30.91 10.95 9.72
CA ILE C 107 32.20 10.50 9.18
C ILE C 107 33.23 10.33 10.30
N LEU C 108 33.24 11.26 11.27
CA LEU C 108 34.14 11.13 12.42
C LEU C 108 33.80 9.91 13.26
N GLY C 109 32.51 9.62 13.42
CA GLY C 109 32.12 8.44 14.17
C GLY C 109 32.51 7.14 13.49
N ILE C 110 32.38 7.09 12.16
CA ILE C 110 32.76 5.89 11.41
C ILE C 110 34.27 5.65 11.47
N VAL C 111 35.06 6.72 11.32
CA VAL C 111 36.51 6.61 11.40
C VAL C 111 36.95 6.15 12.78
N LEU C 112 36.33 6.70 13.82
CA LEU C 112 36.70 6.30 15.18
C LEU C 112 36.29 4.86 15.51
N VAL C 113 35.15 4.41 15.00
CA VAL C 113 34.72 3.07 15.39
C VAL C 113 35.44 2.01 14.59
N VAL C 114 35.89 2.29 13.36
CA VAL C 114 36.69 1.27 12.67
C VAL C 114 38.18 1.41 12.98
N SER C 115 38.58 2.48 13.68
CA SER C 115 39.96 2.51 14.13
C SER C 115 40.15 1.93 15.51
N ILE C 116 39.24 2.23 16.45
CA ILE C 116 39.39 1.68 17.80
C ILE C 116 39.02 0.21 17.82
N LYS C 117 37.99 -0.17 17.07
CA LYS C 117 37.39 -1.50 16.99
C LYS C 117 36.94 -2.02 18.35
N PRO C 118 35.77 -1.60 18.85
CA PRO C 118 35.17 -2.34 19.96
C PRO C 118 34.25 -3.42 19.43
N GLY C 119 34.36 -4.62 19.99
CA GLY C 119 33.52 -5.73 19.64
C GLY C 119 34.26 -6.90 19.03
N VAL C 120 35.40 -6.66 18.41
CA VAL C 120 36.21 -7.77 17.95
C VAL C 120 37.09 -8.26 19.09
N THR C 121 37.18 -9.58 19.21
CA THR C 121 37.85 -10.20 20.34
C THR C 121 39.34 -10.32 20.09
N GLN C 122 40.12 -10.15 21.15
CA GLN C 122 41.56 -10.23 21.05
C GLN C 122 42.02 -11.68 21.18
N VAL C 136 33.56 -11.05 -6.58
CA VAL C 136 33.02 -9.91 -5.86
C VAL C 136 33.96 -8.71 -6.01
N SER C 137 33.40 -7.54 -6.29
CA SER C 137 34.20 -6.33 -6.37
C SER C 137 33.61 -5.29 -5.44
N THR C 138 34.35 -4.21 -5.24
CA THR C 138 33.84 -3.05 -4.55
C THR C 138 33.29 -2.01 -5.51
N VAL C 139 33.15 -2.35 -6.78
CA VAL C 139 32.42 -1.52 -7.71
C VAL C 139 30.96 -1.94 -7.76
N ASP C 140 30.70 -3.23 -7.61
CA ASP C 140 29.32 -3.71 -7.64
C ASP C 140 28.56 -3.31 -6.39
N ALA C 141 29.25 -3.16 -5.26
CA ALA C 141 28.59 -2.63 -4.07
C ALA C 141 28.22 -1.16 -4.24
N MET C 142 29.16 -0.38 -4.79
CA MET C 142 28.91 1.04 -5.00
C MET C 142 27.92 1.29 -6.13
N LEU C 143 27.68 0.31 -6.99
CA LEU C 143 26.62 0.45 -7.98
C LEU C 143 25.28 -0.09 -7.51
N ASP C 144 25.26 -1.08 -6.63
CA ASP C 144 24.00 -1.48 -5.99
C ASP C 144 23.50 -0.40 -5.04
N LEU C 145 24.41 0.43 -4.54
CA LEU C 145 24.02 1.57 -3.72
C LEU C 145 23.19 2.57 -4.52
N ILE C 146 23.44 2.70 -5.82
CA ILE C 146 22.64 3.59 -6.65
C ILE C 146 21.47 2.86 -7.27
N ARG C 147 21.58 1.54 -7.45
CA ARG C 147 20.45 0.77 -7.94
C ARG C 147 19.37 0.61 -6.88
N ASN C 148 19.73 0.78 -5.61
CA ASN C 148 18.74 0.65 -4.56
C ASN C 148 18.08 1.96 -4.19
N MET C 149 18.60 3.08 -4.68
CA MET C 149 17.94 4.36 -4.47
C MET C 149 16.77 4.56 -5.41
N PHE C 150 16.71 3.82 -6.51
CA PHE C 150 15.63 3.89 -7.49
C PHE C 150 15.12 2.47 -7.72
N PRO C 151 14.21 1.98 -6.90
CA PRO C 151 13.74 0.60 -7.06
C PRO C 151 12.85 0.46 -8.28
N GLU C 152 12.75 -0.78 -8.78
CA GLU C 152 11.93 -1.03 -9.95
C GLU C 152 10.46 -1.20 -9.62
N ASN C 153 10.11 -1.21 -8.33
CA ASN C 153 8.72 -1.27 -7.92
C ASN C 153 8.65 -0.69 -6.53
N LEU C 154 7.53 -0.04 -6.23
CA LEU C 154 7.44 0.75 -5.01
C LEU C 154 6.75 0.01 -3.87
N VAL C 155 5.89 -0.96 -4.17
CA VAL C 155 5.35 -1.84 -3.15
C VAL C 155 6.38 -2.88 -2.74
N GLN C 156 7.14 -3.40 -3.70
CA GLN C 156 8.21 -4.34 -3.40
C GLN C 156 9.38 -3.71 -2.68
N ALA C 157 9.52 -2.39 -2.71
CA ALA C 157 10.59 -1.76 -1.96
C ALA C 157 10.34 -1.79 -0.47
N CYS C 158 9.11 -2.08 -0.06
CA CYS C 158 8.80 -2.21 1.36
C CYS C 158 9.20 -3.56 1.94
N PHE C 159 9.76 -4.47 1.15
CA PHE C 159 10.30 -5.68 1.75
C PHE C 159 11.49 -6.32 1.03
N GLN C 160 11.94 -5.87 -0.13
CA GLN C 160 13.06 -6.57 -0.72
C GLN C 160 14.04 -5.62 -1.40
N GLN C 161 15.32 -5.97 -1.33
CA GLN C 161 16.44 -5.20 -1.86
C GLN C 161 17.06 -5.89 -3.06
N TYR C 162 17.92 -5.17 -3.76
CA TYR C 162 18.63 -5.66 -4.93
C TYR C 162 20.03 -6.11 -4.54
N LYS C 163 20.56 -7.05 -5.31
CA LYS C 163 21.94 -7.47 -5.12
C LYS C 163 22.46 -8.03 -6.42
N THR C 164 23.56 -7.47 -6.92
CA THR C 164 24.17 -7.97 -8.13
C THR C 164 25.39 -8.84 -7.83
N LYS C 165 25.63 -9.78 -8.72
CA LYS C 165 26.66 -10.79 -8.58
C LYS C 165 27.35 -10.94 -9.92
N ARG C 166 28.66 -10.85 -9.92
CA ARG C 166 29.44 -10.97 -11.14
C ARG C 166 29.79 -12.45 -11.34
N GLU C 167 29.14 -13.08 -12.31
CA GLU C 167 29.38 -14.48 -12.61
C GLU C 167 30.09 -14.60 -13.95
N GLU C 168 30.56 -15.81 -14.25
CA GLU C 168 31.39 -16.06 -15.42
C GLU C 168 30.60 -16.84 -16.47
N VAL C 169 30.57 -16.32 -17.69
CA VAL C 169 29.94 -16.98 -18.82
C VAL C 169 30.98 -17.88 -19.48
N LYS C 170 30.54 -19.05 -19.95
CA LYS C 170 31.42 -19.97 -20.63
C LYS C 170 30.63 -20.69 -21.72
N PRO C 171 31.01 -20.55 -23.00
CA PRO C 171 30.26 -21.12 -24.12
C PRO C 171 30.36 -22.64 -24.21
N LYS C 196 41.95 -16.41 -24.01
CA LYS C 196 42.46 -16.99 -22.77
C LYS C 196 41.95 -16.21 -21.57
N THR C 197 41.53 -14.97 -21.80
CA THR C 197 41.01 -14.13 -20.72
C THR C 197 39.58 -14.53 -20.38
N LYS C 198 39.23 -14.32 -19.11
CA LYS C 198 37.90 -14.67 -18.63
C LYS C 198 36.87 -13.63 -19.09
N GLU C 199 35.65 -14.10 -19.31
CA GLU C 199 34.54 -13.22 -19.65
C GLU C 199 33.53 -13.27 -18.52
N TYR C 200 32.96 -12.12 -18.19
CA TYR C 200 32.07 -12.03 -17.05
C TYR C 200 30.76 -11.36 -17.46
N LYS C 201 29.78 -11.48 -16.56
CA LYS C 201 28.42 -11.07 -16.81
C LYS C 201 27.78 -10.84 -15.44
N ILE C 202 26.99 -9.78 -15.33
CA ILE C 202 26.41 -9.38 -14.06
C ILE C 202 24.96 -9.84 -13.99
N VAL C 203 24.61 -10.59 -12.96
CA VAL C 203 23.23 -10.98 -12.72
C VAL C 203 22.72 -10.26 -11.48
N GLY C 204 21.42 -10.23 -11.32
CA GLY C 204 20.81 -9.52 -10.21
C GLY C 204 19.69 -10.32 -9.59
N MET C 205 19.56 -10.21 -8.28
CA MET C 205 18.54 -10.94 -7.55
C MET C 205 18.00 -10.07 -6.45
N TYR C 206 16.70 -10.23 -6.16
CA TYR C 206 16.03 -9.47 -5.14
C TYR C 206 16.00 -10.29 -3.86
N SER C 207 16.85 -9.94 -2.91
CA SER C 207 16.92 -10.63 -1.63
C SER C 207 15.97 -9.94 -0.66
N ASP C 208 15.68 -10.60 0.45
CA ASP C 208 14.68 -10.10 1.37
C ASP C 208 15.25 -9.02 2.28
N GLY C 209 14.36 -8.26 2.90
CA GLY C 209 14.77 -7.17 3.78
C GLY C 209 14.34 -5.82 3.26
N ILE C 210 13.91 -4.92 4.15
CA ILE C 210 13.31 -3.66 3.71
C ILE C 210 14.36 -2.76 3.06
N ASN C 211 13.92 -1.89 2.16
CA ASN C 211 14.78 -1.03 1.38
C ASN C 211 14.62 0.39 1.89
N VAL C 212 15.39 0.75 2.92
CA VAL C 212 15.21 2.05 3.56
C VAL C 212 15.75 3.17 2.68
N LEU C 213 16.73 2.90 1.82
CA LEU C 213 17.30 3.94 0.99
C LEU C 213 16.33 4.38 -0.11
N GLY C 214 15.61 3.43 -0.70
CA GLY C 214 14.65 3.78 -1.73
C GLY C 214 13.44 4.50 -1.18
N LEU C 215 12.99 4.13 0.01
CA LEU C 215 11.88 4.82 0.64
C LEU C 215 12.27 6.21 1.12
N ILE C 216 13.49 6.37 1.63
CA ILE C 216 13.96 7.70 2.04
C ILE C 216 14.06 8.62 0.83
N VAL C 217 14.60 8.14 -0.29
CA VAL C 217 14.75 9.00 -1.46
C VAL C 217 13.39 9.34 -2.08
N PHE C 218 12.48 8.36 -2.17
CA PHE C 218 11.18 8.67 -2.75
C PHE C 218 10.34 9.56 -1.85
N CYS C 219 10.43 9.41 -0.53
CA CYS C 219 9.65 10.30 0.32
C CYS C 219 10.27 11.68 0.40
N LEU C 220 11.58 11.83 0.19
CA LEU C 220 12.17 13.17 0.09
C LEU C 220 11.68 13.89 -1.16
N VAL C 221 11.70 13.21 -2.31
CA VAL C 221 11.25 13.86 -3.56
C VAL C 221 9.75 14.11 -3.53
N PHE C 222 8.97 13.17 -3.00
CA PHE C 222 7.52 13.36 -2.90
C PHE C 222 7.15 14.46 -1.92
N GLY C 223 7.91 14.61 -0.83
CA GLY C 223 7.62 15.67 0.11
C GLY C 223 7.93 17.04 -0.46
N LEU C 224 9.04 17.16 -1.19
CA LEU C 224 9.34 18.43 -1.85
C LEU C 224 8.31 18.78 -2.90
N VAL C 225 7.83 17.78 -3.65
CA VAL C 225 6.86 18.04 -4.72
C VAL C 225 5.52 18.48 -4.14
N ILE C 226 5.00 17.77 -3.12
CA ILE C 226 3.72 18.20 -2.55
C ILE C 226 3.85 19.39 -1.62
N GLY C 227 5.07 19.79 -1.24
CA GLY C 227 5.22 21.04 -0.53
C GLY C 227 5.29 22.22 -1.44
N LYS C 228 5.84 22.06 -2.63
CA LYS C 228 5.90 23.15 -3.59
C LYS C 228 4.68 23.24 -4.49
N MET C 229 3.70 22.33 -4.33
CA MET C 229 2.50 22.42 -5.16
C MET C 229 1.56 23.48 -4.64
N GLY C 230 1.70 23.86 -3.39
CA GLY C 230 1.02 25.05 -2.88
C GLY C 230 -0.33 24.71 -2.24
N GLU C 231 -1.40 24.92 -2.99
CA GLU C 231 -2.76 24.79 -2.48
C GLU C 231 -3.44 23.54 -3.01
N LYS C 232 -3.06 23.10 -4.19
CA LYS C 232 -3.66 21.91 -4.79
C LYS C 232 -3.16 20.62 -4.15
N GLY C 233 -2.09 20.68 -3.38
CA GLY C 233 -1.60 19.53 -2.66
C GLY C 233 -1.48 19.84 -1.19
N GLN C 234 -2.55 20.37 -0.62
CA GLN C 234 -2.65 20.61 0.81
C GLN C 234 -3.37 19.47 1.51
N ILE C 235 -4.23 18.77 0.78
CA ILE C 235 -4.87 17.57 1.30
C ILE C 235 -3.84 16.48 1.56
N LEU C 236 -2.78 16.41 0.74
CA LEU C 236 -1.75 15.41 0.95
C LEU C 236 -0.89 15.74 2.16
N VAL C 237 -0.58 17.02 2.36
CA VAL C 237 0.20 17.43 3.52
C VAL C 237 -0.59 17.21 4.81
N ASP C 238 -1.91 17.45 4.78
CA ASP C 238 -2.75 17.18 5.94
C ASP C 238 -2.85 15.70 6.23
N PHE C 239 -2.99 14.87 5.20
CA PHE C 239 -3.10 13.43 5.38
C PHE C 239 -1.82 12.86 5.97
N PHE C 240 -0.66 13.23 5.43
CA PHE C 240 0.57 12.67 5.96
C PHE C 240 0.96 13.29 7.29
N ASN C 241 0.48 14.48 7.62
CA ASN C 241 0.75 15.04 8.95
C ASN C 241 -0.04 14.32 10.03
N ALA C 242 -1.32 14.03 9.76
CA ALA C 242 -2.10 13.24 10.71
C ALA C 242 -1.60 11.81 10.81
N LEU C 243 -1.10 11.25 9.70
CA LEU C 243 -0.52 9.92 9.75
C LEU C 243 0.77 9.89 10.57
N SER C 244 1.56 10.96 10.51
CA SER C 244 2.75 11.04 11.35
C SER C 244 2.41 11.14 12.83
N ASP C 245 1.38 11.92 13.19
CA ASP C 245 0.97 11.98 14.59
C ASP C 245 0.46 10.63 15.10
N ALA C 246 -0.37 9.96 14.31
CA ALA C 246 -0.89 8.67 14.70
C ALA C 246 0.17 7.58 14.72
N THR C 247 1.31 7.79 14.06
CA THR C 247 2.38 6.81 14.16
C THR C 247 3.30 7.08 15.35
N MET C 248 3.51 8.36 15.71
CA MET C 248 4.25 8.64 16.93
C MET C 248 3.52 8.15 18.17
N LYS C 249 2.19 8.16 18.15
CA LYS C 249 1.48 7.64 19.31
C LYS C 249 1.61 6.12 19.46
N ILE C 250 1.68 5.38 18.35
CA ILE C 250 1.89 3.94 18.46
C ILE C 250 3.32 3.63 18.85
N VAL C 251 4.27 4.49 18.48
CA VAL C 251 5.64 4.33 18.96
C VAL C 251 5.70 4.54 20.47
N GLN C 252 4.91 5.47 20.99
CA GLN C 252 4.86 5.65 22.45
C GLN C 252 4.19 4.46 23.15
N ILE C 253 3.22 3.81 22.50
CA ILE C 253 2.61 2.61 23.07
C ILE C 253 3.62 1.46 23.15
N ILE C 254 4.39 1.27 22.07
CA ILE C 254 5.41 0.22 22.05
C ILE C 254 6.49 0.49 23.10
N MET C 255 6.88 1.75 23.28
CA MET C 255 7.84 2.06 24.32
C MET C 255 7.23 2.00 25.71
N CYS C 256 5.91 2.01 25.84
CA CYS C 256 5.34 1.63 27.13
C CYS C 256 5.49 0.14 27.39
N TYR C 257 5.45 -0.69 26.32
CA TYR C 257 5.68 -2.12 26.54
C TYR C 257 7.15 -2.47 26.79
N MET C 258 8.07 -1.70 26.20
CA MET C 258 9.52 -2.02 26.12
C MET C 258 10.23 -2.60 27.35
N PRO C 259 10.06 -2.09 28.60
CA PRO C 259 10.89 -2.61 29.71
C PRO C 259 10.64 -4.06 30.04
N LEU C 260 9.40 -4.55 29.89
CA LEU C 260 9.12 -5.96 30.04
C LEU C 260 9.76 -6.80 28.95
N GLY C 261 10.13 -6.20 27.83
CA GLY C 261 10.84 -6.92 26.79
C GLY C 261 12.34 -6.95 27.03
N ILE C 262 12.92 -5.79 27.35
CA ILE C 262 14.37 -5.79 27.53
C ILE C 262 14.80 -6.43 28.83
N LEU C 263 13.88 -6.64 29.78
CA LEU C 263 14.21 -7.46 30.96
C LEU C 263 14.54 -8.89 30.53
N PHE C 264 13.68 -9.48 29.70
CA PHE C 264 13.91 -10.84 29.26
C PHE C 264 15.04 -10.92 28.24
N LEU C 265 15.26 -9.88 27.45
CA LEU C 265 16.39 -9.91 26.53
C LEU C 265 17.73 -9.82 27.26
N ILE C 266 17.81 -9.01 28.31
CA ILE C 266 19.04 -8.94 29.10
C ILE C 266 19.24 -10.23 29.88
N ALA C 267 18.16 -10.81 30.43
CA ALA C 267 18.27 -12.10 31.10
C ALA C 267 18.70 -13.21 30.16
N GLY C 268 18.23 -13.20 28.92
CA GLY C 268 18.69 -14.15 27.94
C GLY C 268 20.02 -13.84 27.30
N LYS C 269 20.59 -12.67 27.55
CA LYS C 269 21.93 -12.40 27.04
C LYS C 269 23.03 -12.53 28.07
N ILE C 270 22.69 -12.78 29.33
CA ILE C 270 23.69 -13.15 30.31
C ILE C 270 23.50 -14.60 30.75
N ILE C 271 22.62 -15.33 30.09
CA ILE C 271 22.47 -16.76 30.33
C ILE C 271 23.47 -17.56 29.49
N GLU C 272 23.99 -16.98 28.41
CA GLU C 272 25.06 -17.59 27.63
C GLU C 272 26.43 -17.03 27.95
N VAL C 273 26.54 -16.08 28.87
CA VAL C 273 27.84 -15.50 29.17
C VAL C 273 28.63 -16.48 30.02
N GLU C 274 29.93 -16.46 29.87
CA GLU C 274 30.87 -17.22 30.66
C GLU C 274 32.08 -16.38 31.05
N ASP C 275 32.83 -15.90 30.07
CA ASP C 275 34.01 -15.08 30.30
C ASP C 275 33.52 -13.64 30.44
N TRP C 276 34.04 -12.93 31.44
CA TRP C 276 33.62 -11.55 31.71
C TRP C 276 34.24 -10.61 30.68
N GLU C 277 33.68 -10.66 29.47
CA GLU C 277 34.32 -10.04 28.33
C GLU C 277 33.39 -9.17 27.48
N ILE C 278 32.08 -9.40 27.50
CA ILE C 278 31.20 -8.50 26.77
C ILE C 278 31.05 -7.16 27.50
N PHE C 279 31.36 -7.13 28.80
CA PHE C 279 31.30 -5.87 29.52
C PHE C 279 32.47 -4.98 29.16
N ARG C 280 33.60 -5.56 28.80
CA ARG C 280 34.71 -4.74 28.30
C ARG C 280 34.40 -4.20 26.92
N LYS C 281 33.66 -4.95 26.10
CA LYS C 281 33.21 -4.43 24.82
C LYS C 281 32.25 -3.28 24.99
N LEU C 282 31.37 -3.36 26.00
CA LEU C 282 30.50 -2.22 26.29
C LEU C 282 31.29 -1.01 26.79
N GLY C 283 32.32 -1.24 27.62
CA GLY C 283 33.14 -0.13 28.08
C GLY C 283 33.90 0.53 26.96
N LEU C 284 34.38 -0.25 26.00
CA LEU C 284 35.05 0.35 24.84
C LEU C 284 34.06 1.07 23.93
N TYR C 285 32.81 0.62 23.85
CA TYR C 285 31.82 1.35 23.06
C TYR C 285 31.49 2.69 23.69
N MET C 286 31.37 2.72 25.01
CA MET C 286 31.19 3.99 25.72
C MET C 286 32.38 4.91 25.52
N ALA C 287 33.60 4.36 25.55
CA ALA C 287 34.79 5.18 25.34
C ALA C 287 34.82 5.76 23.93
N THR C 288 34.39 4.98 22.93
CA THR C 288 34.39 5.46 21.56
C THR C 288 33.36 6.56 21.34
N VAL C 289 32.14 6.39 21.88
CA VAL C 289 31.12 7.43 21.74
C VAL C 289 31.53 8.70 22.49
N LEU C 290 32.09 8.56 23.69
CA LEU C 290 32.47 9.74 24.45
C LEU C 290 33.67 10.45 23.86
N THR C 291 34.64 9.73 23.28
CA THR C 291 35.71 10.46 22.61
C THR C 291 35.28 11.01 21.26
N GLY C 292 34.25 10.44 20.63
CA GLY C 292 33.73 11.03 19.42
C GLY C 292 33.03 12.34 19.68
N LEU C 293 32.22 12.40 20.73
CA LEU C 293 31.61 13.68 21.11
C LEU C 293 32.66 14.65 21.64
N ALA C 294 33.70 14.15 22.31
CA ALA C 294 34.69 15.05 22.90
C ALA C 294 35.62 15.66 21.86
N ILE C 295 35.86 14.97 20.74
CA ILE C 295 36.64 15.61 19.68
C ILE C 295 35.77 16.14 18.56
N HIS C 296 34.45 15.99 18.65
CA HIS C 296 33.57 16.74 17.75
C HIS C 296 33.19 18.08 18.32
N SER C 297 33.07 18.21 19.64
CA SER C 297 32.66 19.48 20.22
C SER C 297 33.82 20.29 20.75
N ILE C 298 35.06 19.94 20.42
CA ILE C 298 36.23 20.73 20.79
C ILE C 298 37.09 21.07 19.59
N VAL C 299 37.28 20.12 18.68
CA VAL C 299 38.24 20.27 17.60
C VAL C 299 37.55 20.63 16.27
N ILE C 300 36.34 20.15 16.03
CA ILE C 300 35.75 20.34 14.71
C ILE C 300 34.86 21.58 14.68
N LEU C 301 33.92 21.70 15.61
CA LEU C 301 32.99 22.83 15.60
C LEU C 301 33.68 24.18 15.90
N PRO C 302 34.62 24.31 16.86
CA PRO C 302 35.37 25.57 16.92
C PRO C 302 36.27 25.82 15.73
N LEU C 303 36.71 24.80 15.00
CA LEU C 303 37.49 25.05 13.78
C LEU C 303 36.61 25.61 12.68
N ILE C 304 35.37 25.11 12.58
CA ILE C 304 34.42 25.65 11.62
C ILE C 304 34.11 27.10 11.95
N TYR C 305 33.88 27.39 13.24
CA TYR C 305 33.66 28.77 13.66
C TYR C 305 34.85 29.67 13.40
N PHE C 306 36.08 29.17 13.58
CA PHE C 306 37.24 30.01 13.37
C PHE C 306 37.49 30.27 11.89
N ILE C 307 37.25 29.29 11.02
CA ILE C 307 37.53 29.57 9.62
C ILE C 307 36.41 30.32 8.95
N VAL C 308 35.19 30.34 9.51
CA VAL C 308 34.15 31.16 8.90
C VAL C 308 34.09 32.55 9.51
N VAL C 309 34.00 32.64 10.83
CA VAL C 309 33.75 33.92 11.49
C VAL C 309 35.05 34.70 11.70
N ARG C 310 36.18 34.00 11.82
CA ARG C 310 37.51 34.57 12.13
C ARG C 310 37.51 35.34 13.45
N LYS C 311 36.79 34.82 14.44
CA LYS C 311 36.84 35.31 15.80
C LYS C 311 37.06 34.13 16.73
N ASN C 312 37.21 34.41 18.02
CA ASN C 312 37.58 33.37 18.98
C ASN C 312 36.37 32.51 19.33
N PRO C 313 36.41 31.19 19.13
CA PRO C 313 35.25 30.37 19.44
C PRO C 313 35.06 30.12 20.92
N PHE C 314 36.11 30.22 21.74
CA PHE C 314 35.96 29.88 23.15
C PHE C 314 35.35 31.03 23.94
N ARG C 315 35.61 32.29 23.55
CA ARG C 315 34.87 33.39 24.15
C ARG C 315 33.41 33.37 23.75
N PHE C 316 33.09 32.78 22.59
CA PHE C 316 31.71 32.55 22.22
C PHE C 316 31.09 31.46 23.09
N ALA C 317 31.78 30.32 23.20
CA ALA C 317 31.20 29.16 23.87
C ALA C 317 31.18 29.31 25.39
N MET C 318 31.97 30.23 25.95
CA MET C 318 31.90 30.48 27.37
C MET C 318 30.62 31.23 27.73
N GLY C 319 30.02 31.92 26.77
CA GLY C 319 28.73 32.55 26.99
C GLY C 319 27.55 31.62 26.93
N MET C 320 27.74 30.37 26.52
CA MET C 320 26.65 29.39 26.43
C MET C 320 26.65 28.43 27.61
N ALA C 321 27.26 28.82 28.74
CA ALA C 321 27.47 27.88 29.83
C ALA C 321 26.15 27.52 30.51
N GLN C 322 25.24 28.49 30.63
CA GLN C 322 23.94 28.20 31.24
C GLN C 322 23.13 27.25 30.38
N ALA C 323 23.19 27.43 29.05
CA ALA C 323 22.47 26.54 28.14
C ALA C 323 23.05 25.14 28.14
N LEU C 324 24.38 25.02 28.25
CA LEU C 324 24.99 23.69 28.24
C LEU C 324 24.75 22.95 29.55
N LEU C 325 24.83 23.64 30.69
CA LEU C 325 24.51 22.98 31.95
C LEU C 325 23.03 22.64 32.06
N THR C 326 22.16 23.47 31.45
CA THR C 326 20.74 23.14 31.44
C THR C 326 20.48 21.93 30.57
N ALA C 327 21.08 21.87 29.37
CA ALA C 327 20.92 20.71 28.50
C ALA C 327 21.53 19.45 29.09
N LEU C 328 22.48 19.58 30.00
CA LEU C 328 22.88 18.40 30.77
C LEU C 328 21.84 18.03 31.82
N MET C 329 21.26 19.01 32.52
CA MET C 329 20.38 18.68 33.64
C MET C 329 19.03 18.16 33.16
N ILE C 330 18.28 18.97 32.42
CA ILE C 330 17.15 18.44 31.67
C ILE C 330 17.66 17.86 30.36
N SER C 331 17.28 16.62 30.08
CA SER C 331 17.91 15.91 28.98
C SER C 331 17.11 15.95 27.71
N SER C 332 16.82 17.15 27.21
CA SER C 332 16.17 17.30 25.92
C SER C 332 16.55 18.65 25.33
N SER C 333 16.91 18.66 24.05
CA SER C 333 17.46 19.86 23.45
C SER C 333 16.37 20.76 22.89
N SER C 334 15.10 20.42 23.12
CA SER C 334 14.01 21.29 22.71
C SER C 334 13.32 21.96 23.88
N ALA C 335 13.56 21.51 25.11
CA ALA C 335 13.04 22.20 26.27
C ALA C 335 14.06 23.14 26.89
N THR C 336 15.32 23.05 26.50
CA THR C 336 16.32 24.02 26.85
C THR C 336 16.40 25.15 25.82
N LEU C 337 15.38 25.27 24.98
CA LEU C 337 15.37 26.32 23.97
C LEU C 337 15.28 27.76 24.50
N PRO C 338 14.49 28.11 25.52
CA PRO C 338 14.53 29.51 25.97
C PRO C 338 15.83 29.92 26.63
N VAL C 339 16.53 28.96 27.25
CA VAL C 339 17.79 29.25 27.89
C VAL C 339 18.86 29.56 26.85
N THR C 340 18.86 28.82 25.74
CA THR C 340 19.79 29.17 24.67
C THR C 340 19.31 30.33 23.82
N PHE C 341 18.03 30.70 23.92
CA PHE C 341 17.60 31.97 23.34
C PHE C 341 18.20 33.14 24.10
N ARG C 342 18.09 33.12 25.43
CA ARG C 342 18.57 34.26 26.21
C ARG C 342 20.08 34.22 26.46
N CYS C 343 20.79 33.21 25.97
CA CYS C 343 22.24 33.18 26.10
C CYS C 343 22.95 33.50 24.80
N ALA C 344 22.22 33.65 23.70
CA ALA C 344 22.81 34.05 22.43
C ALA C 344 22.47 35.47 22.04
N GLU C 345 21.25 35.92 22.34
CA GLU C 345 20.88 37.30 22.04
C GLU C 345 21.38 38.26 23.10
N GLU C 346 21.66 37.77 24.30
CA GLU C 346 22.06 38.64 25.41
C GLU C 346 23.52 38.43 25.78
N ASN C 347 23.91 37.20 26.10
CA ASN C 347 25.26 36.93 26.58
C ASN C 347 26.30 37.06 25.48
N ASN C 348 25.90 36.95 24.22
CA ASN C 348 26.72 37.35 23.09
C ASN C 348 26.12 38.59 22.46
N GLN C 349 26.35 38.75 21.17
CA GLN C 349 25.77 39.86 20.42
C GLN C 349 25.29 39.38 19.06
N VAL C 350 24.23 38.62 19.09
CA VAL C 350 23.66 38.02 17.89
C VAL C 350 22.37 38.74 17.55
N ASP C 351 22.17 39.04 16.27
CA ASP C 351 20.93 39.65 15.83
C ASP C 351 19.76 38.70 16.02
N LYS C 352 18.65 39.23 16.53
CA LYS C 352 17.49 38.40 16.80
C LYS C 352 16.79 37.94 15.53
N ARG C 353 17.00 38.63 14.42
CA ARG C 353 16.35 38.26 13.17
C ARG C 353 16.88 36.96 12.60
N ILE C 354 18.08 36.54 13.01
CA ILE C 354 18.58 35.21 12.64
C ILE C 354 18.39 34.20 13.76
N THR C 355 18.28 34.65 15.01
CA THR C 355 18.07 33.73 16.12
C THR C 355 16.64 33.21 16.12
N ARG C 356 15.71 34.01 15.64
CA ARG C 356 14.33 33.56 15.54
C ARG C 356 14.10 32.53 14.45
N PHE C 357 15.09 32.29 13.58
CA PHE C 357 14.98 31.22 12.60
C PHE C 357 15.88 30.03 12.90
N VAL C 358 17.16 30.27 13.22
CA VAL C 358 18.13 29.19 13.29
C VAL C 358 17.87 28.29 14.50
N LEU C 359 17.57 28.85 15.64
CA LEU C 359 17.35 28.04 16.82
C LEU C 359 16.06 27.24 16.87
N PRO C 360 14.89 27.71 16.39
CA PRO C 360 13.73 26.81 16.37
C PRO C 360 13.78 25.74 15.29
N VAL C 361 14.57 25.94 14.24
CA VAL C 361 14.71 24.90 13.22
C VAL C 361 15.76 23.89 13.64
N GLY C 362 16.93 24.38 14.07
CA GLY C 362 18.01 23.51 14.48
C GLY C 362 17.80 22.76 15.77
N ALA C 363 16.75 23.05 16.52
CA ALA C 363 16.46 22.24 17.68
C ALA C 363 15.84 20.90 17.32
N THR C 364 15.32 20.75 16.11
CA THR C 364 14.68 19.51 15.69
C THR C 364 15.42 18.76 14.61
N ILE C 365 16.06 19.43 13.65
CA ILE C 365 16.72 18.73 12.55
C ILE C 365 18.23 18.74 12.64
N ASN C 366 18.83 19.47 13.57
CA ASN C 366 20.29 19.48 13.70
C ASN C 366 20.66 18.70 14.94
N MET C 367 20.96 17.41 14.76
CA MET C 367 21.36 16.52 15.84
C MET C 367 22.66 15.86 15.42
N ASP C 368 23.79 16.44 15.83
CA ASP C 368 25.09 15.88 15.50
C ASP C 368 25.42 14.70 16.39
N GLY C 369 25.13 14.82 17.68
CA GLY C 369 25.51 13.79 18.62
C GLY C 369 24.74 12.50 18.43
N THR C 370 23.45 12.62 18.11
CA THR C 370 22.65 11.43 17.84
C THR C 370 23.09 10.74 16.55
N ALA C 371 23.53 11.50 15.56
CA ALA C 371 23.98 10.89 14.32
C ALA C 371 25.31 10.18 14.49
N LEU C 372 26.23 10.79 15.25
CA LEU C 372 27.49 10.11 15.57
C LEU C 372 27.25 8.85 16.38
N TYR C 373 26.35 8.92 17.35
CA TYR C 373 25.97 7.77 18.15
C TYR C 373 25.40 6.65 17.32
N GLU C 374 24.54 6.97 16.34
CA GLU C 374 23.92 5.91 15.54
C GLU C 374 24.92 5.28 14.58
N ALA C 375 25.86 6.06 14.03
CA ALA C 375 26.90 5.45 13.21
C ALA C 375 27.80 4.52 14.02
N VAL C 376 28.26 4.99 15.19
CA VAL C 376 29.14 4.18 16.03
C VAL C 376 28.42 2.94 16.52
N ALA C 377 27.15 3.06 16.89
CA ALA C 377 26.42 1.92 17.40
C ALA C 377 26.08 0.90 16.31
N ALA C 378 25.82 1.33 15.08
CA ALA C 378 25.55 0.36 14.02
C ALA C 378 26.80 -0.40 13.64
N VAL C 379 27.95 0.27 13.54
CA VAL C 379 29.17 -0.47 13.21
C VAL C 379 29.62 -1.33 14.40
N PHE C 380 29.31 -0.92 15.63
CA PHE C 380 29.64 -1.76 16.78
C PHE C 380 28.78 -3.01 16.83
N ILE C 381 27.49 -2.91 16.48
CA ILE C 381 26.64 -4.10 16.40
C ILE C 381 27.10 -5.02 15.28
N ALA C 382 27.60 -4.45 14.17
CA ALA C 382 28.13 -5.29 13.10
C ALA C 382 29.41 -5.99 13.54
N GLN C 383 30.29 -5.31 14.26
CA GLN C 383 31.53 -5.93 14.71
C GLN C 383 31.30 -6.94 15.83
N LEU C 384 30.21 -6.79 16.59
CA LEU C 384 29.92 -7.71 17.67
C LEU C 384 29.48 -9.07 17.16
N ASN C 385 28.94 -9.13 15.94
CA ASN C 385 28.41 -10.36 15.37
C ASN C 385 29.37 -11.01 14.39
N ASP C 386 30.68 -10.77 14.56
CA ASP C 386 31.77 -11.40 13.79
C ASP C 386 31.63 -11.13 12.29
N LEU C 387 31.26 -9.90 11.96
CA LEU C 387 30.90 -9.52 10.61
C LEU C 387 31.70 -8.28 10.23
N ASP C 388 32.32 -8.30 9.06
CA ASP C 388 33.06 -7.15 8.57
C ASP C 388 32.24 -6.47 7.49
N LEU C 389 31.92 -5.20 7.70
CA LEU C 389 31.10 -4.47 6.76
C LEU C 389 31.89 -4.11 5.51
N GLY C 390 31.18 -3.91 4.41
CA GLY C 390 31.81 -3.52 3.18
C GLY C 390 32.02 -2.02 3.12
N ILE C 391 31.92 -1.45 1.92
CA ILE C 391 31.86 -0.01 1.77
C ILE C 391 30.55 0.44 1.14
N GLY C 392 29.71 -0.46 0.65
CA GLY C 392 28.33 -0.10 0.39
C GLY C 392 27.53 -0.02 1.66
N GLN C 393 27.82 -0.88 2.63
CA GLN C 393 27.09 -0.88 3.88
C GLN C 393 27.46 0.29 4.77
N ILE C 394 28.71 0.73 4.72
CA ILE C 394 29.12 1.87 5.52
C ILE C 394 28.51 3.15 4.98
N ILE C 395 28.38 3.26 3.66
CA ILE C 395 27.74 4.45 3.11
C ILE C 395 26.22 4.37 3.26
N THR C 396 25.64 3.17 3.32
CA THR C 396 24.21 3.09 3.63
C THR C 396 23.93 3.50 5.08
N ILE C 397 24.78 3.09 6.02
CA ILE C 397 24.68 3.57 7.40
C ILE C 397 24.87 5.07 7.47
N SER C 398 25.85 5.59 6.74
CA SER C 398 26.17 7.01 6.78
C SER C 398 25.15 7.89 6.10
N ILE C 399 24.35 7.35 5.19
CA ILE C 399 23.27 8.13 4.59
C ILE C 399 22.00 8.03 5.43
N THR C 400 21.66 6.84 5.94
CA THR C 400 20.48 6.68 6.76
C THR C 400 20.63 7.34 8.13
N ALA C 401 21.85 7.62 8.59
CA ALA C 401 22.01 8.30 9.86
C ALA C 401 21.81 9.81 9.80
N THR C 402 22.13 10.45 8.68
CA THR C 402 21.93 11.90 8.59
C THR C 402 20.59 12.27 7.98
N SER C 403 20.03 11.42 7.14
CA SER C 403 18.76 11.69 6.50
C SER C 403 17.58 11.29 7.35
N ALA C 404 17.79 10.65 8.48
CA ALA C 404 16.73 10.39 9.44
C ALA C 404 16.66 11.44 10.52
N SER C 405 17.38 12.55 10.35
CA SER C 405 17.22 13.72 11.18
C SER C 405 16.20 14.68 10.63
N ILE C 406 15.82 14.53 9.36
CA ILE C 406 14.85 15.43 8.75
C ILE C 406 13.47 15.18 9.32
N GLY C 407 13.03 13.92 9.33
CA GLY C 407 11.74 13.62 9.87
C GLY C 407 11.74 13.45 11.38
N ALA C 408 12.15 14.48 12.10
CA ALA C 408 12.25 14.41 13.56
C ALA C 408 11.17 15.30 14.16
N ALA C 409 10.13 14.68 14.69
CA ALA C 409 9.01 15.42 15.25
C ALA C 409 9.38 16.10 16.55
N GLY C 410 9.54 15.34 17.62
CA GLY C 410 9.84 15.90 18.91
C GLY C 410 9.50 14.92 20.00
N VAL C 411 9.40 13.66 19.63
CA VAL C 411 9.13 12.56 20.56
C VAL C 411 10.45 11.86 20.86
N PRO C 412 10.94 11.90 22.10
CA PRO C 412 12.30 11.38 22.34
C PRO C 412 12.35 9.87 22.47
N GLN C 413 11.21 9.19 22.41
CA GLN C 413 11.22 7.73 22.44
C GLN C 413 11.72 7.16 21.13
N ALA C 414 11.31 7.77 20.01
CA ALA C 414 11.56 7.25 18.67
C ALA C 414 13.03 7.20 18.29
N GLY C 415 13.92 7.78 19.11
CA GLY C 415 15.34 7.55 18.97
C GLY C 415 15.70 6.09 18.91
N LEU C 416 15.06 5.27 19.76
CA LEU C 416 15.30 3.83 19.70
C LEU C 416 14.85 3.25 18.37
N VAL C 417 13.75 3.76 17.82
CA VAL C 417 13.29 3.26 16.52
C VAL C 417 14.27 3.68 15.43
N THR C 418 14.93 4.83 15.59
CA THR C 418 15.94 5.20 14.60
C THR C 418 17.13 4.24 14.66
N MET C 419 17.44 3.73 15.85
CA MET C 419 18.53 2.78 15.98
C MET C 419 18.16 1.43 15.39
N VAL C 420 16.88 1.16 15.17
CA VAL C 420 16.54 -0.06 14.45
C VAL C 420 16.66 0.19 12.95
N ILE C 421 16.36 1.41 12.50
CA ILE C 421 16.29 1.69 11.07
C ILE C 421 17.67 1.63 10.44
N VAL C 422 18.68 2.23 11.09
CA VAL C 422 20.02 2.10 10.56
C VAL C 422 20.58 0.70 10.78
N LEU C 423 19.98 -0.09 11.67
CA LEU C 423 20.34 -1.48 11.80
C LEU C 423 19.60 -2.36 10.81
N SER C 424 18.62 -1.81 10.11
CA SER C 424 17.83 -2.58 9.17
C SER C 424 18.01 -2.11 7.74
N ALA C 425 18.72 -1.03 7.51
CA ALA C 425 19.10 -0.63 6.16
C ALA C 425 20.23 -1.47 5.62
N VAL C 426 21.03 -2.08 6.49
CA VAL C 426 22.16 -2.91 6.10
C VAL C 426 21.96 -4.37 6.46
N GLY C 427 20.85 -4.72 7.09
CA GLY C 427 20.55 -6.12 7.37
C GLY C 427 21.34 -6.70 8.51
N LEU C 428 21.30 -6.08 9.60
CA LEU C 428 21.93 -6.60 10.80
C LEU C 428 20.88 -7.10 11.77
N PRO C 429 21.19 -8.06 12.64
CA PRO C 429 20.19 -8.56 13.57
C PRO C 429 19.90 -7.53 14.66
N ALA C 430 18.62 -7.20 14.81
CA ALA C 430 18.22 -6.07 15.62
C ALA C 430 18.31 -6.34 17.12
N GLU C 431 18.25 -7.61 17.56
CA GLU C 431 18.12 -7.92 18.98
C GLU C 431 19.32 -7.46 19.81
N ASP C 432 20.50 -7.36 19.19
CA ASP C 432 21.68 -6.87 19.88
C ASP C 432 21.58 -5.40 20.27
N VAL C 433 20.56 -4.67 19.80
CA VAL C 433 20.34 -3.29 20.23
C VAL C 433 19.98 -3.23 21.71
N THR C 434 19.61 -4.37 22.30
CA THR C 434 19.46 -4.47 23.76
C THR C 434 20.73 -4.03 24.48
N LEU C 435 21.89 -4.46 24.00
CA LEU C 435 23.16 -4.06 24.61
C LEU C 435 23.48 -2.58 24.42
N ILE C 436 22.70 -1.86 23.62
CA ILE C 436 22.83 -0.42 23.52
C ILE C 436 21.90 0.28 24.49
N ILE C 437 20.70 -0.28 24.71
CA ILE C 437 19.67 0.41 25.51
C ILE C 437 20.10 0.50 26.97
N ALA C 438 20.71 -0.57 27.48
CA ALA C 438 21.26 -0.57 28.83
C ALA C 438 22.35 0.46 29.02
N VAL C 439 23.02 0.86 27.94
CA VAL C 439 24.05 1.87 28.02
C VAL C 439 23.46 3.27 27.77
N ASP C 440 22.29 3.33 27.13
CA ASP C 440 21.77 4.57 26.57
C ASP C 440 21.37 5.61 27.60
N TRP C 441 21.22 5.24 28.86
CA TRP C 441 20.91 6.24 29.87
C TRP C 441 22.15 6.93 30.43
N LEU C 442 23.34 6.53 29.99
CA LEU C 442 24.57 7.18 30.42
C LEU C 442 25.21 8.04 29.35
N LEU C 443 24.62 8.10 28.15
CA LEU C 443 25.17 8.88 27.06
C LEU C 443 24.19 9.91 26.53
N ASP C 444 22.99 10.00 27.09
CA ASP C 444 21.99 10.89 26.53
C ASP C 444 22.28 12.35 26.90
N ARG C 445 22.87 12.55 28.07
CA ARG C 445 23.25 13.89 28.52
C ARG C 445 24.24 14.55 27.59
N PHE C 446 25.31 13.83 27.23
CA PHE C 446 26.35 14.42 26.41
C PHE C 446 25.89 14.58 24.96
N ARG C 447 25.00 13.71 24.50
CA ARG C 447 24.40 13.88 23.17
C ARG C 447 23.54 15.13 23.10
N THR C 448 22.75 15.39 24.14
CA THR C 448 21.99 16.63 24.19
C THR C 448 22.88 17.85 24.24
N MET C 449 24.00 17.75 24.98
CA MET C 449 24.95 18.86 25.04
C MET C 449 25.57 19.16 23.68
N VAL C 450 25.89 18.13 22.88
CA VAL C 450 26.50 18.39 21.57
C VAL C 450 25.46 18.88 20.56
N ASN C 451 24.20 18.45 20.67
CA ASN C 451 23.15 19.02 19.81
C ASN C 451 22.96 20.51 20.07
N VAL C 452 22.91 20.89 21.35
CA VAL C 452 22.76 22.30 21.72
C VAL C 452 23.99 23.10 21.30
N LEU C 453 25.18 22.52 21.43
CA LEU C 453 26.39 23.25 21.03
C LEU C 453 26.47 23.46 19.53
N GLY C 454 26.03 22.47 18.75
CA GLY C 454 26.02 22.64 17.30
C GLY C 454 25.08 23.75 16.85
N ASP C 455 23.83 23.72 17.31
CA ASP C 455 22.97 24.80 16.83
C ASP C 455 23.20 26.12 17.55
N ALA C 456 24.02 26.15 18.61
CA ALA C 456 24.39 27.43 19.19
C ALA C 456 25.57 28.05 18.45
N PHE C 457 26.45 27.22 17.89
CA PHE C 457 27.47 27.73 16.98
C PHE C 457 26.89 28.17 15.65
N GLY C 458 25.75 27.59 15.27
CA GLY C 458 25.12 27.96 14.02
C GLY C 458 24.67 29.41 13.95
N THR C 459 24.25 29.98 15.07
CA THR C 459 23.82 31.37 15.09
C THR C 459 24.99 32.32 14.97
N GLY C 460 26.20 31.85 15.27
CA GLY C 460 27.38 32.65 15.04
C GLY C 460 27.86 32.51 13.62
N ILE C 461 27.67 31.32 13.03
CA ILE C 461 28.11 31.07 11.66
C ILE C 461 27.26 31.87 10.67
N VAL C 462 25.93 31.79 10.81
CA VAL C 462 25.03 32.39 9.81
C VAL C 462 25.03 33.92 9.95
N GLU C 463 25.48 34.43 11.10
CA GLU C 463 25.62 35.87 11.30
C GLU C 463 26.64 36.49 10.37
N LYS C 464 27.82 35.90 10.26
CA LYS C 464 28.89 36.51 9.47
C LYS C 464 28.61 36.39 7.98
N LEU C 465 27.97 35.30 7.56
CA LEU C 465 27.74 35.08 6.14
C LEU C 465 26.69 36.04 5.57
N SER C 466 25.68 36.37 6.35
CA SER C 466 24.56 37.18 5.90
C SER C 466 24.66 38.56 6.55
N LYS C 467 25.66 39.33 6.14
CA LYS C 467 25.77 40.69 6.61
C LYS C 467 25.18 41.72 5.67
N LYS C 468 24.93 41.38 4.41
CA LYS C 468 24.28 42.32 3.50
C LYS C 468 22.77 42.30 3.71
N GLU C 469 22.20 41.11 3.87
CA GLU C 469 20.75 40.98 3.98
C GLU C 469 20.22 41.55 5.27
N LEU C 470 21.04 41.64 6.32
CA LEU C 470 20.57 42.27 7.54
C LEU C 470 20.47 43.79 7.39
N GLU C 471 21.37 44.39 6.61
CA GLU C 471 21.21 45.81 6.30
C GLU C 471 20.06 46.03 5.34
N GLN C 472 19.77 45.04 4.49
CA GLN C 472 18.61 45.18 3.62
C GLN C 472 17.30 45.04 4.37
N MET C 473 17.26 44.22 5.41
CA MET C 473 16.06 44.18 6.26
C MET C 473 16.04 45.31 7.28
N ASP C 474 17.15 46.01 7.48
CA ASP C 474 17.14 47.18 8.36
C ASP C 474 16.75 48.44 7.61
N VAL C 475 17.21 48.60 6.37
CA VAL C 475 16.89 49.80 5.60
C VAL C 475 15.45 49.78 5.15
N SER C 476 14.96 48.66 4.63
CA SER C 476 13.60 48.56 4.14
C SER C 476 12.82 47.48 4.87
C 7O9 D . -1.51 15.28 -28.91
F2 7O9 D . -0.64 5.73 -17.22
C13 7O9 D . -1.73 6.45 -17.40
F 7O9 D . -2.22 6.68 -16.20
F1 7O9 D . -2.60 5.65 -18.00
C12 7O9 D . -1.46 7.70 -18.16
C11 7O9 D . -1.05 8.82 -17.48
C10 7O9 D . -0.81 9.99 -18.17
C14 7O9 D . -1.64 7.73 -19.53
C15 7O9 D . -1.41 8.91 -20.22
C9 7O9 D . -0.98 10.03 -19.54
C8 7O9 D . -0.72 11.32 -20.27
O5 7O9 D . -0.34 12.30 -19.66
N 7O9 D . -0.92 11.27 -21.60
C7 7O9 D . -0.83 12.31 -22.54
C6 7O9 D . -0.49 11.95 -23.83
C16 7O9 D . -1.11 13.65 -22.27
C17 7O9 D . -1.00 14.60 -23.26
C18 7O9 D . -0.65 14.23 -24.53
C5 7O9 D . -0.39 12.91 -24.83
C4 7O9 D . 0.00 12.50 -26.23
O4 7O9 D . -0.21 13.61 -27.11
C2 7O9 D . -0.11 13.26 -28.48
C3 7O9 D . 1.21 12.55 -28.76
O3 7O9 D . 2.26 13.15 -28.44
O2 7O9 D . 1.15 11.43 -29.28
C1 7O9 D . -0.22 14.56 -29.29
N1 7O9 D . 0.94 15.46 -29.03
O1 7O9 D . -2.57 14.64 -28.99
O 7O9 D . -1.40 16.46 -28.51
CAA Y01 E . -16.37 0.46 -41.46
CBA Y01 E . -15.37 0.74 -40.35
CAB Y01 E . -14.14 -0.12 -40.54
CAN Y01 E . -15.98 0.53 -38.98
CAJ Y01 E . -17.33 1.17 -38.77
CAO Y01 E . -17.74 1.25 -37.32
CBB Y01 E . -19.19 1.71 -37.10
CAC Y01 E . -20.14 0.58 -37.50
CBE Y01 E . -19.39 2.23 -35.66
CAP Y01 E . -18.24 3.16 -35.21
CAQ Y01 E . -18.88 4.39 -34.54
CBG Y01 E . -20.19 3.81 -34.04
CBI Y01 E . -20.69 3.00 -35.26
CAE Y01 E . -21.12 3.93 -36.41
CAU Y01 E . -21.87 2.15 -34.76
CAS Y01 E . -22.97 3.00 -34.10
CBF Y01 E . -22.42 3.86 -32.95
CBD Y01 E . -21.24 4.73 -33.42
CAK Y01 E . -20.64 5.51 -32.26
CAI Y01 E . -21.68 6.09 -31.35
CAZ Y01 E . -22.95 5.71 -31.30
CAV Y01 E . -23.88 6.30 -30.26
CBH Y01 E . -23.54 4.66 -32.23
CAD Y01 E . -24.47 5.38 -33.21
CAT Y01 E . -24.36 3.64 -31.38
CAR Y01 E . -25.31 4.29 -30.38
CBC Y01 E . -24.57 5.22 -29.46
OAW Y01 E . -25.46 5.80 -28.45
CAY Y01 E . -26.66 6.32 -28.75
OAG Y01 E . -26.92 6.94 -29.75
CAM Y01 E . -27.67 6.01 -27.70
CAL Y01 E . -27.39 6.53 -26.30
CAX Y01 E . -28.57 6.41 -25.35
OAH Y01 E . -28.49 5.59 -24.43
OAF Y01 E . -29.56 7.14 -25.55
O12 PC1 F . -24.58 9.80 -17.58
P PC1 F . -23.89 8.68 -16.92
O14 PC1 F . -23.64 8.74 -15.46
O13 PC1 F . -24.68 7.34 -17.28
O11 PC1 F . -22.49 8.49 -17.67
C1 PC1 F . -21.47 7.64 -17.12
C2 PC1 F . -20.80 6.86 -18.23
O21 PC1 F . -19.36 7.09 -18.12
C21 PC1 F . -18.59 5.99 -18.10
O22 PC1 F . -19.02 4.88 -18.25
C22 PC1 F . -17.17 6.32 -17.79
C23 PC1 F . -16.19 5.81 -18.83
C24 PC1 F . -15.87 4.33 -18.73
C25 PC1 F . -14.99 3.88 -19.86
C26 PC1 F . -14.65 2.40 -19.90
C27 PC1 F . -13.75 2.05 -21.06
C28 PC1 F . -13.40 0.58 -21.20
C29 PC1 F . -12.52 0.27 -22.40
C2A PC1 F . -12.20 -1.20 -22.57
C2B PC1 F . -11.47 -1.54 -23.86
C3 PC1 F . -21.27 7.27 -19.59
O31 PC1 F . -20.82 6.30 -20.58
C31 PC1 F . -21.64 5.29 -20.88
O32 PC1 F . -22.68 5.09 -20.33
C32 PC1 F . -21.09 4.46 -22.00
C33 PC1 F . -20.03 3.44 -21.57
C34 PC1 F . -18.64 3.75 -22.10
C35 PC1 F . -18.12 2.76 -23.13
C36 PC1 F . -18.95 2.69 -24.40
C37 PC1 F . -18.27 2.01 -25.57
C38 PC1 F . -18.26 0.50 -25.49
C39 PC1 F . -17.66 -0.15 -26.72
O21 PC1 G . -25.68 3.99 -15.88
C21 PC1 G . -25.34 4.13 -14.60
O22 PC1 G . -25.66 5.07 -13.92
C22 PC1 G . -24.52 2.97 -14.12
C23 PC1 G . -23.39 2.58 -15.06
C24 PC1 G . -22.42 3.72 -15.34
C25 PC1 G . -21.05 3.24 -15.78
C26 PC1 G . -21.08 2.24 -16.90
C27 PC1 G . -19.70 1.70 -17.25
C28 PC1 G . -19.74 0.64 -18.32
C29 PC1 G . -18.40 -0.04 -18.56
C2A PC1 G . -18.48 -1.18 -19.58
C2B PC1 G . -17.16 -1.87 -19.84
C2C PC1 G . -17.26 -3.01 -20.83
C2D PC1 G . -15.93 -3.72 -21.09
C2E PC1 G . -16.04 -4.91 -22.02
C2F PC1 G . -16.46 -4.56 -23.43
O21 PC1 H . -23.07 1.58 -8.21
C21 PC1 H . -22.92 1.91 -9.35
O22 PC1 H . -23.86 1.77 -10.30
C22 PC1 H . -21.68 2.55 -9.90
C23 PC1 H . -21.31 2.03 -11.27
C24 PC1 H . -20.90 0.57 -11.25
C25 PC1 H . -20.26 0.11 -12.54
C26 PC1 H . -19.93 -1.35 -12.56
C27 PC1 H . -19.02 -1.75 -13.69
C28 PC1 H . -18.62 -3.19 -13.66
C29 PC1 H . -17.44 -3.52 -14.55
C2A PC1 H . -16.91 -4.93 -14.33
C2B PC1 H . -15.64 -5.23 -15.09
C2C PC1 H . -15.79 -5.17 -16.59
C2D PC1 H . -14.55 -5.57 -17.34
C1 PC1 I . -2.42 -12.47 -41.12
C2 PC1 I . -3.53 -12.05 -40.20
O21 PC1 I . -4.15 -10.86 -40.77
C3 PC1 I . -3.01 -11.69 -38.84
O31 PC1 I . -4.07 -10.96 -38.15
C31 PC1 I . -4.04 -10.94 -36.82
O32 PC1 I . -3.22 -11.50 -36.16
C32 PC1 I . -5.19 -10.14 -36.29
C33 PC1 I . -5.13 -9.91 -34.79
C34 PC1 I . -6.22 -8.96 -34.32
C35 PC1 I . -6.32 -8.82 -32.82
C36 PC1 I . -7.38 -7.82 -32.39
C37 PC1 I . -7.70 -7.87 -30.92
C38 PC1 I . -8.72 -6.84 -30.47
C39 PC1 I . -9.19 -7.04 -29.04
C3A PC1 I . -10.09 -5.94 -28.52
C3B PC1 I . -10.49 -6.13 -27.06
C3C PC1 I . -11.33 -5.02 -26.50
O12 PC1 J . 9.04 22.67 -19.86
P PC1 J . 8.97 23.68 -18.77
O14 PC1 J . 8.67 25.09 -19.12
O13 PC1 J . 7.89 23.14 -17.73
O11 PC1 J . 10.37 23.63 -18.00
C1 PC1 J . 10.41 23.47 -16.56
C2 PC1 J . 11.57 22.58 -16.22
O21 PC1 J . 11.42 22.13 -14.84
C21 PC1 J . 10.69 21.03 -14.62
O22 PC1 J . 10.15 20.39 -15.49
C22 PC1 J . 10.63 20.70 -13.16
C23 PC1 J . 11.78 19.79 -12.72
C24 PC1 J . 12.87 20.52 -11.96
C25 PC1 J . 14.09 19.68 -11.68
C26 PC1 J . 14.99 19.49 -12.87
C27 PC1 J . 16.20 18.62 -12.60
C28 PC1 J . 15.83 17.18 -12.31
C29 PC1 J . 17.01 16.24 -12.12
C2A PC1 J . 16.56 14.80 -12.15
C2B PC1 J . 17.53 13.80 -11.61
C2C PC1 J . 16.86 12.47 -11.28
C2D PC1 J . 15.61 12.66 -10.45
C2E PC1 J . 14.90 11.40 -10.06
C2F PC1 J . 13.51 11.67 -9.58
C2G PC1 J . 12.74 10.46 -9.15
C2H PC1 J . 13.28 9.86 -7.90
C2I PC1 J . 12.26 9.08 -7.15
C3 PC1 J . 12.89 23.31 -16.36
O31 PC1 J . 13.97 22.36 -16.48
C31 PC1 J . 15.16 22.85 -16.80
O32 PC1 J . 15.37 24.03 -16.95
C32 PC1 J . 16.21 21.79 -16.92
C33 PC1 J . 16.13 21.01 -18.22
C34 PC1 J . 17.47 20.45 -18.69
C35 PC1 J . 17.36 19.42 -19.80
C36 PC1 J . 18.63 19.23 -20.64
C37 PC1 J . 19.87 18.86 -19.85
C38 PC1 J . 19.76 17.57 -19.03
C39 PC1 J . 20.91 17.37 -18.07
C3A PC1 J . 20.63 16.39 -16.95
C3B PC1 J . 21.70 16.38 -15.86
C3C PC1 J . 21.43 15.41 -14.73
O12 PC1 K . -31.11 -4.01 -3.52
P PC1 K . -31.23 -2.68 -4.14
O14 PC1 K . -32.50 -1.93 -4.01
O13 PC1 K . -30.02 -1.80 -3.56
O11 PC1 K . -30.91 -2.85 -5.69
C1 PC1 K . -29.92 -2.02 -6.35
C2 PC1 K . -29.17 -2.87 -7.34
O21 PC1 K . -27.96 -2.15 -7.73
C21 PC1 K . -26.86 -2.31 -6.98
O22 PC1 K . -26.82 -3.00 -5.99
C22 PC1 K . -25.71 -1.52 -7.52
C23 PC1 K . -24.88 -2.31 -8.53
C24 PC1 K . -25.15 -1.89 -9.97
C25 PC1 K . -24.47 -2.77 -10.99
C26 PC1 K . -25.17 -4.10 -11.20
C27 PC1 K . -24.49 -5.01 -12.20
C28 PC1 K . -23.14 -5.49 -11.73
C29 PC1 K . -22.44 -6.46 -12.65
C2A PC1 K . -21.27 -7.12 -11.96
C2B PC1 K . -20.28 -7.81 -12.86
C2C PC1 K . -18.95 -8.06 -12.16
C2D PC1 K . -18.43 -6.82 -11.49
C2E PC1 K . -17.11 -6.96 -10.79
C2F PC1 K . -16.84 -5.83 -9.84
C2G PC1 K . -15.53 -5.90 -9.13
C2H PC1 K . -14.38 -5.69 -10.03
C2I PC1 K . -13.18 -5.18 -9.32
C3 PC1 K . -30.00 -3.15 -8.56
O31 PC1 K . -29.48 -4.30 -9.27
C31 PC1 K . -30.21 -4.77 -10.27
O32 PC1 K . -31.26 -4.29 -10.61
C32 PC1 K . -29.59 -5.98 -10.91
C33 PC1 K . -29.76 -7.26 -10.09
C34 PC1 K . -29.78 -8.53 -10.96
C35 PC1 K . -29.64 -9.81 -10.16
C36 PC1 K . -30.16 -11.07 -10.84
C37 PC1 K . -29.55 -11.35 -12.21
C38 PC1 K . -28.04 -11.52 -12.22
C39 PC1 K . -27.45 -11.55 -13.62
C3A PC1 K . -25.96 -11.26 -13.69
C3B PC1 K . -25.45 -11.05 -15.10
C3C PC1 K . -23.96 -10.75 -15.18
C 7O9 L . -29.21 -9.39 11.36
F2 7O9 L . -14.77 -7.70 7.20
C13 7O9 L . -15.29 -6.88 8.09
F 7O9 L . -14.68 -5.73 7.93
F1 7O9 L . -14.91 -7.33 9.27
C12 7O9 L . -16.77 -6.77 7.96
C11 7O9 L . -17.30 -5.86 7.06
C10 7O9 L . -18.67 -5.75 6.94
C14 7O9 L . -17.60 -7.56 8.72
C15 7O9 L . -18.97 -7.45 8.60
C9 7O9 L . -19.51 -6.54 7.70
C8 7O9 L . -20.99 -6.40 7.55
O5 7O9 L . -21.44 -5.60 6.75
N 7O9 L . -21.73 -7.21 8.34
C7 7O9 L . -23.14 -7.25 8.48
C6 7O9 L . -23.67 -8.48 8.84
C16 7O9 L . -23.97 -6.17 8.34
C17 7O9 L . -25.33 -6.31 8.50
C18 7O9 L . -25.86 -7.53 8.84
C5 7O9 L . -25.03 -8.63 9.02
C4 7O9 L . -25.62 -9.96 9.39
O4 7O9 L . -26.97 -9.80 9.75
C2 7O9 L . -27.54 -10.95 10.35
C3 7O9 L . -27.34 -12.18 9.46
O3 7O9 L . -27.76 -12.11 8.29
O2 7O9 L . -26.75 -13.15 9.98
C1 7O9 L . -29.04 -10.68 10.56
N1 7O9 L . -29.75 -10.53 9.25
O1 7O9 L . -28.61 -9.32 12.44
O 7O9 L . -29.91 -8.49 10.86
CAA Y01 M . -23.09 -19.27 32.88
CBA Y01 M . -22.79 -18.86 31.46
CAB Y01 M . -22.39 -20.07 30.64
CAN Y01 M . -21.70 -17.78 31.41
CAJ Y01 M . -21.91 -16.63 32.37
CAO Y01 M . -21.03 -15.44 32.05
CBB Y01 M . -21.06 -14.34 33.12
CAC Y01 M . -20.29 -14.81 34.35
CBE Y01 M . -20.58 -12.99 32.54
CAP Y01 M . -21.21 -12.69 31.14
CAQ Y01 M . -21.68 -11.23 31.16
CBG Y01 M . -20.74 -10.63 32.20
CBI Y01 M . -20.77 -11.66 33.34
CAE Y01 M . -22.14 -11.66 34.05
CAU Y01 M . -19.64 -11.27 34.30
CAS Y01 M . -19.76 -9.83 34.79
CBF Y01 M . -19.83 -8.81 33.64
CBD Y01 M . -20.95 -9.18 32.65
CAK Y01 M . -20.95 -8.24 31.45
CAI Y01 M . -20.71 -6.82 31.83
CAZ Y01 M . -20.21 -6.40 32.98
CAV Y01 M . -19.93 -4.93 33.21
CBH Y01 M . -19.86 -7.35 34.12
CAD Y01 M . -20.90 -7.13 35.24
CAT Y01 M . -18.45 -6.99 34.65
CAR Y01 M . -18.21 -5.51 34.90
CBC Y01 M . -18.50 -4.70 33.66
OAW Y01 M . -18.23 -3.28 33.85
CAY Y01 M . -18.66 -2.60 34.94
OAG Y01 M . -19.71 -2.77 35.50
CAM Y01 M . -17.64 -1.61 35.40
CAL Y01 M . -17.25 -0.53 34.42
CAX Y01 M . -16.42 0.58 35.04
OAH Y01 M . -15.23 0.67 34.72
OAF Y01 M . -16.99 1.36 35.85
O12 PC1 N . -14.94 5.80 27.39
P PC1 N . -13.76 5.24 26.71
O14 PC1 N . -12.96 6.12 25.83
O13 PC1 N . -12.82 4.60 27.83
O11 PC1 N . -14.26 3.97 25.88
C1 PC1 N . -13.39 3.35 24.90
C2 PC1 N . -13.53 1.86 24.97
O21 PC1 N . -13.85 1.37 23.63
C21 PC1 N . -13.06 0.39 23.17
O22 PC1 N . -12.24 -0.17 23.83
C22 PC1 N . -13.34 0.11 21.72
C23 PC1 N . -13.69 -1.35 21.44
C24 PC1 N . -12.52 -2.29 21.41
C25 PC1 N . -12.96 -3.73 21.25
C26 PC1 N . -11.86 -4.77 21.27
C27 PC1 N . -12.42 -6.18 21.07
C28 PC1 N . -11.39 -7.28 21.12
C29 PC1 N . -11.99 -8.67 20.96
C2A PC1 N . -10.97 -9.80 21.04
C2B PC1 N . -11.59 -11.18 21.06
C3 PC1 N . -14.61 1.41 25.93
O31 PC1 N . -14.51 -0.02 26.16
C31 PC1 N . -13.78 -0.41 27.21
O32 PC1 N . -13.16 0.32 27.92
C32 PC1 N . -13.87 -1.90 27.41
C33 PC1 N . -12.96 -2.70 26.49
C34 PC1 N . -13.71 -3.53 25.45
C35 PC1 N . -13.62 -5.05 25.66
C36 PC1 N . -14.22 -5.51 26.97
C37 PC1 N . -14.48 -7.01 27.05
C38 PC1 N . -13.25 -7.85 27.29
C39 PC1 N . -13.55 -9.33 27.47
O21 PC1 O . -9.20 4.03 28.73
C21 PC1 O . -8.59 4.79 27.82
O22 PC1 O . -8.87 5.94 27.62
C22 PC1 O . -7.50 4.05 27.11
C23 PC1 O . -7.92 2.66 26.64
C24 PC1 O . -9.10 2.68 25.70
C25 PC1 O . -9.18 1.47 24.79
C26 PC1 O . -9.06 0.15 25.53
C27 PC1 O . -9.03 -1.05 24.60
C28 PC1 O . -8.84 -2.35 25.32
C29 PC1 O . -8.64 -3.55 24.40
C2A PC1 O . -8.34 -4.84 25.15
C2B PC1 O . -8.14 -6.05 24.26
C2C PC1 O . -7.83 -7.32 25.01
C2D PC1 O . -7.60 -8.52 24.11
C2E PC1 O . -7.21 -9.79 24.86
C2F PC1 O . -8.28 -10.31 25.80
O21 PC1 P . -3.03 6.43 23.45
C21 PC1 P . -4.01 5.81 23.78
O22 PC1 P . -4.34 5.54 25.05
C22 PC1 P . -5.00 5.23 22.83
C23 PC1 P . -5.47 3.84 23.23
C24 PC1 P . -4.38 2.81 23.15
C25 PC1 P . -4.87 1.39 23.26
C26 PC1 P . -3.77 0.36 23.28
C27 PC1 P . -4.27 -1.04 23.07
C28 PC1 P . -3.17 -2.06 22.99
C29 PC1 P . -3.60 -3.40 22.43
C2A PC1 P . -2.45 -4.33 22.15
C2B PC1 P . -2.83 -5.60 21.45
C2C PC1 P . -3.76 -6.49 22.24
C2D PC1 P . -4.07 -7.81 21.58
C1 PC1 Q . -14.60 -33.24 23.14
C2 PC1 Q . -14.23 -31.85 23.61
O21 PC1 Q . -15.44 -31.25 24.16
C3 PC1 Q . -13.77 -30.99 22.47
O31 PC1 Q . -13.79 -29.62 22.93
C31 PC1 Q . -13.00 -28.74 22.31
O32 PC1 Q . -12.28 -29.03 21.40
C32 PC1 Q . -13.15 -27.37 22.90
C33 PC1 Q . -12.44 -26.28 22.12
C34 PC1 Q . -12.76 -24.91 22.67
C35 PC1 Q . -11.96 -23.78 22.05
C36 PC1 Q . -12.33 -22.41 22.58
C37 PC1 Q . -11.36 -21.31 22.21
C38 PC1 Q . -11.77 -19.95 22.70
C39 PC1 Q . -10.69 -18.91 22.50
C3A PC1 Q . -11.11 -17.48 22.83
C3B PC1 Q . -10.03 -16.45 22.56
C3C PC1 Q . -10.45 -15.02 22.81
O12 PC1 R . 5.27 10.05 29.43
P PC1 R . 3.86 10.48 29.55
O14 PC1 R . 3.53 11.61 30.45
O13 PC1 R . 3.36 10.81 28.08
O11 PC1 R . 3.02 9.20 30.02
C1 PC1 R . 1.84 8.79 29.29
C2 PC1 R . 1.81 7.29 29.24
O21 PC1 R . 0.85 6.87 28.23
C21 PC1 R . 1.28 6.76 26.97
O22 PC1 R . 2.41 6.98 26.62
C22 PC1 R . 0.17 6.32 26.05
C23 PC1 R . 0.07 4.80 25.95
C24 PC1 R . -1.08 4.23 26.74
C25 PC1 R . -1.10 2.71 26.79
C26 PC1 R . -0.09 2.13 27.76
C27 PC1 R . -0.08 0.62 27.79
C28 PC1 R . 0.41 0.02 26.50
C29 PC1 R . 0.52 -1.50 26.50
C2A PC1 R . 1.30 -1.99 25.30
C2B PC1 R . 1.17 -3.45 24.98
C2C PC1 R . 1.60 -3.76 23.57
C2D PC1 R . 0.97 -2.83 22.55
C2E PC1 R . 1.33 -3.09 21.12
C2F PC1 R . 0.97 -1.92 20.24
C2G PC1 R . 1.28 -2.13 18.78
C2H PC1 R . 0.40 -3.14 18.16
C2I PC1 R . 0.27 -2.95 16.68
C3 PC1 R . 1.41 6.72 30.57
O31 PC1 R . 1.82 5.33 30.66
C31 PC1 R . 1.69 4.75 31.86
O32 PC1 R . 1.24 5.30 32.82
C32 PC1 R . 2.17 3.32 31.84
C33 PC1 R . 3.68 3.18 31.87
C34 PC1 R . 4.16 1.89 32.52
C35 PC1 R . 5.64 1.60 32.30
C36 PC1 R . 6.29 0.66 33.31
C37 PC1 R . 5.61 -0.70 33.45
C38 PC1 R . 5.51 -1.52 32.18
C39 PC1 R . 4.63 -2.74 32.30
C3A PC1 R . 4.15 -3.31 30.98
C3B PC1 R . 3.07 -4.37 31.12
C3C PC1 R . 2.58 -4.95 29.81
C 7O9 S . 18.13 15.85 22.14
F2 7O9 S . 12.33 7.24 11.16
C13 7O9 S . 12.30 8.55 11.04
F 7O9 S . 11.21 8.82 10.36
F1 7O9 S . 13.31 8.87 10.27
C12 7O9 S . 12.33 9.22 12.37
C11 7O9 S . 11.16 9.42 13.05
C10 7O9 S . 11.18 10.06 14.29
C14 7O9 S . 13.53 9.66 12.89
C15 7O9 S . 13.55 10.29 14.13
C9 7O9 S . 12.38 10.50 14.82
C8 7O9 S . 12.37 11.18 16.14
O5 7O9 S . 11.32 11.35 16.75
N 7O9 S . 13.58 11.58 16.58
C7 7O9 S . 13.90 12.31 17.75
C6 7O9 S . 15.15 12.09 18.30
C16 7O9 S . 13.06 13.26 18.34
C17 7O9 S . 13.48 13.93 19.47
C18 7O9 S . 14.71 13.68 20.01
C5 7O9 S . 15.56 12.77 19.43
C4 7O9 S . 16.92 12.51 20.03
O4 7O9 S . 17.19 13.49 21.02
C2 7O9 S . 18.53 13.48 21.47
C3 7O9 S . 18.94 12.08 21.93
O3 7O9 S . 18.23 11.55 22.81
O2 7O9 S . 19.93 11.56 21.39
C1 7O9 S . 18.64 14.49 22.62
N1 7O9 S . 17.84 14.05 23.79
O1 7O9 S . 18.66 16.32 21.11
O 7O9 S . 17.22 16.38 22.80
CAA Y01 T . 38.05 21.26 9.01
CBA Y01 T . 36.83 20.42 9.31
CAB Y01 T . 37.23 18.99 9.57
CAN Y01 T . 35.80 20.51 8.17
CAJ Y01 T . 35.50 21.89 7.69
CAO Y01 T . 34.25 21.98 6.84
CBB Y01 T . 34.03 23.34 6.16
CAC Y01 T . 35.05 23.49 5.03
CBE Y01 T . 32.56 23.52 5.74
CAP Y01 T . 31.57 23.07 6.86
CAQ Y01 T . 30.50 24.17 6.97
CBG Y01 T . 30.52 24.76 5.57
CBI Y01 T . 32.03 24.91 5.28
CAE Y01 T . 32.64 26.03 6.14
CAU Y01 T . 32.14 25.23 3.78
CAS Y01 T . 31.32 26.46 3.39
CBF Y01 T . 29.83 26.32 3.76
CBD Y01 T . 29.68 26.00 5.27
CAK Y01 T . 28.22 25.76 5.61
CAI Y01 T . 27.29 26.73 4.96
CAZ Y01 T . 27.59 27.49 3.92
CAV Y01 T . 26.55 28.37 3.28
CBH Y01 T . 28.98 27.52 3.28
CAD Y01 T . 29.63 28.88 3.63
CAT Y01 T . 28.82 27.40 1.75
CAR Y01 T . 27.78 28.32 1.14
CBC Y01 T . 26.44 28.11 1.79
OAW Y01 T . 25.40 28.95 1.18
CAY Y01 T . 25.59 30.26 0.92
OAG Y01 T . 26.19 31.04 1.63
CAM Y01 T . 24.95 30.66 -0.36
CAL Y01 T . 23.45 30.48 -0.46
CAX Y01 T . 22.84 31.14 -1.68
OAH Y01 T . 22.41 30.41 -2.61
OAF Y01 T . 22.79 32.38 -1.71
O12 PC1 U . 13.92 28.47 -0.53
P PC1 U . 13.79 27.13 -1.14
O14 PC1 U . 12.45 26.69 -1.60
O13 PC1 U . 14.84 27.04 -2.33
O11 PC1 U . 14.34 26.08 -0.08
C1 PC1 U . 14.12 24.66 -0.26
C2 PC1 U . 15.36 23.90 0.13
O21 PC1 U . 14.99 22.88 1.10
C21 PC1 U . 15.37 21.63 0.83
O22 PC1 U . 16.09 21.35 -0.08
C22 PC1 U . 14.75 20.65 1.77
C23 PC1 U . 15.77 19.79 2.50
C24 PC1 U . 16.34 18.65 1.67
C25 PC1 U . 17.43 17.91 2.42
C26 PC1 U . 18.11 16.79 1.67
C27 PC1 U . 19.18 16.11 2.51
C28 PC1 U . 19.93 15.00 1.81
C29 PC1 U . 21.01 14.36 2.68
C2A PC1 U . 21.81 13.28 1.98
C2B PC1 U . 22.99 12.76 2.78
C3 PC1 U . 16.44 24.78 0.72
O31 PC1 U . 17.69 24.05 0.80
C31 PC1 U . 18.54 24.16 -0.22
O32 PC1 U . 18.29 24.75 -1.23
C32 PC1 U . 19.84 23.45 0.06
C33 PC1 U . 19.79 21.95 -0.16
C34 PC1 U . 19.92 21.14 1.13
C35 PC1 U . 21.22 20.35 1.25
C36 PC1 U . 22.47 21.22 1.27
C37 PC1 U . 23.72 20.52 1.75
C38 PC1 U . 24.36 19.60 0.74
C39 PC1 U . 25.66 18.99 1.22
O21 PC1 V . 15.34 25.57 -5.78
C21 PC1 V . 14.10 25.13 -6.05
O22 PC1 V . 13.11 25.81 -5.93
C22 PC1 V . 14.11 23.71 -6.52
C23 PC1 V . 14.97 22.79 -5.67
C24 PC1 V . 14.55 22.74 -4.22
C25 PC1 V . 14.96 21.48 -3.50
C26 PC1 V . 16.43 21.14 -3.67
C27 PC1 V . 16.80 19.81 -3.04
C28 PC1 V . 18.25 19.42 -3.28
C29 PC1 V . 18.59 18.03 -2.80
C2A PC1 V . 20.02 17.62 -3.14
C2B PC1 V . 20.41 16.23 -2.68
C2C PC1 V . 21.81 15.83 -3.04
C2D PC1 V . 22.20 14.43 -2.59
C2E PC1 V . 23.58 13.98 -3.02
C2F PC1 V . 24.70 14.81 -2.42
O21 PC1 W . 9.43 20.58 -9.21
C21 PC1 W . 10.24 20.89 -8.39
O22 PC1 W . 11.26 21.73 -8.63
C22 PC1 W . 10.26 20.40 -6.98
C23 PC1 W . 11.65 20.07 -6.47
C24 PC1 W . 12.27 18.90 -7.19
C25 PC1 W . 13.52 18.38 -6.52
C26 PC1 W . 14.19 17.26 -7.28
C27 PC1 W . 15.23 16.54 -6.48
C28 PC1 W . 15.83 15.37 -7.20
C29 PC1 W . 16.61 14.43 -6.31
C2A PC1 W . 17.01 13.15 -7.01
C2B PC1 W . 17.64 12.11 -6.09
C2C PC1 W . 18.94 12.57 -5.47
C2D PC1 W . 19.62 11.50 -4.64
C1 PC1 X . 41.98 2.64 8.81
C2 PC1 X . 41.13 3.58 8.00
O21 PC1 X . 41.15 4.87 8.68
C3 PC1 X . 39.70 3.13 7.95
O31 PC1 X . 38.92 4.24 7.49
C31 PC1 X . 37.74 3.97 6.91
O32 PC1 X . 37.31 2.86 6.76
C32 PC1 X . 37.03 5.23 6.51
C33 PC1 X . 35.61 5.03 6.02
C34 PC1 X . 34.91 6.34 5.79
C35 PC1 X . 33.54 6.21 5.14
C36 PC1 X . 32.84 7.54 4.96
C37 PC1 X . 31.61 7.48 4.07
C38 PC1 X . 30.89 8.79 3.92
C39 PC1 X . 29.80 8.76 2.87
C3A PC1 X . 28.94 10.01 2.82
C3B PC1 X . 27.82 9.92 1.80
C3C PC1 X . 26.91 11.12 1.75
#